data_6N90
# 
_entry.id   6N90 
# 
_audit_conform.dict_name       mmcif_pdbx.dic 
_audit_conform.dict_version    5.379 
_audit_conform.dict_location   http://mmcif.pdb.org/dictionaries/ascii/mmcif_pdbx.dic 
# 
loop_
_database_2.database_id 
_database_2.database_code 
_database_2.pdbx_database_accession 
_database_2.pdbx_DOI 
PDB   6N90         pdb_00006n90 10.2210/pdb6n90/pdb 
WWPDB D_1000238364 ?            ?                   
# 
_pdbx_database_status.status_code                     REL 
_pdbx_database_status.status_code_sf                  REL 
_pdbx_database_status.status_code_mr                  ? 
_pdbx_database_status.entry_id                        6N90 
_pdbx_database_status.recvd_initial_deposition_date   2018-11-30 
_pdbx_database_status.SG_entry                        N 
_pdbx_database_status.deposit_site                    RCSB 
_pdbx_database_status.process_site                    RCSB 
_pdbx_database_status.status_code_cs                  ? 
_pdbx_database_status.methods_development_category    ? 
_pdbx_database_status.pdb_format_compatible           Y 
_pdbx_database_status.status_code_nmr_data            ? 
# 
loop_
_audit_author.name 
_audit_author.pdbx_ordinal 
_audit_author.identifier_ORCID 
'Bourne, C.R.' 1 0000-0001-6192-3392 
'Reddem, E.R.' 2 0000-0002-2939-5910 
# 
loop_
_citation.abstract 
_citation.abstract_id_CAS 
_citation.book_id_ISBN 
_citation.book_publisher 
_citation.book_publisher_city 
_citation.book_title 
_citation.coordinate_linkage 
_citation.country 
_citation.database_id_Medline 
_citation.details 
_citation.id 
_citation.journal_abbrev 
_citation.journal_id_ASTM 
_citation.journal_id_CSD 
_citation.journal_id_ISSN 
_citation.journal_full 
_citation.journal_issue 
_citation.journal_volume 
_citation.language 
_citation.page_first 
_citation.page_last 
_citation.title 
_citation.year 
_citation.database_id_CSD 
_citation.pdbx_database_id_DOI 
_citation.pdbx_database_id_PubMed 
_citation.unpublished_flag 
? ? ? ? ? ? ? CH ? ? primary 'Front Microbiol' ? ? 1664-302X ? ? 11 ? 959 959 
'Identifying a Molecular Mechanism That Imparts Species-Specific Toxicity to YoeB Toxins.' 2020 ? 10.3389/fmicb.2020.00959 
32528435 ? 
? ? ? ? ? ? ? US ? ? 1       Biorxiv           ? ? 2692-8205 ? ? ?  ? ?   ?   'YoeB/ParE toxin from Agrobacterium tumefaciens' 
2019 ? 10.1101/795211           ?        ? 
# 
loop_
_citation_author.citation_id 
_citation_author.name 
_citation_author.ordinal 
_citation_author.identifier_ORCID 
primary 'Ames, J.R.'    1  ?                   
primary 'McGillick, J.' 2  ?                   
primary 'Murphy, T.'    3  ?                   
primary 'Reddem, E.'    4  ?                   
primary 'Bourne, C.R.'  5  ?                   
1       'McGillick, J.' 6  ?                   
1       'Ames, J.R.'    7  0000-0003-4704-9760 
1       'Murphy, T.'    8  ?                   
1       'Reddem, E.'    9  0000-0002-2939-5910 
1       'Bourne, C.R.'  10 0000-0001-6192-3392 
# 
_cell.angle_alpha                  90.000 
_cell.angle_alpha_esd              ? 
_cell.angle_beta                   92.910 
_cell.angle_beta_esd               ? 
_cell.angle_gamma                  90.000 
_cell.angle_gamma_esd              ? 
_cell.entry_id                     6N90 
_cell.details                      ? 
_cell.formula_units_Z              ? 
_cell.length_a                     30.955 
_cell.length_a_esd                 ? 
_cell.length_b                     77.739 
_cell.length_b_esd                 ? 
_cell.length_c                     36.350 
_cell.length_c_esd                 ? 
_cell.volume                       ? 
_cell.volume_esd                   ? 
_cell.Z_PDB                        4 
_cell.reciprocal_angle_alpha       ? 
_cell.reciprocal_angle_beta        ? 
_cell.reciprocal_angle_gamma       ? 
_cell.reciprocal_angle_alpha_esd   ? 
_cell.reciprocal_angle_beta_esd    ? 
_cell.reciprocal_angle_gamma_esd   ? 
_cell.reciprocal_length_a          ? 
_cell.reciprocal_length_b          ? 
_cell.reciprocal_length_c          ? 
_cell.reciprocal_length_a_esd      ? 
_cell.reciprocal_length_b_esd      ? 
_cell.reciprocal_length_c_esd      ? 
_cell.pdbx_unique_axis             ? 
# 
_symmetry.entry_id                         6N90 
_symmetry.cell_setting                     ? 
_symmetry.Int_Tables_number                4 
_symmetry.space_group_name_Hall            ? 
_symmetry.space_group_name_H-M             'P 1 21 1' 
_symmetry.pdbx_full_space_group_name_H-M   ? 
# 
loop_
_entity.id 
_entity.type 
_entity.src_method 
_entity.pdbx_description 
_entity.formula_weight 
_entity.pdbx_number_of_molecules 
_entity.pdbx_ec 
_entity.pdbx_mutation 
_entity.pdbx_fragment 
_entity.details 
1 polymer     man 'Uncharacterized protein' 11358.969 2   ? ? ? ? 
2 non-polymer syn '6-tungstotellurate(VI)'  1614.626  1   ? ? ? ? 
3 water       nat water                     18.015    121 ? ? ? ? 
# 
_entity_poly.entity_id                      1 
_entity_poly.type                           'polypeptide(L)' 
_entity_poly.nstd_linkage                   no 
_entity_poly.nstd_monomer                   no 
_entity_poly.pdbx_seq_one_letter_code       
;MKLVWTLSSWDDYEFWQRTDARMVEKINDLIRNAKRTPFAGLGKPEPLKGDMAGYWSRRITAEHRFVYRVSGSGSEQRLE
VIQCRFHYQLEVLFQ
;
_entity_poly.pdbx_seq_one_letter_code_can   
;MKLVWTLSSWDDYEFWQRTDARMVEKINDLIRNAKRTPFAGLGKPEPLKGDMAGYWSRRITAEHRFVYRVSGSGSEQRLE
VIQCRFHYQLEVLFQ
;
_entity_poly.pdbx_strand_id                 A,B 
_entity_poly.pdbx_target_identifier         ? 
# 
loop_
_entity_poly_seq.entity_id 
_entity_poly_seq.num 
_entity_poly_seq.mon_id 
_entity_poly_seq.hetero 
1 1  MET n 
1 2  LYS n 
1 3  LEU n 
1 4  VAL n 
1 5  TRP n 
1 6  THR n 
1 7  LEU n 
1 8  SER n 
1 9  SER n 
1 10 TRP n 
1 11 ASP n 
1 12 ASP n 
1 13 TYR n 
1 14 GLU n 
1 15 PHE n 
1 16 TRP n 
1 17 GLN n 
1 18 ARG n 
1 19 THR n 
1 20 ASP n 
1 21 ALA n 
1 22 ARG n 
1 23 MET n 
1 24 VAL n 
1 25 GLU n 
1 26 LYS n 
1 27 ILE n 
1 28 ASN n 
1 29 ASP n 
1 30 LEU n 
1 31 ILE n 
1 32 ARG n 
1 33 ASN n 
1 34 ALA n 
1 35 LYS n 
1 36 ARG n 
1 37 THR n 
1 38 PRO n 
1 39 PHE n 
1 40 ALA n 
1 41 GLY n 
1 42 LEU n 
1 43 GLY n 
1 44 LYS n 
1 45 PRO n 
1 46 GLU n 
1 47 PRO n 
1 48 LEU n 
1 49 LYS n 
1 50 GLY n 
1 51 ASP n 
1 52 MET n 
1 53 ALA n 
1 54 GLY n 
1 55 TYR n 
1 56 TRP n 
1 57 SER n 
1 58 ARG n 
1 59 ARG n 
1 60 ILE n 
1 61 THR n 
1 62 ALA n 
1 63 GLU n 
1 64 HIS n 
1 65 ARG n 
1 66 PHE n 
1 67 VAL n 
1 68 TYR n 
1 69 ARG n 
1 70 VAL n 
1 71 SER n 
1 72 GLY n 
1 73 SER n 
1 74 GLY n 
1 75 SER n 
1 76 GLU n 
1 77 GLN n 
1 78 ARG n 
1 79 LEU n 
1 80 GLU n 
1 81 VAL n 
1 82 ILE n 
1 83 GLN n 
1 84 CYS n 
1 85 ARG n 
1 86 PHE n 
1 87 HIS n 
1 88 TYR n 
1 89 GLN n 
1 90 LEU n 
1 91 GLU n 
1 92 VAL n 
1 93 LEU n 
1 94 PHE n 
1 95 GLN n 
# 
_entity_src_gen.entity_id                          1 
_entity_src_gen.pdbx_src_id                        1 
_entity_src_gen.pdbx_alt_source_flag               sample 
_entity_src_gen.pdbx_seq_type                      'Biological sequence' 
_entity_src_gen.pdbx_beg_seq_num                   1 
_entity_src_gen.pdbx_end_seq_num                   95 
_entity_src_gen.gene_src_common_name               ? 
_entity_src_gen.gene_src_genus                     ? 
_entity_src_gen.pdbx_gene_src_gene                 Atu2017 
_entity_src_gen.gene_src_species                   ? 
_entity_src_gen.gene_src_strain                    C58 
_entity_src_gen.gene_src_tissue                    ? 
_entity_src_gen.gene_src_tissue_fraction           ? 
_entity_src_gen.gene_src_details                   ? 
_entity_src_gen.pdbx_gene_src_fragment             ? 
_entity_src_gen.pdbx_gene_src_scientific_name      'Agrobacterium tumefaciens' 
_entity_src_gen.pdbx_gene_src_ncbi_taxonomy_id     358 
_entity_src_gen.pdbx_gene_src_variant              ? 
_entity_src_gen.pdbx_gene_src_cell_line            ? 
_entity_src_gen.pdbx_gene_src_atcc                 ? 
_entity_src_gen.pdbx_gene_src_organ                ? 
_entity_src_gen.pdbx_gene_src_organelle            ? 
_entity_src_gen.pdbx_gene_src_cell                 ? 
_entity_src_gen.pdbx_gene_src_cellular_location    ? 
_entity_src_gen.host_org_common_name               ? 
_entity_src_gen.pdbx_host_org_scientific_name      'Escherichia coli BL21(DE3)' 
_entity_src_gen.pdbx_host_org_ncbi_taxonomy_id     469008 
_entity_src_gen.host_org_genus                     ? 
_entity_src_gen.pdbx_host_org_gene                 ? 
_entity_src_gen.pdbx_host_org_organ                ? 
_entity_src_gen.host_org_species                   ? 
_entity_src_gen.pdbx_host_org_tissue               ? 
_entity_src_gen.pdbx_host_org_tissue_fraction      ? 
_entity_src_gen.pdbx_host_org_strain               'BL21(DE3)' 
_entity_src_gen.pdbx_host_org_variant              ? 
_entity_src_gen.pdbx_host_org_cell_line            ? 
_entity_src_gen.pdbx_host_org_atcc                 ? 
_entity_src_gen.pdbx_host_org_culture_collection   ? 
_entity_src_gen.pdbx_host_org_cell                 ? 
_entity_src_gen.pdbx_host_org_organelle            ? 
_entity_src_gen.pdbx_host_org_cellular_location    ? 
_entity_src_gen.pdbx_host_org_vector_type          plasmid 
_entity_src_gen.pdbx_host_org_vector               ? 
_entity_src_gen.host_org_details                   modified 
_entity_src_gen.expression_system_id               ? 
_entity_src_gen.plasmid_name                       pET28 
_entity_src_gen.plasmid_details                    ? 
_entity_src_gen.pdbx_description                   ? 
# 
_struct_ref.id                         1 
_struct_ref.db_name                    UNP 
_struct_ref.db_code                    A9CID9_AGRFC 
_struct_ref.pdbx_db_accession          A9CID9 
_struct_ref.pdbx_db_isoform            ? 
_struct_ref.entity_id                  1 
_struct_ref.pdbx_seq_one_letter_code   
;MKLVWTLSSWDDYEFWQRTDARMVEKINDLIRNAKRTPFAGLGKPEPLKGDMAGYWSRRITAEHRFVYRVSGSGSEQRLE
VIQCRFHYQ
;
_struct_ref.pdbx_align_begin           1 
# 
loop_
_struct_ref_seq.align_id 
_struct_ref_seq.ref_id 
_struct_ref_seq.pdbx_PDB_id_code 
_struct_ref_seq.pdbx_strand_id 
_struct_ref_seq.seq_align_beg 
_struct_ref_seq.pdbx_seq_align_beg_ins_code 
_struct_ref_seq.seq_align_end 
_struct_ref_seq.pdbx_seq_align_end_ins_code 
_struct_ref_seq.pdbx_db_accession 
_struct_ref_seq.db_align_beg 
_struct_ref_seq.pdbx_db_align_beg_ins_code 
_struct_ref_seq.db_align_end 
_struct_ref_seq.pdbx_db_align_end_ins_code 
_struct_ref_seq.pdbx_auth_seq_align_beg 
_struct_ref_seq.pdbx_auth_seq_align_end 
1 1 6N90 A 1 ? 89 ? A9CID9 1 ? 89 ? 1 89 
2 1 6N90 B 1 ? 89 ? A9CID9 1 ? 89 ? 1 89 
# 
loop_
_struct_ref_seq_dif.align_id 
_struct_ref_seq_dif.pdbx_pdb_id_code 
_struct_ref_seq_dif.mon_id 
_struct_ref_seq_dif.pdbx_pdb_strand_id 
_struct_ref_seq_dif.seq_num 
_struct_ref_seq_dif.pdbx_pdb_ins_code 
_struct_ref_seq_dif.pdbx_seq_db_name 
_struct_ref_seq_dif.pdbx_seq_db_accession_code 
_struct_ref_seq_dif.db_mon_id 
_struct_ref_seq_dif.pdbx_seq_db_seq_num 
_struct_ref_seq_dif.details 
_struct_ref_seq_dif.pdbx_auth_seq_num 
_struct_ref_seq_dif.pdbx_ordinal 
1 6N90 LEU A 90 ? UNP A9CID9 ? ? 'expression tag' 90 1  
1 6N90 GLU A 91 ? UNP A9CID9 ? ? 'expression tag' 91 2  
1 6N90 VAL A 92 ? UNP A9CID9 ? ? 'expression tag' 92 3  
1 6N90 LEU A 93 ? UNP A9CID9 ? ? 'expression tag' 93 4  
1 6N90 PHE A 94 ? UNP A9CID9 ? ? 'expression tag' 94 5  
1 6N90 GLN A 95 ? UNP A9CID9 ? ? 'expression tag' 95 6  
2 6N90 LEU B 90 ? UNP A9CID9 ? ? 'expression tag' 90 7  
2 6N90 GLU B 91 ? UNP A9CID9 ? ? 'expression tag' 91 8  
2 6N90 VAL B 92 ? UNP A9CID9 ? ? 'expression tag' 92 9  
2 6N90 LEU B 93 ? UNP A9CID9 ? ? 'expression tag' 93 10 
2 6N90 PHE B 94 ? UNP A9CID9 ? ? 'expression tag' 94 11 
2 6N90 GLN B 95 ? UNP A9CID9 ? ? 'expression tag' 95 12 
# 
loop_
_chem_comp.id 
_chem_comp.type 
_chem_comp.mon_nstd_flag 
_chem_comp.name 
_chem_comp.pdbx_synonyms 
_chem_comp.formula 
_chem_comp.formula_weight 
ALA 'L-peptide linking' y ALANINE                  ? 'C3 H7 N O2'     89.093   
ARG 'L-peptide linking' y ARGININE                 ? 'C6 H15 N4 O2 1' 175.209  
ASN 'L-peptide linking' y ASPARAGINE               ? 'C4 H8 N2 O3'    132.118  
ASP 'L-peptide linking' y 'ASPARTIC ACID'          ? 'C4 H7 N O4'     133.103  
CYS 'L-peptide linking' y CYSTEINE                 ? 'C3 H7 N O2 S'   121.158  
GLN 'L-peptide linking' y GLUTAMINE                ? 'C5 H10 N2 O3'   146.144  
GLU 'L-peptide linking' y 'GLUTAMIC ACID'          ? 'C5 H9 N O4'     147.129  
GLY 'peptide linking'   y GLYCINE                  ? 'C2 H5 N O2'     75.067   
HIS 'L-peptide linking' y HISTIDINE                ? 'C6 H10 N3 O2 1' 156.162  
HOH non-polymer         . WATER                    ? 'H2 O'           18.015   
ILE 'L-peptide linking' y ISOLEUCINE               ? 'C6 H13 N O2'    131.173  
LEU 'L-peptide linking' y LEUCINE                  ? 'C6 H13 N O2'    131.173  
LYS 'L-peptide linking' y LYSINE                   ? 'C6 H15 N2 O2 1' 147.195  
MET 'L-peptide linking' y METHIONINE               ? 'C5 H11 N O2 S'  149.211  
PHE 'L-peptide linking' y PHENYLALANINE            ? 'C9 H11 N O2'    165.189  
PRO 'L-peptide linking' y PROLINE                  ? 'C5 H9 N O2'     115.130  
SER 'L-peptide linking' y SERINE                   ? 'C3 H7 N O3'     105.093  
TEW non-polymer         . '6-tungstotellurate(VI)' ? 'O24 Te W6 -6'   1614.626 
THR 'L-peptide linking' y THREONINE                ? 'C4 H9 N O3'     119.119  
TRP 'L-peptide linking' y TRYPTOPHAN               ? 'C11 H12 N2 O2'  204.225  
TYR 'L-peptide linking' y TYROSINE                 ? 'C9 H11 N O3'    181.189  
VAL 'L-peptide linking' y VALINE                   ? 'C5 H11 N O2'    117.146  
# 
_exptl.absorpt_coefficient_mu     ? 
_exptl.absorpt_correction_T_max   ? 
_exptl.absorpt_correction_T_min   ? 
_exptl.absorpt_correction_type    ? 
_exptl.absorpt_process_details    ? 
_exptl.entry_id                   6N90 
_exptl.crystals_number            1 
_exptl.details                    ? 
_exptl.method                     'X-RAY DIFFRACTION' 
_exptl.method_details             ? 
# 
_exptl_crystal.colour                      ? 
_exptl_crystal.density_diffrn              ? 
_exptl_crystal.density_Matthews            2.07 
_exptl_crystal.density_method              ? 
_exptl_crystal.density_percent_sol         36.03 
_exptl_crystal.description                 ? 
_exptl_crystal.F_000                       ? 
_exptl_crystal.id                          1 
_exptl_crystal.preparation                 ? 
_exptl_crystal.size_max                    ? 
_exptl_crystal.size_mid                    ? 
_exptl_crystal.size_min                    ? 
_exptl_crystal.size_rad                    ? 
_exptl_crystal.colour_lustre               ? 
_exptl_crystal.colour_modifier             ? 
_exptl_crystal.colour_primary              ? 
_exptl_crystal.density_meas                ? 
_exptl_crystal.density_meas_esd            ? 
_exptl_crystal.density_meas_gt             ? 
_exptl_crystal.density_meas_lt             ? 
_exptl_crystal.density_meas_temp           ? 
_exptl_crystal.density_meas_temp_esd       ? 
_exptl_crystal.density_meas_temp_gt        ? 
_exptl_crystal.density_meas_temp_lt        ? 
_exptl_crystal.pdbx_crystal_image_url      ? 
_exptl_crystal.pdbx_crystal_image_format   ? 
_exptl_crystal.pdbx_mosaicity              ? 
_exptl_crystal.pdbx_mosaicity_esd          ? 
# 
_exptl_crystal_grow.apparatus       ? 
_exptl_crystal_grow.atmosphere      ? 
_exptl_crystal_grow.crystal_id      1 
_exptl_crystal_grow.details         ? 
_exptl_crystal_grow.method          'VAPOR DIFFUSION, SITTING DROP' 
_exptl_crystal_grow.method_ref      ? 
_exptl_crystal_grow.pH              7.5 
_exptl_crystal_grow.pressure        ? 
_exptl_crystal_grow.pressure_esd    ? 
_exptl_crystal_grow.seeding         ? 
_exptl_crystal_grow.seeding_ref     ? 
_exptl_crystal_grow.temp            293 
_exptl_crystal_grow.temp_details    ? 
_exptl_crystal_grow.temp_esd        ? 
_exptl_crystal_grow.time            ? 
_exptl_crystal_grow.pdbx_details    
;0.1 M Hepes pH 7.5, 
5% v/v 2-Methyl-2,4-pentanediol,
10% Polyethylene glycol 6000,
1 mM TEW
;
_exptl_crystal_grow.pdbx_pH_range   ? 
# 
_diffrn.ambient_environment              ? 
_diffrn.ambient_temp                     100 
_diffrn.ambient_temp_details             ? 
_diffrn.ambient_temp_esd                 ? 
_diffrn.crystal_id                       1 
_diffrn.crystal_support                  ? 
_diffrn.crystal_treatment                ? 
_diffrn.details                          ? 
_diffrn.id                               1 
_diffrn.ambient_pressure                 ? 
_diffrn.ambient_pressure_esd             ? 
_diffrn.ambient_pressure_gt              ? 
_diffrn.ambient_pressure_lt              ? 
_diffrn.ambient_temp_gt                  ? 
_diffrn.ambient_temp_lt                  ? 
_diffrn.pdbx_serial_crystal_experiment   N 
# 
_diffrn_detector.details                      ? 
_diffrn_detector.detector                     PIXEL 
_diffrn_detector.diffrn_id                    1 
_diffrn_detector.type                         'DECTRIS EIGER X 16M' 
_diffrn_detector.area_resol_mean              ? 
_diffrn_detector.dtime                        ? 
_diffrn_detector.pdbx_frames_total            ? 
_diffrn_detector.pdbx_collection_time_total   ? 
_diffrn_detector.pdbx_collection_date         2018-06-10 
_diffrn_detector.pdbx_frequency               ? 
# 
_diffrn_radiation.collimation                      ? 
_diffrn_radiation.diffrn_id                        1 
_diffrn_radiation.filter_edge                      ? 
_diffrn_radiation.inhomogeneity                    ? 
_diffrn_radiation.monochromator                    ? 
_diffrn_radiation.polarisn_norm                    ? 
_diffrn_radiation.polarisn_ratio                   ? 
_diffrn_radiation.probe                            ? 
_diffrn_radiation.type                             ? 
_diffrn_radiation.xray_symbol                      ? 
_diffrn_radiation.wavelength_id                    1 
_diffrn_radiation.pdbx_monochromatic_or_laue_m_l   M 
_diffrn_radiation.pdbx_wavelength_list             ? 
_diffrn_radiation.pdbx_wavelength                  ? 
_diffrn_radiation.pdbx_diffrn_protocol             'SINGLE WAVELENGTH' 
_diffrn_radiation.pdbx_analyzer                    ? 
_diffrn_radiation.pdbx_scattering_type             x-ray 
# 
_diffrn_radiation_wavelength.id           1 
_diffrn_radiation_wavelength.wavelength   1.0 
_diffrn_radiation_wavelength.wt           1.0 
# 
_diffrn_source.current                     ? 
_diffrn_source.details                     ? 
_diffrn_source.diffrn_id                   1 
_diffrn_source.power                       ? 
_diffrn_source.size                        ? 
_diffrn_source.source                      SYNCHROTRON 
_diffrn_source.target                      ? 
_diffrn_source.type                        'SSRL BEAMLINE BL14-1' 
_diffrn_source.voltage                     ? 
_diffrn_source.take-off_angle              ? 
_diffrn_source.pdbx_wavelength_list        1.0 
_diffrn_source.pdbx_wavelength             ? 
_diffrn_source.pdbx_synchrotron_beamline   BL14-1 
_diffrn_source.pdbx_synchrotron_site       SSRL 
# 
_reflns.B_iso_Wilson_estimate            23.900 
_reflns.entry_id                         6N90 
_reflns.data_reduction_details           ? 
_reflns.data_reduction_method            ? 
_reflns.d_resolution_high                1.700 
_reflns.d_resolution_low                 38.870 
_reflns.details                          ? 
_reflns.limit_h_max                      ? 
_reflns.limit_h_min                      ? 
_reflns.limit_k_max                      ? 
_reflns.limit_k_min                      ? 
_reflns.limit_l_max                      ? 
_reflns.limit_l_min                      ? 
_reflns.number_all                       ? 
_reflns.number_obs                       18587 
_reflns.observed_criterion               ? 
_reflns.observed_criterion_F_max         ? 
_reflns.observed_criterion_F_min         ? 
_reflns.observed_criterion_I_max         ? 
_reflns.observed_criterion_I_min         ? 
_reflns.observed_criterion_sigma_F       ? 
_reflns.observed_criterion_sigma_I       ? 
_reflns.percent_possible_obs             97.400 
_reflns.R_free_details                   ? 
_reflns.Rmerge_F_all                     ? 
_reflns.Rmerge_F_obs                     ? 
_reflns.Friedel_coverage                 ? 
_reflns.number_gt                        ? 
_reflns.threshold_expression             ? 
_reflns.pdbx_redundancy                  3.400 
_reflns.pdbx_Rmerge_I_obs                0.077 
_reflns.pdbx_Rmerge_I_all                ? 
_reflns.pdbx_Rsym_value                  ? 
_reflns.pdbx_netI_over_av_sigmaI         ? 
_reflns.pdbx_netI_over_sigmaI            9.400 
_reflns.pdbx_res_netI_over_av_sigmaI_2   ? 
_reflns.pdbx_res_netI_over_sigmaI_2      ? 
_reflns.pdbx_chi_squared                 ? 
_reflns.pdbx_scaling_rejects             ? 
_reflns.pdbx_d_res_high_opt              ? 
_reflns.pdbx_d_res_low_opt               ? 
_reflns.pdbx_d_res_opt_method            ? 
_reflns.phase_calculation_details        ? 
_reflns.pdbx_Rrim_I_all                  0.091 
_reflns.pdbx_Rpim_I_all                  0.049 
_reflns.pdbx_d_opt                       ? 
_reflns.pdbx_number_measured_all         63456 
_reflns.pdbx_diffrn_id                   1 
_reflns.pdbx_ordinal                     1 
_reflns.pdbx_CC_half                     0.995 
_reflns.pdbx_R_split                     ? 
# 
loop_
_reflns_shell.d_res_high 
_reflns_shell.d_res_low 
_reflns_shell.meanI_over_sigI_all 
_reflns_shell.meanI_over_sigI_obs 
_reflns_shell.number_measured_all 
_reflns_shell.number_measured_obs 
_reflns_shell.number_possible 
_reflns_shell.number_unique_all 
_reflns_shell.number_unique_obs 
_reflns_shell.percent_possible_all 
_reflns_shell.percent_possible_obs 
_reflns_shell.Rmerge_F_all 
_reflns_shell.Rmerge_F_obs 
_reflns_shell.Rmerge_I_all 
_reflns_shell.Rmerge_I_obs 
_reflns_shell.meanI_over_sigI_gt 
_reflns_shell.meanI_over_uI_all 
_reflns_shell.meanI_over_uI_gt 
_reflns_shell.number_measured_gt 
_reflns_shell.number_unique_gt 
_reflns_shell.percent_possible_gt 
_reflns_shell.Rmerge_F_gt 
_reflns_shell.Rmerge_I_gt 
_reflns_shell.pdbx_redundancy 
_reflns_shell.pdbx_Rsym_value 
_reflns_shell.pdbx_chi_squared 
_reflns_shell.pdbx_netI_over_sigmaI_all 
_reflns_shell.pdbx_netI_over_sigmaI_obs 
_reflns_shell.pdbx_Rrim_I_all 
_reflns_shell.pdbx_Rpim_I_all 
_reflns_shell.pdbx_rejects 
_reflns_shell.pdbx_ordinal 
_reflns_shell.pdbx_diffrn_id 
_reflns_shell.pdbx_CC_half 
_reflns_shell.pdbx_R_split 
1.700 1.730 ? ? ? ? ? ? 955 92.300 ? ? ? ? 0.600 ? ? ? ? ? ? ? ? 3.300 ? ? ? ? 0.712 0.379 ? 1 1 0.721 ? 
1.75  1.81  ? ? ? ? ? ? 140 98.800 ? ? ? ? 0.056 ? ? ? ? ? ? ? ? 3.200 ? ? ? ? 0.067 0.036 ? 2 1 0.990 ? 
# 
_refine.aniso_B[1][1]                            ? 
_refine.aniso_B[1][2]                            ? 
_refine.aniso_B[1][3]                            ? 
_refine.aniso_B[2][2]                            ? 
_refine.aniso_B[2][3]                            ? 
_refine.aniso_B[3][3]                            ? 
_refine.B_iso_max                                63.480 
_refine.B_iso_mean                               28.1072 
_refine.B_iso_min                                13.710 
_refine.correlation_coeff_Fo_to_Fc               ? 
_refine.correlation_coeff_Fo_to_Fc_free          ? 
_refine.details                                  ? 
_refine.diff_density_max                         ? 
_refine.diff_density_max_esd                     ? 
_refine.diff_density_min                         ? 
_refine.diff_density_min_esd                     ? 
_refine.diff_density_rms                         ? 
_refine.diff_density_rms_esd                     ? 
_refine.entry_id                                 6N90 
_refine.pdbx_refine_id                           'X-RAY DIFFRACTION' 
_refine.ls_abs_structure_details                 ? 
_refine.ls_abs_structure_Flack                   ? 
_refine.ls_abs_structure_Flack_esd               ? 
_refine.ls_abs_structure_Rogers                  ? 
_refine.ls_abs_structure_Rogers_esd              ? 
_refine.ls_d_res_high                            1.7550 
_refine.ls_d_res_low                             38.8700 
_refine.ls_extinction_coef                       ? 
_refine.ls_extinction_coef_esd                   ? 
_refine.ls_extinction_expression                 ? 
_refine.ls_extinction_method                     ? 
_refine.ls_goodness_of_fit_all                   ? 
_refine.ls_goodness_of_fit_all_esd               ? 
_refine.ls_goodness_of_fit_obs                   ? 
_refine.ls_goodness_of_fit_obs_esd               ? 
_refine.ls_hydrogen_treatment                    ? 
_refine.ls_matrix_type                           ? 
_refine.ls_number_constraints                    ? 
_refine.ls_number_parameters                     ? 
_refine.ls_number_reflns_all                     ? 
_refine.ls_number_reflns_obs                     16748 
_refine.ls_number_reflns_R_free                  1685 
_refine.ls_number_reflns_R_work                  15063 
_refine.ls_number_restraints                     ? 
_refine.ls_percent_reflns_obs                    97.3200 
_refine.ls_percent_reflns_R_free                 10.0600 
_refine.ls_R_factor_all                          ? 
_refine.ls_R_factor_obs                          0.2213 
_refine.ls_R_factor_R_free                       0.2464 
_refine.ls_R_factor_R_free_error                 ? 
_refine.ls_R_factor_R_free_error_details         ? 
_refine.ls_R_factor_R_work                       0.2183 
_refine.ls_R_Fsqd_factor_obs                     ? 
_refine.ls_R_I_factor_obs                        ? 
_refine.ls_redundancy_reflns_all                 ? 
_refine.ls_redundancy_reflns_obs                 ? 
_refine.ls_restrained_S_all                      ? 
_refine.ls_restrained_S_obs                      ? 
_refine.ls_shift_over_esd_max                    ? 
_refine.ls_shift_over_esd_mean                   ? 
_refine.ls_structure_factor_coef                 ? 
_refine.ls_weighting_details                     ? 
_refine.ls_weighting_scheme                      ? 
_refine.ls_wR_factor_all                         ? 
_refine.ls_wR_factor_obs                         ? 
_refine.ls_wR_factor_R_free                      ? 
_refine.ls_wR_factor_R_work                      ? 
_refine.occupancy_max                            ? 
_refine.occupancy_min                            ? 
_refine.solvent_model_details                    'FLAT BULK SOLVENT MODEL' 
_refine.solvent_model_param_bsol                 ? 
_refine.solvent_model_param_ksol                 ? 
_refine.ls_R_factor_gt                           ? 
_refine.ls_goodness_of_fit_gt                    ? 
_refine.ls_goodness_of_fit_ref                   ? 
_refine.ls_shift_over_su_max                     ? 
_refine.ls_shift_over_su_max_lt                  ? 
_refine.ls_shift_over_su_mean                    ? 
_refine.ls_shift_over_su_mean_lt                 ? 
_refine.pdbx_ls_sigma_I                          ? 
_refine.pdbx_ls_sigma_F                          1.340 
_refine.pdbx_ls_sigma_Fsqd                       ? 
_refine.pdbx_data_cutoff_high_absF               ? 
_refine.pdbx_data_cutoff_high_rms_absF           ? 
_refine.pdbx_data_cutoff_low_absF                ? 
_refine.pdbx_isotropic_thermal_model             ? 
_refine.pdbx_ls_cross_valid_method               THROUGHOUT 
_refine.pdbx_method_to_determine_struct          'MOLECULAR REPLACEMENT' 
_refine.pdbx_starting_model                      2A6Q 
_refine.pdbx_stereochemistry_target_values       ML 
_refine.pdbx_R_Free_selection_details            RANDOM 
_refine.pdbx_stereochem_target_val_spec_case     ? 
_refine.pdbx_overall_ESU_R                       ? 
_refine.pdbx_overall_ESU_R_Free                  ? 
_refine.pdbx_solvent_vdw_probe_radii             1.1100 
_refine.pdbx_solvent_ion_probe_radii             ? 
_refine.pdbx_solvent_shrinkage_radii             0.9000 
_refine.pdbx_real_space_R                        ? 
_refine.pdbx_density_correlation                 ? 
_refine.pdbx_pd_number_of_powder_patterns        ? 
_refine.pdbx_pd_number_of_points                 ? 
_refine.pdbx_pd_meas_number_of_points            ? 
_refine.pdbx_pd_proc_ls_prof_R_factor            ? 
_refine.pdbx_pd_proc_ls_prof_wR_factor           ? 
_refine.pdbx_pd_Marquardt_correlation_coeff      ? 
_refine.pdbx_pd_Fsqrd_R_factor                   ? 
_refine.pdbx_pd_ls_matrix_band_width             ? 
_refine.pdbx_overall_phase_error                 27.3600 
_refine.pdbx_overall_SU_R_free_Cruickshank_DPI   ? 
_refine.pdbx_overall_SU_R_free_Blow_DPI          ? 
_refine.pdbx_overall_SU_R_Blow_DPI               ? 
_refine.pdbx_TLS_residual_ADP_flag               ? 
_refine.pdbx_diffrn_id                           1 
_refine.overall_SU_B                             ? 
_refine.overall_SU_ML                            0.2400 
_refine.overall_SU_R_Cruickshank_DPI             ? 
_refine.overall_SU_R_free                        ? 
_refine.overall_FOM_free_R_set                   ? 
_refine.overall_FOM_work_R_set                   ? 
_refine.pdbx_average_fsc_overall                 ? 
_refine.pdbx_average_fsc_work                    ? 
_refine.pdbx_average_fsc_free                    ? 
# 
_refine_hist.cycle_id                         final 
_refine_hist.pdbx_refine_id                   'X-RAY DIFFRACTION' 
_refine_hist.d_res_high                       1.7550 
_refine_hist.d_res_low                        38.8700 
_refine_hist.pdbx_number_atoms_ligand         31 
_refine_hist.number_atoms_solvent             122 
_refine_hist.number_atoms_total               1583 
_refine_hist.pdbx_number_residues_total       174 
_refine_hist.pdbx_B_iso_mean_ligand           29.67 
_refine_hist.pdbx_B_iso_mean_solvent          28.29 
_refine_hist.pdbx_number_atoms_protein        1430 
_refine_hist.pdbx_number_atoms_nucleic_acid   0 
# 
loop_
_refine_ls_restr.pdbx_refine_id 
_refine_ls_restr.criterion 
_refine_ls_restr.dev_ideal 
_refine_ls_restr.dev_ideal_target 
_refine_ls_restr.number 
_refine_ls_restr.rejects 
_refine_ls_restr.type 
_refine_ls_restr.weight 
_refine_ls_restr.pdbx_restraint_function 
'X-RAY DIFFRACTION' ? 0.010  ? 1520 ? f_bond_d           ? ? 
'X-RAY DIFFRACTION' ? 1.186  ? 2125 ? f_angle_d          ? ? 
'X-RAY DIFFRACTION' ? 0.052  ? 202  ? f_chiral_restr     ? ? 
'X-RAY DIFFRACTION' ? 0.005  ? 253  ? f_plane_restr      ? ? 
'X-RAY DIFFRACTION' ? 15.068 ? 547  ? f_dihedral_angle_d ? ? 
# 
loop_
_refine_ls_shell.pdbx_refine_id 
_refine_ls_shell.d_res_high 
_refine_ls_shell.d_res_low 
_refine_ls_shell.number_reflns_all 
_refine_ls_shell.number_reflns_obs 
_refine_ls_shell.number_reflns_R_free 
_refine_ls_shell.number_reflns_R_work 
_refine_ls_shell.percent_reflns_obs 
_refine_ls_shell.percent_reflns_R_free 
_refine_ls_shell.R_factor_all 
_refine_ls_shell.R_factor_obs 
_refine_ls_shell.R_factor_R_free 
_refine_ls_shell.R_factor_R_free_error 
_refine_ls_shell.R_factor_R_work 
_refine_ls_shell.redundancy_reflns_all 
_refine_ls_shell.redundancy_reflns_obs 
_refine_ls_shell.wR_factor_all 
_refine_ls_shell.wR_factor_obs 
_refine_ls_shell.wR_factor_R_free 
_refine_ls_shell.wR_factor_R_work 
_refine_ls_shell.pdbx_total_number_of_bins_used 
_refine_ls_shell.pdbx_phase_error 
_refine_ls_shell.pdbx_fsc_work 
_refine_ls_shell.pdbx_fsc_free 
'X-RAY DIFFRACTION' 1.7551 1.8067  1427 . 132 1295 98.0000 . . . 0.3407 0.0000 0.2650 . . . . . . 12 . . . 
'X-RAY DIFFRACTION' 1.8067 1.8650  1368 . 147 1221 97.0000 . . . 0.3319 0.0000 0.2664 . . . . . . 12 . . . 
'X-RAY DIFFRACTION' 1.8650 1.9317  1377 . 150 1227 96.0000 . . . 0.3037 0.0000 0.2672 . . . . . . 12 . . . 
'X-RAY DIFFRACTION' 1.9317 2.0090  1403 . 137 1266 99.0000 . . . 0.3038 0.0000 0.2505 . . . . . . 12 . . . 
'X-RAY DIFFRACTION' 2.0090 2.1005  1401 . 144 1257 99.0000 . . . 0.2825 0.0000 0.2328 . . . . . . 12 . . . 
'X-RAY DIFFRACTION' 2.1005 2.2112  1418 . 147 1271 98.0000 . . . 0.2795 0.0000 0.2261 . . . . . . 12 . . . 
'X-RAY DIFFRACTION' 2.2112 2.3497  1386 . 136 1250 98.0000 . . . 0.2700 0.0000 0.2389 . . . . . . 12 . . . 
'X-RAY DIFFRACTION' 2.3497 2.5311  1397 . 133 1264 98.0000 . . . 0.2643 0.0000 0.2248 . . . . . . 12 . . . 
'X-RAY DIFFRACTION' 2.5311 2.7858  1405 . 145 1260 97.0000 . . . 0.2610 0.0000 0.2300 . . . . . . 12 . . . 
'X-RAY DIFFRACTION' 2.7858 3.1887  1365 . 135 1230 96.0000 . . . 0.2481 0.0000 0.2209 . . . . . . 12 . . . 
'X-RAY DIFFRACTION' 3.1887 4.0168  1405 . 141 1264 98.0000 . . . 0.2000 0.0000 0.2053 . . . . . . 12 . . . 
'X-RAY DIFFRACTION' 4.0168 38.8790 1396 . 138 1258 95.0000 . . . 0.2139 0.0000 0.1878 . . . . . . 12 . . . 
# 
_struct.entry_id                     6N90 
_struct.title                        'YoeB/ParE toxin from Agrobacterium tumefaciens' 
_struct.pdbx_model_details           ? 
_struct.pdbx_formula_weight          ? 
_struct.pdbx_formula_weight_method   ? 
_struct.pdbx_model_type_details      ? 
_struct.pdbx_CASP_flag               N 
# 
_struct_keywords.entry_id        6N90 
_struct_keywords.text            TOXIN 
_struct_keywords.pdbx_keywords   TOXIN 
# 
loop_
_struct_asym.id 
_struct_asym.pdbx_blank_PDB_chainid_flag 
_struct_asym.pdbx_modified 
_struct_asym.entity_id 
_struct_asym.details 
A N N 1 ? 
B N N 1 ? 
C N N 2 ? 
D N N 3 ? 
E N N 3 ? 
# 
loop_
_struct_conf.conf_type_id 
_struct_conf.id 
_struct_conf.pdbx_PDB_helix_id 
_struct_conf.beg_label_comp_id 
_struct_conf.beg_label_asym_id 
_struct_conf.beg_label_seq_id 
_struct_conf.pdbx_beg_PDB_ins_code 
_struct_conf.end_label_comp_id 
_struct_conf.end_label_asym_id 
_struct_conf.end_label_seq_id 
_struct_conf.pdbx_end_PDB_ins_code 
_struct_conf.beg_auth_comp_id 
_struct_conf.beg_auth_asym_id 
_struct_conf.beg_auth_seq_id 
_struct_conf.end_auth_comp_id 
_struct_conf.end_auth_asym_id 
_struct_conf.end_auth_seq_id 
_struct_conf.pdbx_PDB_helix_class 
_struct_conf.details 
_struct_conf.pdbx_PDB_helix_length 
HELX_P HELX_P1 AA1 THR A 6  ? ASP A 20 ? THR A 6  ASP A 20 1 ? 15 
HELX_P HELX_P2 AA2 ASP A 20 ? THR A 37 ? ASP A 20 THR A 37 1 ? 18 
HELX_P HELX_P3 AA3 LYS A 49 ? ALA A 53 ? LYS A 49 ALA A 53 5 ? 5  
HELX_P HELX_P4 AA4 THR B 6  ? ASP B 20 ? THR B 6  ASP B 20 1 ? 15 
HELX_P HELX_P5 AA5 ASP B 20 ? THR B 37 ? ASP B 20 THR B 37 1 ? 18 
HELX_P HELX_P6 AA6 LYS B 49 ? ALA B 53 ? LYS B 49 ALA B 53 5 ? 5  
# 
_struct_conf_type.id          HELX_P 
_struct_conf_type.criteria    ? 
_struct_conf_type.reference   ? 
# 
_struct_conn.id                            metalc1 
_struct_conn.conn_type_id                  metalc 
_struct_conn.pdbx_leaving_atom_flag        ? 
_struct_conn.pdbx_PDB_id                   ? 
_struct_conn.ptnr1_label_asym_id           C 
_struct_conn.ptnr1_label_comp_id           TEW 
_struct_conn.ptnr1_label_seq_id            . 
_struct_conn.ptnr1_label_atom_id           W5 
_struct_conn.pdbx_ptnr1_label_alt_id       ? 
_struct_conn.pdbx_ptnr1_PDB_ins_code       ? 
_struct_conn.pdbx_ptnr1_standard_comp_id   ? 
_struct_conn.ptnr1_symmetry                1_555 
_struct_conn.ptnr2_label_asym_id           E 
_struct_conn.ptnr2_label_comp_id           HOH 
_struct_conn.ptnr2_label_seq_id            . 
_struct_conn.ptnr2_label_atom_id           O 
_struct_conn.pdbx_ptnr2_label_alt_id       ? 
_struct_conn.pdbx_ptnr2_PDB_ins_code       ? 
_struct_conn.ptnr1_auth_asym_id            B 
_struct_conn.ptnr1_auth_comp_id            TEW 
_struct_conn.ptnr1_auth_seq_id             101 
_struct_conn.ptnr2_auth_asym_id            B 
_struct_conn.ptnr2_auth_comp_id            HOH 
_struct_conn.ptnr2_auth_seq_id             205 
_struct_conn.ptnr2_symmetry                1_555 
_struct_conn.pdbx_ptnr3_label_atom_id      ? 
_struct_conn.pdbx_ptnr3_label_seq_id       ? 
_struct_conn.pdbx_ptnr3_label_comp_id      ? 
_struct_conn.pdbx_ptnr3_label_asym_id      ? 
_struct_conn.pdbx_ptnr3_label_alt_id       ? 
_struct_conn.pdbx_ptnr3_PDB_ins_code       ? 
_struct_conn.details                       ? 
_struct_conn.pdbx_dist_value               3.040 
_struct_conn.pdbx_value_order              ? 
_struct_conn.pdbx_role                     ? 
# 
_struct_conn_type.id          metalc 
_struct_conn_type.criteria    ? 
_struct_conn_type.reference   ? 
# 
_struct_sheet.id               AA1 
_struct_sheet.type             ? 
_struct_sheet.number_strands   10 
_struct_sheet.details          ? 
# 
loop_
_struct_sheet_order.sheet_id 
_struct_sheet_order.range_id_1 
_struct_sheet_order.range_id_2 
_struct_sheet_order.offset 
_struct_sheet_order.sense 
AA1 1 2  ? anti-parallel 
AA1 2 3  ? anti-parallel 
AA1 3 4  ? anti-parallel 
AA1 4 5  ? parallel      
AA1 5 6  ? anti-parallel 
AA1 6 7  ? parallel      
AA1 7 8  ? anti-parallel 
AA1 8 9  ? anti-parallel 
AA1 9 10 ? anti-parallel 
# 
loop_
_struct_sheet_range.sheet_id 
_struct_sheet_range.id 
_struct_sheet_range.beg_label_comp_id 
_struct_sheet_range.beg_label_asym_id 
_struct_sheet_range.beg_label_seq_id 
_struct_sheet_range.pdbx_beg_PDB_ins_code 
_struct_sheet_range.end_label_comp_id 
_struct_sheet_range.end_label_asym_id 
_struct_sheet_range.end_label_seq_id 
_struct_sheet_range.pdbx_end_PDB_ins_code 
_struct_sheet_range.beg_auth_comp_id 
_struct_sheet_range.beg_auth_asym_id 
_struct_sheet_range.beg_auth_seq_id 
_struct_sheet_range.end_auth_comp_id 
_struct_sheet_range.end_auth_asym_id 
_struct_sheet_range.end_auth_seq_id 
AA1 1  GLU A 46 ? PRO A 47 ? GLU A 46 PRO A 47 
AA1 2  TRP A 56 ? THR A 61 ? TRP A 56 THR A 61 
AA1 3  HIS A 64 ? SER A 73 ? HIS A 64 SER A 73 
AA1 4  GLU A 76 ? CYS A 84 ? GLU A 76 CYS A 84 
AA1 5  LYS A 2  ? TRP A 5  ? LYS A 2  TRP A 5  
AA1 6  LYS B 2  ? TRP B 5  ? LYS B 2  TRP B 5  
AA1 7  ARG B 78 ? GLN B 83 ? ARG B 78 GLN B 83 
AA1 8  HIS B 64 ? SER B 71 ? HIS B 64 SER B 71 
AA1 9  TYR B 55 ? THR B 61 ? TYR B 55 THR B 61 
AA1 10 GLU B 46 ? PRO B 47 ? GLU B 46 PRO B 47 
# 
loop_
_pdbx_struct_sheet_hbond.sheet_id 
_pdbx_struct_sheet_hbond.range_id_1 
_pdbx_struct_sheet_hbond.range_id_2 
_pdbx_struct_sheet_hbond.range_1_label_atom_id 
_pdbx_struct_sheet_hbond.range_1_label_comp_id 
_pdbx_struct_sheet_hbond.range_1_label_asym_id 
_pdbx_struct_sheet_hbond.range_1_label_seq_id 
_pdbx_struct_sheet_hbond.range_1_PDB_ins_code 
_pdbx_struct_sheet_hbond.range_1_auth_atom_id 
_pdbx_struct_sheet_hbond.range_1_auth_comp_id 
_pdbx_struct_sheet_hbond.range_1_auth_asym_id 
_pdbx_struct_sheet_hbond.range_1_auth_seq_id 
_pdbx_struct_sheet_hbond.range_2_label_atom_id 
_pdbx_struct_sheet_hbond.range_2_label_comp_id 
_pdbx_struct_sheet_hbond.range_2_label_asym_id 
_pdbx_struct_sheet_hbond.range_2_label_seq_id 
_pdbx_struct_sheet_hbond.range_2_PDB_ins_code 
_pdbx_struct_sheet_hbond.range_2_auth_atom_id 
_pdbx_struct_sheet_hbond.range_2_auth_comp_id 
_pdbx_struct_sheet_hbond.range_2_auth_asym_id 
_pdbx_struct_sheet_hbond.range_2_auth_seq_id 
AA1 1 2  N GLU A 46 ? N GLU A 46 O SER A 57 ? O SER A 57 
AA1 2 3  N ARG A 58 ? N ARG A 58 O PHE A 66 ? O PHE A 66 
AA1 3 4  N ARG A 69 ? N ARG A 69 O GLU A 80 ? O GLU A 80 
AA1 4 5  O VAL A 81 ? O VAL A 81 N VAL A 4  ? N VAL A 4  
AA1 5 6  N TRP A 5  ? N TRP A 5  O LEU B 3  ? O LEU B 3  
AA1 6 7  N VAL B 4  ? N VAL B 4  O VAL B 81 ? O VAL B 81 
AA1 7 8  O GLU B 80 ? O GLU B 80 N ARG B 69 ? N ARG B 69 
AA1 8 9  O PHE B 66 ? O PHE B 66 N ARG B 58 ? N ARG B 58 
AA1 9 10 O SER B 57 ? O SER B 57 N GLU B 46 ? N GLU B 46 
# 
_struct_site.id                   AC1 
_struct_site.pdbx_evidence_code   Software 
_struct_site.pdbx_auth_asym_id    B 
_struct_site.pdbx_auth_comp_id    TEW 
_struct_site.pdbx_auth_seq_id     101 
_struct_site.pdbx_auth_ins_code   ? 
_struct_site.pdbx_num_residues    13 
_struct_site.details              'binding site for residue TEW B 101' 
# 
loop_
_struct_site_gen.id 
_struct_site_gen.site_id 
_struct_site_gen.pdbx_num_res 
_struct_site_gen.label_comp_id 
_struct_site_gen.label_asym_id 
_struct_site_gen.label_seq_id 
_struct_site_gen.pdbx_auth_ins_code 
_struct_site_gen.auth_comp_id 
_struct_site_gen.auth_asym_id 
_struct_site_gen.auth_seq_id 
_struct_site_gen.label_atom_id 
_struct_site_gen.label_alt_id 
_struct_site_gen.symmetry 
_struct_site_gen.details 
1  AC1 13 ARG B 22 ? ARG B 22  . ? 1_556 ? 
2  AC1 13 ARG B 59 ? ARG B 59  . ? 1_556 ? 
3  AC1 13 THR B 61 ? THR B 61  . ? 1_556 ? 
4  AC1 13 ALA B 62 ? ALA B 62  . ? 1_556 ? 
5  AC1 13 SER B 71 ? SER B 71  . ? 1_555 ? 
6  AC1 13 GLY B 72 ? GLY B 72  . ? 1_555 ? 
7  AC1 13 SER B 73 ? SER B 73  . ? 1_555 ? 
8  AC1 13 ARG B 78 ? ARG B 78  . ? 1_555 ? 
9  AC1 13 HOH E .  ? HOH B 205 . ? 1_555 ? 
10 AC1 13 HOH E .  ? HOH B 206 . ? 1_555 ? 
11 AC1 13 HOH E .  ? HOH B 210 . ? 1_555 ? 
12 AC1 13 HOH E .  ? HOH B 217 . ? 1_555 ? 
13 AC1 13 HOH E .  ? HOH B 228 . ? 1_555 ? 
# 
_atom_sites.entry_id                    6N90 
_atom_sites.fract_transf_matrix[1][1]   0.03035090 
_atom_sites.fract_transf_matrix[1][2]   0.01096418 
_atom_sites.fract_transf_matrix[1][3]   0.00221852 
_atom_sites.fract_transf_matrix[2][1]   0.00167522 
_atom_sites.fract_transf_matrix[2][2]   -0.00209149 
_atom_sites.fract_transf_matrix[2][3]   -0.01258181 
_atom_sites.fract_transf_matrix[3][1]   -0.00750073 
_atom_sites.fract_transf_matrix[3][2]   0.02596671 
_atom_sites.fract_transf_matrix[3][3]   -0.00531517 
_atom_sites.fract_transf_vector[1]      0.400241 
_atom_sites.fract_transf_vector[2]      0.005307 
_atom_sites.fract_transf_vector[3]      0.279195 
# 
loop_
_atom_type.symbol 
C  
H  
N  
O  
S  
TE 
W  
# 
loop_
_atom_site.group_PDB 
_atom_site.id 
_atom_site.type_symbol 
_atom_site.label_atom_id 
_atom_site.label_alt_id 
_atom_site.label_comp_id 
_atom_site.label_asym_id 
_atom_site.label_entity_id 
_atom_site.label_seq_id 
_atom_site.pdbx_PDB_ins_code 
_atom_site.Cartn_x 
_atom_site.Cartn_y 
_atom_site.Cartn_z 
_atom_site.occupancy 
_atom_site.B_iso_or_equiv 
_atom_site.pdbx_formal_charge 
_atom_site.auth_seq_id 
_atom_site.auth_comp_id 
_atom_site.auth_asym_id 
_atom_site.auth_atom_id 
_atom_site.pdbx_PDB_model_num 
ATOM   1    N  N   . MET A 1 1  ? 7.575   9.138   -4.102  1.00 31.65 ? 1   MET A N   1 
ATOM   2    C  CA  . MET A 1 1  ? 6.298   8.647   -4.620  1.00 29.84 ? 1   MET A CA  1 
ATOM   3    C  C   . MET A 1 1  ? 5.649   7.675   -3.652  1.00 32.48 ? 1   MET A C   1 
ATOM   4    O  O   . MET A 1 1  ? 6.058   6.510   -3.549  1.00 36.47 ? 1   MET A O   1 
ATOM   5    C  CB  . MET A 1 1  ? 6.493   7.981   -5.985  1.00 32.59 ? 1   MET A CB  1 
ATOM   6    C  CG  . MET A 1 1  ? 5.266   7.266   -6.541  1.00 35.59 ? 1   MET A CG  1 
ATOM   7    S  SD  . MET A 1 1  ? 3.963   8.362   -7.141  1.00 37.02 ? 1   MET A SD  1 
ATOM   8    C  CE  . MET A 1 1  ? 4.810   9.158   -8.511  1.00 34.09 ? 1   MET A CE  1 
ATOM   9    N  N   . LYS A 1 2  ? 4.641   8.156   -2.935  1.00 24.89 ? 2   LYS A N   1 
ATOM   10   C  CA  . LYS A 1 2  ? 3.935   7.322   -1.972  1.00 24.53 ? 2   LYS A CA  1 
ATOM   11   C  C   . LYS A 1 2  ? 2.802   6.553   -2.641  1.00 23.43 ? 2   LYS A C   1 
ATOM   12   O  O   . LYS A 1 2  ? 2.271   6.972   -3.662  1.00 22.57 ? 2   LYS A O   1 
ATOM   13   C  CB  . LYS A 1 2  ? 3.417   8.175   -0.811  1.00 25.56 ? 2   LYS A CB  1 
ATOM   14   C  CG  . LYS A 1 2  ? 4.545   8.924   -0.115  1.00 30.46 ? 2   LYS A CG  1 
ATOM   15   C  CD  . LYS A 1 2  ? 4.193   9.483   1.260   1.00 34.40 ? 2   LYS A CD  1 
ATOM   16   C  CE  . LYS A 1 2  ? 5.485   9.963   1.932   1.00 37.83 ? 2   LYS A CE  1 
ATOM   17   N  NZ  . LYS A 1 2  ? 5.304   10.389  3.346   1.00 44.13 ? 2   LYS A NZ  1 
ATOM   18   N  N   . LEU A 1 3  ? 2.470   5.400   -2.070  1.00 18.69 ? 3   LEU A N   1 
ATOM   19   C  CA  . LEU A 1 3  ? 1.367   4.582   -2.534  1.00 18.07 ? 3   LEU A CA  1 
ATOM   20   C  C   . LEU A 1 3  ? 0.311   4.602   -1.437  1.00 16.00 ? 3   LEU A C   1 
ATOM   21   O  O   . LEU A 1 3  ? 0.581   4.198   -0.318  1.00 17.63 ? 3   LEU A O   1 
ATOM   22   C  CB  . LEU A 1 3  ? 1.840   3.146   -2.841  1.00 16.79 ? 3   LEU A CB  1 
ATOM   23   C  CG  . LEU A 1 3  ? 0.767   2.141   -3.219  1.00 16.90 ? 3   LEU A CG  1 
ATOM   24   C  CD1 . LEU A 1 3  ? 0.076   2.542   -4.478  1.00 17.76 ? 3   LEU A CD1 1 
ATOM   25   C  CD2 . LEU A 1 3  ? 1.437   0.772   -3.429  1.00 16.08 ? 3   LEU A CD2 1 
ATOM   26   N  N   . VAL A 1 4  ? -0.875  5.116   -1.744  1.00 16.79 ? 4   VAL A N   1 
ATOM   27   C  CA  . VAL A 1 4  ? -1.948  5.266   -0.761  1.00 16.39 ? 4   VAL A CA  1 
ATOM   28   C  C   . VAL A 1 4  ? -3.164  4.386   -1.064  1.00 17.81 ? 4   VAL A C   1 
ATOM   29   O  O   . VAL A 1 4  ? -3.734  4.445   -2.142  1.00 18.51 ? 4   VAL A O   1 
ATOM   30   C  CB  . VAL A 1 4  ? -2.419  6.740   -0.674  1.00 17.48 ? 4   VAL A CB  1 
ATOM   31   C  CG1 . VAL A 1 4  ? -3.443  6.859   0.422   1.00 18.03 ? 4   VAL A CG1 1 
ATOM   32   C  CG2 . VAL A 1 4  ? -1.220  7.653   -0.444  1.00 17.39 ? 4   VAL A CG2 1 
ATOM   33   N  N   . TRP A 1 5  ? -3.535  3.537   -0.106  1.00 16.88 ? 5   TRP A N   1 
ATOM   34   C  CA  . TRP A 1 5  ? -4.755  2.743   -0.212  1.00 18.26 ? 5   TRP A CA  1 
ATOM   35   C  C   . TRP A 1 5  ? -5.838  3.252   0.720   1.00 19.90 ? 5   TRP A C   1 
ATOM   36   O  O   . TRP A 1 5  ? -5.565  3.692   1.820   1.00 18.65 ? 5   TRP A O   1 
ATOM   37   C  CB  . TRP A 1 5  ? -4.501  1.289   0.169   1.00 18.11 ? 5   TRP A CB  1 
ATOM   38   C  CG  . TRP A 1 5  ? -3.396  0.650   -0.567  1.00 16.67 ? 5   TRP A CG  1 
ATOM   39   C  CD1 . TRP A 1 5  ? -2.053  0.757   -0.298  1.00 16.41 ? 5   TRP A CD1 1 
ATOM   40   C  CD2 . TRP A 1 5  ? -3.520  -0.253  -1.664  1.00 15.02 ? 5   TRP A CD2 1 
ATOM   41   N  NE1 . TRP A 1 5  ? -1.336  -0.027  -1.177  1.00 14.75 ? 5   TRP A NE1 1 
ATOM   42   C  CE2 . TRP A 1 5  ? -2.214  -0.646  -2.033  1.00 15.11 ? 5   TRP A CE2 1 
ATOM   43   C  CE3 . TRP A 1 5  ? -4.604  -0.756  -2.395  1.00 16.14 ? 5   TRP A CE3 1 
ATOM   44   C  CZ2 . TRP A 1 5  ? -1.970  -1.531  -3.087  1.00 15.95 ? 5   TRP A CZ2 1 
ATOM   45   C  CZ3 . TRP A 1 5  ? -4.352  -1.639  -3.435  1.00 16.69 ? 5   TRP A CZ3 1 
ATOM   46   C  CH2 . TRP A 1 5  ? -3.045  -2.000  -3.783  1.00 16.67 ? 5   TRP A CH2 1 
ATOM   47   N  N   . THR A 1 6  ? -7.080  3.077   0.315   1.00 26.20 ? 6   THR A N   1 
ATOM   48   C  CA  . THR A 1 6  ? -8.197  3.288   1.227   1.00 28.67 ? 6   THR A CA  1 
ATOM   49   C  C   . THR A 1 6  ? -8.527  2.016   1.997   1.00 29.87 ? 6   THR A C   1 
ATOM   50   O  O   . THR A 1 6  ? -7.944  0.960   1.739   1.00 25.48 ? 6   THR A O   1 
ATOM   51   C  CB  . THR A 1 6  ? -9.432  3.751   0.462   1.00 24.88 ? 6   THR A CB  1 
ATOM   52   O  OG1 . THR A 1 6  ? -9.827  2.727   -0.456  1.00 23.46 ? 6   THR A OG1 1 
ATOM   53   C  CG2 . THR A 1 6  ? -9.100  5.028   -0.310  1.00 26.44 ? 6   THR A CG2 1 
ATOM   54   N  N   . LEU A 1 7  ? -9.453  2.123   2.945   1.00 31.10 ? 7   LEU A N   1 
ATOM   55   C  CA  . LEU A 1 7  ? -9.951  0.943   3.654   1.00 32.46 ? 7   LEU A CA  1 
ATOM   56   C  C   . LEU A 1 7  ? -10.452 -0.086  2.653   1.00 26.86 ? 7   LEU A C   1 
ATOM   57   O  O   . LEU A 1 7  ? -10.071 -1.260  2.707   1.00 28.22 ? 7   LEU A O   1 
ATOM   58   C  CB  . LEU A 1 7  ? -11.071 1.314   4.631   1.00 36.54 ? 7   LEU A CB  1 
ATOM   59   C  CG  . LEU A 1 7  ? -10.654 1.978   5.947   1.00 45.37 ? 7   LEU A CG  1 
ATOM   60   C  CD1 . LEU A 1 7  ? -11.879 2.312   6.791   1.00 49.54 ? 7   LEU A CD1 1 
ATOM   61   C  CD2 . LEU A 1 7  ? -9.681  1.087   6.725   1.00 46.52 ? 7   LEU A CD2 1 
ATOM   62   N  N   . SER A 1 8  ? -11.287 0.355   1.714   1.00 26.92 ? 8   SER A N   1 
ATOM   63   C  CA  . SER A 1 8  ? -11.899 -0.598  0.793   1.00 28.13 ? 8   SER A CA  1 
ATOM   64   C  C   . SER A 1 8  ? -10.934 -1.137  -0.272  1.00 23.26 ? 8   SER A C   1 
ATOM   65   O  O   . SER A 1 8  ? -11.012 -2.321  -0.627  1.00 21.93 ? 8   SER A O   1 
ATOM   66   C  CB  . SER A 1 8  ? -13.129 0.025   0.109   1.00 33.21 ? 8   SER A CB  1 
ATOM   67   O  OG  . SER A 1 8  ? -12.772 1.119   -0.696  1.00 35.75 ? 8   SER A OG  1 
ATOM   68   N  N   . SER A 1 9  ? -10.028 -0.306  -0.785  1.00 20.20 ? 9   SER A N   1 
ATOM   69   C  CA  . SER A 1 9  ? -9.143  -0.810  -1.828  1.00 17.92 ? 9   SER A CA  1 
ATOM   70   C  C   . SER A 1 9  ? -8.124  -1.795  -1.217  1.00 17.27 ? 9   SER A C   1 
ATOM   71   O  O   . SER A 1 9  ? -7.779  -2.809  -1.841  1.00 18.64 ? 9   SER A O   1 
ATOM   72   C  CB  . SER A 1 9  ? -8.443  0.329   -2.604  1.00 17.64 ? 9   SER A CB  1 
ATOM   73   O  OG  . SER A 1 9  ? -7.501  1.056   -1.830  1.00 17.78 ? 9   SER A OG  1 
ATOM   74   N  N   . TRP A 1 10 ? -7.677  -1.536  0.007   1.00 17.13 ? 10  TRP A N   1 
ATOM   75   C  CA  . TRP A 1 10 ? -6.767  -2.495  0.654   1.00 18.23 ? 10  TRP A CA  1 
ATOM   76   C  C   . TRP A 1 10 ? -7.487  -3.809  0.964   1.00 18.82 ? 10  TRP A C   1 
ATOM   77   O  O   . TRP A 1 10 ? -6.924  -4.903  0.799   1.00 17.41 ? 10  TRP A O   1 
ATOM   78   C  CB  . TRP A 1 10 ? -6.161  -1.908  1.935   1.00 17.60 ? 10  TRP A CB  1 
ATOM   79   C  CG  . TRP A 1 10 ? -5.114  -2.827  2.549   1.00 17.16 ? 10  TRP A CG  1 
ATOM   80   C  CD1 . TRP A 1 10 ? -5.223  -3.536  3.733   1.00 19.49 ? 10  TRP A CD1 1 
ATOM   81   C  CD2 . TRP A 1 10 ? -3.823  -3.164  2.000   1.00 17.33 ? 10  TRP A CD2 1 
ATOM   82   N  NE1 . TRP A 1 10 ? -4.074  -4.284  3.941   1.00 19.07 ? 10  TRP A NE1 1 
ATOM   83   C  CE2 . TRP A 1 10 ? -3.204  -4.069  2.900   1.00 17.70 ? 10  TRP A CE2 1 
ATOM   84   C  CE3 . TRP A 1 10 ? -3.125  -2.779  0.847   1.00 17.62 ? 10  TRP A CE3 1 
ATOM   85   C  CZ2 . TRP A 1 10 ? -1.924  -4.576  2.683   1.00 17.78 ? 10  TRP A CZ2 1 
ATOM   86   C  CZ3 . TRP A 1 10 ? -1.852  -3.294  0.627   1.00 18.06 ? 10  TRP A CZ3 1 
ATOM   87   C  CH2 . TRP A 1 10 ? -1.267  -4.194  1.539   1.00 17.92 ? 10  TRP A CH2 1 
ATOM   88   N  N   . ASP A 1 11 ? -8.746  -3.713  1.374   1.00 19.57 ? 11  ASP A N   1 
ATOM   89   C  CA  . ASP A 1 11 ? -9.535  -4.918  1.632   1.00 23.02 ? 11  ASP A CA  1 
ATOM   90   C  C   . ASP A 1 11 ? -9.663  -5.771  0.375   1.00 21.83 ? 11  ASP A C   1 
ATOM   91   O  O   . ASP A 1 11 ? -9.491  -6.992  0.421   1.00 23.84 ? 11  ASP A O   1 
ATOM   92   C  CB  . ASP A 1 11 ? -10.921 -4.550  2.177   1.00 27.56 ? 11  ASP A CB  1 
ATOM   93   C  CG  . ASP A 1 11 ? -10.905 -4.312  3.674   1.00 32.58 ? 11  ASP A CG  1 
ATOM   94   O  OD1 . ASP A 1 11 ? -9.993  -4.851  4.350   1.00 39.38 ? 11  ASP A OD1 1 
ATOM   95   O  OD2 . ASP A 1 11 ? -11.804 -3.598  4.169   1.00 40.43 ? 11  ASP A OD2 1 
ATOM   96   N  N   . ASP A 1 12 ? -9.945  -5.136  -0.758  1.00 20.62 ? 12  ASP A N   1 
ATOM   97   C  CA  . ASP A 1 12 ? -10.030 -5.912  -1.979  1.00 19.27 ? 12  ASP A CA  1 
ATOM   98   C  C   . ASP A 1 12 ? -8.701  -6.445  -2.466  1.00 17.67 ? 12  ASP A C   1 
ATOM   99   O  O   . ASP A 1 12 ? -8.655  -7.524  -3.072  1.00 17.24 ? 12  ASP A O   1 
ATOM   100  C  CB  . ASP A 1 12 ? -10.693 -5.095  -3.059  1.00 22.23 ? 12  ASP A CB  1 
ATOM   101  C  CG  . ASP A 1 12 ? -12.196 -5.028  -2.873  1.00 27.36 ? 12  ASP A CG  1 
ATOM   102  O  OD1 . ASP A 1 12 ? -12.774 -5.934  -2.208  1.00 25.84 ? 12  ASP A OD1 1 
ATOM   103  O  OD2 . ASP A 1 12 ? -12.790 -4.066  -3.385  1.00 24.12 ? 12  ASP A OD2 1 
ATOM   104  N  N   . TYR A 1 13 ? -7.617  -5.709  -2.205  1.00 15.87 ? 13  TYR A N   1 
ATOM   105  C  CA  . TYR A 1 13 ? -6.280  -6.229  -2.527  1.00 14.76 ? 13  TYR A CA  1 
ATOM   106  C  C   . TYR A 1 13 ? -5.987  -7.459  -1.680  1.00 17.06 ? 13  TYR A C   1 
ATOM   107  O  O   . TYR A 1 13 ? -5.462  -8.439  -2.187  1.00 17.04 ? 13  TYR A O   1 
ATOM   108  C  CB  . TYR A 1 13 ? -5.225  -5.163  -2.283  1.00 16.51 ? 13  TYR A CB  1 
ATOM   109  C  CG  . TYR A 1 13 ? -3.795  -5.483  -2.702  1.00 14.41 ? 13  TYR A CG  1 
ATOM   110  C  CD1 . TYR A 1 13 ? -3.423  -5.534  -4.047  1.00 15.43 ? 13  TYR A CD1 1 
ATOM   111  C  CD2 . TYR A 1 13 ? -2.804  -5.611  -1.736  1.00 15.53 ? 13  TYR A CD2 1 
ATOM   112  C  CE1 . TYR A 1 13 ? -2.085  -5.766  -4.413  1.00 15.80 ? 13  TYR A CE1 1 
ATOM   113  C  CE2 . TYR A 1 13 ? -1.481  -5.852  -2.082  1.00 16.66 ? 13  TYR A CE2 1 
ATOM   114  C  CZ  . TYR A 1 13 ? -1.126  -5.941  -3.413  1.00 15.34 ? 13  TYR A CZ  1 
ATOM   115  O  OH  . TYR A 1 13 ? 0.200   -6.167  -3.736  1.00 18.02 ? 13  TYR A OH  1 
ATOM   116  N  N   . GLU A 1 14 ? -6.416  -7.424  -0.422  1.00 17.02 ? 14  GLU A N   1 
ATOM   117  C  CA  . GLU A 1 14 ? -6.248  -8.560  0.469   1.00 19.68 ? 14  GLU A CA  1 
ATOM   118  C  C   . GLU A 1 14 ? -7.069  -9.724  -0.085  1.00 19.76 ? 14  GLU A C   1 
ATOM   119  O  O   . GLU A 1 14 ? -6.603  -10.863 -0.115  1.00 18.69 ? 14  GLU A O   1 
ATOM   120  C  CB  . GLU A 1 14 ? -6.710  -8.210  1.883   1.00 22.28 ? 14  GLU A CB  1 
ATOM   121  C  CG  . GLU A 1 14 ? -5.648  -7.530  2.732   1.00 26.88 ? 14  GLU A CG  1 
ATOM   122  C  CD  . GLU A 1 14 ? -5.401  -8.250  4.043   1.00 32.44 ? 14  GLU A CD  1 
ATOM   123  O  OE1 . GLU A 1 14 ? -5.635  -9.476  4.103   1.00 36.94 ? 14  GLU A OE1 1 
ATOM   124  O  OE2 . GLU A 1 14 ? -4.972  -7.590  5.013   1.00 39.27 ? 14  GLU A OE2 1 
ATOM   125  N  N   . PHE A 1 15 ? -8.292  -9.431  -0.524  1.00 19.11 ? 15  PHE A N   1 
ATOM   126  C  CA  . PHE A 1 15 ? -9.161  -10.453 -1.100  1.00 19.55 ? 15  PHE A CA  1 
ATOM   127  C  C   . PHE A 1 15 ? -8.448  -11.174 -2.235  1.00 19.50 ? 15  PHE A C   1 
ATOM   128  O  O   . PHE A 1 15 ? -8.487  -12.412 -2.327  1.00 19.81 ? 15  PHE A O   1 
ATOM   129  C  CB  . PHE A 1 15 ? -10.465 -9.827  -1.605  1.00 19.33 ? 15  PHE A CB  1 
ATOM   130  C  CG  . PHE A 1 15 ? -11.309 -10.772 -2.410  1.00 18.35 ? 15  PHE A CG  1 
ATOM   131  C  CD1 . PHE A 1 15 ? -12.192 -11.624 -1.778  1.00 20.05 ? 15  PHE A CD1 1 
ATOM   132  C  CD2 . PHE A 1 15 ? -11.220 -10.803 -3.798  1.00 19.30 ? 15  PHE A CD2 1 
ATOM   133  C  CE1 . PHE A 1 15 ? -12.999 -12.514 -2.529  1.00 18.97 ? 15  PHE A CE1 1 
ATOM   134  C  CE2 . PHE A 1 15 ? -12.020 -11.687 -4.550  1.00 20.65 ? 15  PHE A CE2 1 
ATOM   135  C  CZ  . PHE A 1 15 ? -12.911 -12.538 -3.903  1.00 21.29 ? 15  PHE A CZ  1 
ATOM   136  N  N   . TRP A 1 16 ? -7.741  -10.410 -3.077  1.00 16.36 ? 16  TRP A N   1 
ATOM   137  C  CA  . TRP A 1 16 ? -7.043  -11.044 -4.175  1.00 16.48 ? 16  TRP A CA  1 
ATOM   138  C  C   . TRP A 1 16 ? -5.905  -11.930 -3.644  1.00 16.30 ? 16  TRP A C   1 
ATOM   139  O  O   . TRP A 1 16 ? -5.667  -13.030 -4.168  1.00 16.72 ? 16  TRP A O   1 
ATOM   140  C  CB  . TRP A 1 16 ? -6.515  -10.007 -5.164  1.00 16.68 ? 16  TRP A CB  1 
ATOM   141  C  CG  . TRP A 1 16 ? -7.623  -9.335  -5.990  1.00 16.65 ? 16  TRP A CG  1 
ATOM   142  C  CD1 . TRP A 1 16 ? -7.843  -8.001  -6.121  1.00 16.23 ? 16  TRP A CD1 1 
ATOM   143  C  CD2 . TRP A 1 16 ? -8.613  -9.990  -6.794  1.00 17.47 ? 16  TRP A CD2 1 
ATOM   144  N  NE1 . TRP A 1 16 ? -8.920  -7.777  -6.952  1.00 19.35 ? 16  TRP A NE1 1 
ATOM   145  C  CE2 . TRP A 1 16 ? -9.411  -8.981  -7.377  1.00 20.02 ? 16  TRP A CE2 1 
ATOM   146  C  CE3 . TRP A 1 16 ? -8.909  -11.326 -7.073  1.00 19.21 ? 16  TRP A CE3 1 
ATOM   147  C  CZ2 . TRP A 1 16 ? -10.487 -9.271  -8.224  1.00 21.39 ? 16  TRP A CZ2 1 
ATOM   148  C  CZ3 . TRP A 1 16 ? -9.977  -11.612 -7.908  1.00 21.77 ? 16  TRP A CZ3 1 
ATOM   149  C  CH2 . TRP A 1 16 ? -10.749 -10.582 -8.483  1.00 19.90 ? 16  TRP A CH2 1 
ATOM   150  N  N   . GLN A 1 17 ? -5.231  -11.456 -2.593  1.00 16.50 ? 17  GLN A N   1 
ATOM   151  C  CA  . GLN A 1 17 ? -4.163  -12.230 -1.957  1.00 16.66 ? 17  GLN A CA  1 
ATOM   152  C  C   . GLN A 1 17 ? -4.701  -13.576 -1.480  1.00 19.38 ? 17  GLN A C   1 
ATOM   153  O  O   . GLN A 1 17 ? -3.988  -14.570 -1.523  1.00 20.40 ? 17  GLN A O   1 
ATOM   154  C  CB  . GLN A 1 17 ? -3.545  -11.476 -0.781  1.00 17.49 ? 17  GLN A CB  1 
ATOM   155  C  CG  . GLN A 1 17 ? -2.812  -10.218 -1.213  1.00 17.93 ? 17  GLN A CG  1 
ATOM   156  C  CD  . GLN A 1 17 ? -1.883  -9.700  -0.136  1.00 20.32 ? 17  GLN A CD  1 
ATOM   157  O  OE1 . GLN A 1 17 ? -1.504  -10.428 0.791   1.00 22.94 ? 17  GLN A OE1 1 
ATOM   158  N  NE2 . GLN A 1 17 ? -1.466  -8.476  -0.280  1.00 23.15 ? 17  GLN A NE2 1 
ATOM   159  N  N   . ARG A 1 18 ? -5.955  -13.576 -1.027  1.00 19.03 ? 18  ARG A N   1 
ATOM   160  C  CA  . ARG A 1 18 ? -6.584  -14.779 -0.468  1.00 22.26 ? 18  ARG A CA  1 
ATOM   161  C  C   . ARG A 1 18 ? -7.163  -15.711 -1.528  1.00 25.65 ? 18  ARG A C   1 
ATOM   162  O  O   . ARG A 1 18 ? -7.423  -16.875 -1.235  1.00 29.26 ? 18  ARG A O   1 
ATOM   163  C  CB  . ARG A 1 18 ? -7.709  -14.413 0.507   1.00 26.96 ? 18  ARG A CB  1 
ATOM   164  C  CG  . ARG A 1 18 ? -7.262  -13.893 1.834   1.00 30.97 ? 18  ARG A CG  1 
ATOM   165  C  CD  . ARG A 1 18 ? -8.444  -13.328 2.577   1.00 35.00 ? 18  ARG A CD  1 
ATOM   166  N  NE  . ARG A 1 18 ? -8.116  -12.978 3.952   1.00 40.65 ? 18  ARG A NE  1 
ATOM   167  C  CZ  . ARG A 1 18 ? -8.922  -12.298 4.755   1.00 45.25 ? 18  ARG A CZ  1 
ATOM   168  N  NH1 . ARG A 1 18 ? -10.098 -11.882 4.311   1.00 53.96 ? 18  ARG A NH1 1 
ATOM   169  N  NH2 . ARG A 1 18 ? -8.548  -12.025 5.999   1.00 48.78 ? 18  ARG A NH2 1 
ATOM   170  N  N   . THR A 1 19 ? -7.382  -15.208 -2.743  1.00 22.76 ? 19  THR A N   1 
ATOM   171  C  CA  . THR A 1 19 ? -8.130  -15.996 -3.736  1.00 21.86 ? 19  THR A CA  1 
ATOM   172  C  C   . THR A 1 19 ? -7.487  -16.128 -5.113  1.00 23.98 ? 19  THR A C   1 
ATOM   173  O  O   . THR A 1 19 ? -7.709  -17.122 -5.790  1.00 23.40 ? 19  THR A O   1 
ATOM   174  C  CB  . THR A 1 19 ? -9.542  -15.422 -3.955  1.00 19.19 ? 19  THR A CB  1 
ATOM   175  O  OG1 . THR A 1 19 ? -9.433  -14.119 -4.557  1.00 17.70 ? 19  THR A OG1 1 
ATOM   176  C  CG2 . THR A 1 19 ? -10.307 -15.333 -2.627  1.00 19.62 ? 19  THR A CG2 1 
ATOM   177  N  N   . ASP A 1 20 ? -6.739  -15.125 -5.564  1.00 25.91 ? 20  ASP A N   1 
ATOM   178  C  CA  . ASP A 1 20 ? -6.074  -15.231 -6.868  1.00 26.06 ? 20  ASP A CA  1 
ATOM   179  C  C   . ASP A 1 20 ? -4.790  -14.399 -6.961  1.00 20.27 ? 20  ASP A C   1 
ATOM   180  O  O   . ASP A 1 20 ? -4.822  -13.204 -7.274  1.00 20.51 ? 20  ASP A O   1 
ATOM   181  C  CB  . ASP A 1 20 ? -7.024  -14.829 -7.994  1.00 29.01 ? 20  ASP A CB  1 
ATOM   182  C  CG  . ASP A 1 20 ? -6.588  -15.380 -9.340  1.00 34.60 ? 20  ASP A CG  1 
ATOM   183  O  OD1 . ASP A 1 20 ? -5.481  -15.967 -9.404  1.00 36.87 ? 20  ASP A OD1 1 
ATOM   184  O  OD2 . ASP A 1 20 ? -7.339  -15.230 -10.324 1.00 39.31 ? 20  ASP A OD2 1 
ATOM   185  N  N   . ALA A 1 21 ? -3.652  -15.042 -6.727  1.00 23.51 ? 21  ALA A N   1 
ATOM   186  C  CA  . ALA A 1 21 ? -2.376  -14.337 -6.706  1.00 25.16 ? 21  ALA A CA  1 
ATOM   187  C  C   . ALA A 1 21 ? -2.005  -13.740 -8.064  1.00 27.68 ? 21  ALA A C   1 
ATOM   188  O  O   . ALA A 1 21 ? -1.189  -12.815 -8.141  1.00 24.99 ? 21  ALA A O   1 
ATOM   189  C  CB  . ALA A 1 21 ? -1.271  -15.259 -6.217  1.00 29.55 ? 21  ALA A CB  1 
ATOM   190  N  N   . ARG A 1 22 ? -2.587  -14.270 -9.135  1.00 26.36 ? 22  ARG A N   1 
ATOM   191  C  CA  . ARG A 1 22 ? -2.334  -13.722 -10.463 1.00 29.56 ? 22  ARG A CA  1 
ATOM   192  C  C   . ARG A 1 22 ? -2.863  -12.299 -10.549 1.00 25.47 ? 22  ARG A C   1 
ATOM   193  O  O   . ARG A 1 22 ? -2.277  -11.449 -11.202 1.00 24.60 ? 22  ARG A O   1 
ATOM   194  C  CB  . ARG A 1 22 ? -2.998  -14.562 -11.547 1.00 33.87 ? 22  ARG A CB  1 
ATOM   195  C  CG  . ARG A 1 22 ? -2.505  -15.992 -11.638 1.00 42.36 ? 22  ARG A CG  1 
ATOM   196  C  CD  . ARG A 1 22 ? -3.242  -16.737 -12.748 1.00 47.85 ? 22  ARG A CD  1 
ATOM   197  N  N   . MET A 1 23 ? -4.002  -12.062 -9.914  1.00 22.75 ? 23  MET A N   1 
ATOM   198  C  CA  . MET A 1 23 ? -4.616  -10.732 -9.911  1.00 20.40 ? 23  MET A CA  1 
ATOM   199  C  C   . MET A 1 23 ? -3.777  -9.761  -9.077  1.00 18.34 ? 23  MET A C   1 
ATOM   200  O  O   . MET A 1 23 ? -3.660  -8.588  -9.411  1.00 17.73 ? 23  MET A O   1 
ATOM   201  C  CB  . MET A 1 23 ? -6.042  -10.808 -9.367  1.00 21.44 ? 23  MET A CB  1 
ATOM   202  C  CG  . MET A 1 23 ? -6.976  -11.618 -10.264 1.00 24.31 ? 23  MET A CG  1 
ATOM   203  S  SD  . MET A 1 23 ? -7.399  -10.705 -11.742 1.00 28.79 ? 23  MET A SD  1 
ATOM   204  C  CE  . MET A 1 23 ? -8.531  -9.500  -11.068 1.00 28.05 ? 23  MET A CE  1 
ATOM   205  N  N   . VAL A 1 24 ? -3.217  -10.256 -7.979  1.00 18.74 ? 24  VAL A N   1 
ATOM   206  C  CA  . VAL A 1 24 ? -2.305  -9.439  -7.161  1.00 18.47 ? 24  VAL A CA  1 
ATOM   207  C  C   . VAL A 1 24 ? -1.131  -8.985  -8.036  1.00 18.40 ? 24  VAL A C   1 
ATOM   208  O  O   . VAL A 1 24 ? -0.728  -7.818  -8.017  1.00 18.84 ? 24  VAL A O   1 
ATOM   209  C  CB  . VAL A 1 24 ? -1.781  -10.212 -5.913  1.00 18.47 ? 24  VAL A CB  1 
ATOM   210  C  CG1 . VAL A 1 24 ? -0.787  -9.330  -5.087  1.00 18.35 ? 24  VAL A CG1 1 
ATOM   211  C  CG2 . VAL A 1 24 ? -2.938  -10.638 -5.062  1.00 19.21 ? 24  VAL A CG2 1 
ATOM   212  N  N   . GLU A 1 25 ? -0.590  -9.916  -8.813  1.00 21.26 ? 25  GLU A N   1 
ATOM   213  C  CA  . GLU A 1 25 ? 0.537   -9.604  -9.685  1.00 24.27 ? 25  GLU A CA  1 
ATOM   214  C  C   . GLU A 1 25 ? 0.183   -8.577  -10.753 1.00 21.68 ? 25  GLU A C   1 
ATOM   215  O  O   . GLU A 1 25 ? 0.987   -7.696  -11.065 1.00 18.68 ? 25  GLU A O   1 
ATOM   216  C  CB  . GLU A 1 25 ? 1.058   -10.878 -10.352 1.00 29.99 ? 25  GLU A CB  1 
ATOM   217  C  CG  . GLU A 1 25 ? 1.625   -11.886 -9.376  1.00 38.20 ? 25  GLU A CG  1 
ATOM   218  N  N   . LYS A 1 26 ? -1.005  -8.708  -11.331 1.00 19.49 ? 26  LYS A N   1 
ATOM   219  C  CA  . LYS A 1 26 ? -1.466  -7.734  -12.323 1.00 21.18 ? 26  LYS A CA  1 
ATOM   220  C  C   . LYS A 1 26 ? -1.600  -6.349  -11.709 1.00 19.39 ? 26  LYS A C   1 
ATOM   221  O  O   . LYS A 1 26 ? -1.216  -5.342  -12.309 1.00 18.90 ? 26  LYS A O   1 
ATOM   222  C  CB  . LYS A 1 26 ? -2.796  -8.171  -12.912 1.00 23.89 ? 26  LYS A CB  1 
ATOM   223  C  CG  . LYS A 1 26 ? -3.331  -7.246  -13.988 1.00 28.57 ? 26  LYS A CG  1 
ATOM   224  C  CD  . LYS A 1 26 ? -2.379  -7.148  -15.175 1.00 31.48 ? 26  LYS A CD  1 
ATOM   225  C  CE  . LYS A 1 26 ? -3.113  -6.710  -16.443 1.00 32.97 ? 26  LYS A CE  1 
ATOM   226  N  NZ  . LYS A 1 26 ? -3.715  -5.357  -16.347 1.00 36.83 ? 26  LYS A NZ  1 
ATOM   227  N  N   . ILE A 1 27 ? -2.158  -6.292  -10.509 1.00 16.25 ? 27  ILE A N   1 
ATOM   228  C  CA  . ILE A 1 27 ? -2.315  -5.013  -9.826  1.00 16.48 ? 27  ILE A CA  1 
ATOM   229  C  C   . ILE A 1 27 ? -0.927  -4.404  -9.487  1.00 17.78 ? 27  ILE A C   1 
ATOM   230  O  O   . ILE A 1 27 ? -0.684  -3.227  -9.672  1.00 15.96 ? 27  ILE A O   1 
ATOM   231  C  CB  . ILE A 1 27 ? -3.180  -5.193  -8.557  1.00 16.04 ? 27  ILE A CB  1 
ATOM   232  C  CG1 . ILE A 1 27 ? -4.645  -5.487  -8.916  1.00 15.85 ? 27  ILE A CG1 1 
ATOM   233  C  CG2 . ILE A 1 27 ? -3.082  -3.999  -7.623  1.00 15.91 ? 27  ILE A CG2 1 
ATOM   234  C  CD1 . ILE A 1 27 ? -5.477  -6.115  -7.695  1.00 15.33 ? 27  ILE A CD1 1 
ATOM   235  N  N   . ASN A 1 28 ? 0.009   -5.219  -9.011  1.00 16.09 ? 28  ASN A N   1 
ATOM   236  C  CA  . ASN A 1 28 ? 1.343   -4.698  -8.754  1.00 16.79 ? 28  ASN A CA  1 
ATOM   237  C  C   . ASN A 1 28 ? 2.001   -4.134  -10.003 1.00 17.50 ? 28  ASN A C   1 
ATOM   238  O  O   . ASN A 1 28 ? 2.741   -3.154  -9.915  1.00 17.50 ? 28  ASN A O   1 
ATOM   239  C  CB  . ASN A 1 28 ? 2.221   -5.803  -8.140  1.00 17.26 ? 28  ASN A CB  1 
ATOM   240  C  CG  . ASN A 1 28 ? 1.822   -6.118  -6.713  1.00 20.12 ? 28  ASN A CG  1 
ATOM   241  O  OD1 . ASN A 1 28 ? 0.900   -5.516  -6.172  1.00 18.64 ? 28  ASN A OD1 1 
ATOM   242  N  ND2 . ASN A 1 28 ? 2.488   -7.095  -6.105  1.00 22.16 ? 28  ASN A ND2 1 
ATOM   243  N  N   . ASP A 1 29 ? 1.736   -4.749  -11.158 1.00 17.98 ? 29  ASP A N   1 
ATOM   244  C  CA  . ASP A 1 29 ? 2.275   -4.289  -12.446 1.00 18.33 ? 29  ASP A CA  1 
ATOM   245  C  C   . ASP A 1 29 ? 1.617   -2.962  -12.826 1.00 18.91 ? 29  ASP A C   1 
ATOM   246  O  O   . ASP A 1 29 ? 2.257   -2.054  -13.349 1.00 17.28 ? 29  ASP A O   1 
ATOM   247  C  CB  . ASP A 1 29 ? 2.040   -5.363  -13.536 1.00 20.30 ? 29  ASP A CB  1 
ATOM   248  C  CG  . ASP A 1 29 ? 3.173   -5.436  -14.572 1.00 20.71 ? 29  ASP A CG  1 
ATOM   249  O  OD1 . ASP A 1 29 ? 4.135   -4.646  -14.478 1.00 23.17 ? 29  ASP A OD1 1 
ATOM   250  O  OD2 . ASP A 1 29 ? 3.094   -6.267  -15.509 1.00 23.53 ? 29  ASP A OD2 1 
ATOM   251  N  N   . LEU A 1 30 ? 0.323   -2.848  -12.552 1.00 18.28 ? 30  LEU A N   1 
ATOM   252  C  CA  . LEU A 1 30 ? -0.386  -1.623  -12.876 1.00 18.42 ? 30  LEU A CA  1 
ATOM   253  C  C   . LEU A 1 30 ? 0.155   -0.485  -12.008 1.00 17.31 ? 30  LEU A C   1 
ATOM   254  O  O   . LEU A 1 30 ? 0.366   0.640   -12.471 1.00 16.14 ? 30  LEU A O   1 
ATOM   255  C  CB  . LEU A 1 30 ? -1.898  -1.835  -12.674 1.00 17.22 ? 30  LEU A CB  1 
ATOM   256  C  CG  . LEU A 1 30 ? -2.601  -2.705  -13.730 1.00 19.45 ? 30  LEU A CG  1 
ATOM   257  C  CD1 . LEU A 1 30 ? -4.060  -2.989  -13.350 1.00 19.38 ? 30  LEU A CD1 1 
ATOM   258  C  CD2 . LEU A 1 30 ? -2.525  -2.097  -15.118 1.00 20.44 ? 30  LEU A CD2 1 
ATOM   259  N  N   . ILE A 1 31 ? 0.399   -0.794  -10.736 1.00 15.68 ? 31  ILE A N   1 
ATOM   260  C  CA  . ILE A 1 31 ? 0.975   0.182   -9.806  1.00 15.38 ? 31  ILE A CA  1 
ATOM   261  C  C   . ILE A 1 31 ? 2.354   0.672   -10.284 1.00 15.95 ? 31  ILE A C   1 
ATOM   262  O  O   . ILE A 1 31 ? 2.591   1.905   -10.426 1.00 17.44 ? 31  ILE A O   1 
ATOM   263  C  CB  . ILE A 1 31 ? 1.081   -0.420  -8.384  1.00 15.77 ? 31  ILE A CB  1 
ATOM   264  C  CG1 . ILE A 1 31 ? -0.313  -0.625  -7.796  1.00 16.82 ? 31  ILE A CG1 1 
ATOM   265  C  CG2 . ILE A 1 31 ? 1.950   0.465   -7.447  1.00 15.02 ? 31  ILE A CG2 1 
ATOM   266  C  CD1 . ILE A 1 31 ? -0.344  -1.317  -6.473  1.00 16.91 ? 31  ILE A CD1 1 
ATOM   267  N  N   . ARG A 1 32 ? 3.247   -0.287  -10.535 1.00 17.29 ? 32  ARG A N   1 
ATOM   268  C  CA  . ARG A 1 32 ? 4.590   -0.004  -11.035 1.00 19.00 ? 32  ARG A CA  1 
ATOM   269  C  C   . ARG A 1 32 ? 4.503   0.910   -12.267 1.00 20.33 ? 32  ARG A C   1 
ATOM   270  O  O   . ARG A 1 32 ? 5.211   1.913   -12.365 1.00 21.03 ? 32  ARG A O   1 
ATOM   271  C  CB  . ARG A 1 32 ? 5.318   -1.315  -11.377 1.00 20.03 ? 32  ARG A CB  1 
ATOM   272  C  CG  . ARG A 1 32 ? 6.842   -1.216  -11.525 1.00 20.86 ? 32  ARG A CG  1 
ATOM   273  C  CD  . ARG A 1 32 ? 7.437   -2.649  -11.706 1.00 20.99 ? 32  ARG A CD  1 
ATOM   274  N  NE  . ARG A 1 32 ? 6.902   -3.564  -10.688 1.00 22.14 ? 32  ARG A NE  1 
ATOM   275  C  CZ  . ARG A 1 32 ? 6.259   -4.708  -10.932 1.00 20.24 ? 32  ARG A CZ  1 
ATOM   276  N  NH1 . ARG A 1 32 ? 6.076   -5.136  -12.177 1.00 18.44 ? 32  ARG A NH1 1 
ATOM   277  N  NH2 . ARG A 1 32 ? 5.822   -5.465  -9.928  1.00 19.74 ? 32  ARG A NH2 1 
ATOM   278  N  N   . ASN A 1 33 ? 3.587   0.586   -13.180 1.00 20.60 ? 33  ASN A N   1 
ATOM   279  C  CA  . ASN A 1 33 ? 3.493   1.314   -14.445 1.00 22.32 ? 33  ASN A CA  1 
ATOM   280  C  C   . ASN A 1 33 ? 2.919   2.717   -14.247 1.00 22.89 ? 33  ASN A C   1 
ATOM   281  O  O   . ASN A 1 33 ? 3.429   3.693   -14.813 1.00 22.39 ? 33  ASN A O   1 
ATOM   282  C  CB  . ASN A 1 33 ? 2.644   0.530   -15.453 1.00 24.78 ? 33  ASN A CB  1 
ATOM   283  C  CG  . ASN A 1 33 ? 3.460   -0.473  -16.275 1.00 30.84 ? 33  ASN A CG  1 
ATOM   284  O  OD1 . ASN A 1 33 ? 3.827   -0.193  -17.418 1.00 34.05 ? 33  ASN A OD1 1 
ATOM   285  N  ND2 . ASN A 1 33 ? 3.732   -1.649  -15.701 1.00 29.71 ? 33  ASN A ND2 1 
ATOM   286  N  N   . ALA A 1 34 ? 1.881   2.823   -13.418 1.00 21.71 ? 34  ALA A N   1 
ATOM   287  C  CA  . ALA A 1 34 ? 1.218   4.111   -13.189 1.00 22.75 ? 34  ALA A CA  1 
ATOM   288  C  C   . ALA A 1 34 ? 2.108   5.078   -12.409 1.00 22.10 ? 34  ALA A C   1 
ATOM   289  O  O   . ALA A 1 34 ? 1.979   6.300   -12.540 1.00 23.60 ? 34  ALA A O   1 
ATOM   290  C  CB  . ALA A 1 34 ? -0.109  3.901   -12.464 1.00 22.10 ? 34  ALA A CB  1 
ATOM   291  N  N   . LYS A 1 35 ? 2.990   4.538   -11.566 1.00 21.72 ? 35  LYS A N   1 
ATOM   292  C  CA  . LYS A 1 35 ? 3.935   5.385   -10.849 1.00 23.09 ? 35  LYS A CA  1 
ATOM   293  C  C   . LYS A 1 35 ? 4.942   5.975   -11.838 1.00 25.47 ? 35  LYS A C   1 
ATOM   294  O  O   . LYS A 1 35 ? 5.336   7.131   -11.693 1.00 28.40 ? 35  LYS A O   1 
ATOM   295  C  CB  . LYS A 1 35 ? 4.639   4.608   -9.735  1.00 25.52 ? 35  LYS A CB  1 
ATOM   296  C  CG  . LYS A 1 35 ? 3.812   4.514   -8.473  1.00 26.01 ? 35  LYS A CG  1 
ATOM   297  C  CD  . LYS A 1 35 ? 4.241   3.336   -7.575  1.00 28.14 ? 35  LYS A CD  1 
ATOM   298  C  CE  . LYS A 1 35 ? 5.730   3.242   -7.442  1.00 33.22 ? 35  LYS A CE  1 
ATOM   299  N  NZ  . LYS A 1 35 ? 6.151   1.954   -6.749  1.00 36.37 ? 35  LYS A NZ  1 
ATOM   300  N  N   . ARG A 1 36 ? 5.313   5.203   -12.861 1.00 27.80 ? 36  ARG A N   1 
ATOM   301  C  CA  . ARG A 1 36 ? 6.241   5.667   -13.902 1.00 32.05 ? 36  ARG A CA  1 
ATOM   302  C  C   . ARG A 1 36 ? 5.577   6.612   -14.916 1.00 31.98 ? 36  ARG A C   1 
ATOM   303  O  O   . ARG A 1 36 ? 6.029   7.740   -15.135 1.00 31.31 ? 36  ARG A O   1 
ATOM   304  C  CB  . ARG A 1 36 ? 6.851   4.476   -14.651 1.00 34.31 ? 36  ARG A CB  1 
ATOM   305  C  CG  . ARG A 1 36 ? 7.958   3.761   -13.912 1.00 41.97 ? 36  ARG A CG  1 
ATOM   306  C  CD  . ARG A 1 36 ? 8.513   2.614   -14.750 1.00 47.78 ? 36  ARG A CD  1 
ATOM   307  N  NE  . ARG A 1 36 ? 7.488   1.605   -15.018 1.00 52.71 ? 36  ARG A NE  1 
ATOM   308  C  CZ  . ARG A 1 36 ? 7.644   0.297   -14.827 1.00 58.32 ? 36  ARG A CZ  1 
ATOM   309  N  NH1 . ARG A 1 36 ? 8.792   -0.183  -14.364 1.00 60.58 ? 36  ARG A NH1 1 
ATOM   310  N  NH2 . ARG A 1 36 ? 6.644   -0.533  -15.099 1.00 55.14 ? 36  ARG A NH2 1 
ATOM   311  N  N   . THR A 1 37 ? 4.519   6.115   -15.548 1.00 27.40 ? 37  THR A N   1 
ATOM   312  C  CA  . THR A 1 37 ? 3.787   6.843   -16.569 1.00 27.90 ? 37  THR A CA  1 
ATOM   313  C  C   . THR A 1 37 ? 2.298   6.855   -16.218 1.00 23.08 ? 37  THR A C   1 
ATOM   314  O  O   . THR A 1 37 ? 1.557   6.024   -16.700 1.00 21.99 ? 37  THR A O   1 
ATOM   315  C  CB  . THR A 1 37 ? 3.987   6.199   -17.962 1.00 30.57 ? 37  THR A CB  1 
ATOM   316  O  OG1 . THR A 1 37 ? 3.645   4.803   -17.909 1.00 33.05 ? 37  THR A OG1 1 
ATOM   317  C  CG2 . THR A 1 37 ? 5.438   6.314   -18.394 1.00 33.18 ? 37  THR A CG2 1 
ATOM   318  N  N   . PRO A 1 38 ? 1.857   7.806   -15.388 1.00 24.75 ? 38  PRO A N   1 
ATOM   319  C  CA  . PRO A 1 38 ? 0.464   7.806   -14.906 1.00 26.15 ? 38  PRO A CA  1 
ATOM   320  C  C   . PRO A 1 38 ? -0.597  7.724   -16.002 1.00 25.09 ? 38  PRO A C   1 
ATOM   321  O  O   . PRO A 1 38 ? -1.641  7.123   -15.789 1.00 23.06 ? 38  PRO A O   1 
ATOM   322  C  CB  . PRO A 1 38 ? 0.353   9.136   -14.167 1.00 27.13 ? 38  PRO A CB  1 
ATOM   323  C  CG  . PRO A 1 38 ? 1.718   9.431   -13.738 1.00 28.63 ? 38  PRO A CG  1 
ATOM   324  C  CD  . PRO A 1 38 ? 2.652   8.874   -14.768 1.00 27.28 ? 38  PRO A CD  1 
ATOM   325  N  N   . PHE A 1 39 ? -0.333  8.301   -17.167 1.00 27.30 ? 39  PHE A N   1 
ATOM   326  C  CA  . PHE A 1 39 ? -1.376  8.402   -18.179 1.00 30.58 ? 39  PHE A CA  1 
ATOM   327  C  C   . PHE A 1 39 ? -1.168  7.459   -19.356 1.00 30.78 ? 39  PHE A C   1 
ATOM   328  O  O   . PHE A 1 39 ? -1.954  7.475   -20.301 1.00 29.14 ? 39  PHE A O   1 
ATOM   329  C  CB  . PHE A 1 39 ? -1.470  9.840   -18.693 1.00 31.60 ? 39  PHE A CB  1 
ATOM   330  C  CG  . PHE A 1 39 ? -1.575  10.861  -17.599 1.00 33.97 ? 39  PHE A CG  1 
ATOM   331  C  CD1 . PHE A 1 39 ? -2.540  10.746  -16.614 1.00 33.06 ? 39  PHE A CD1 1 
ATOM   332  C  CD2 . PHE A 1 39 ? -0.680  11.913  -17.534 1.00 38.28 ? 39  PHE A CD2 1 
ATOM   333  C  CE1 . PHE A 1 39 ? -2.627  11.679  -15.598 1.00 35.11 ? 39  PHE A CE1 1 
ATOM   334  C  CE2 . PHE A 1 39 ? -0.759  12.847  -16.522 1.00 39.21 ? 39  PHE A CE2 1 
ATOM   335  C  CZ  . PHE A 1 39 ? -1.727  12.732  -15.552 1.00 36.25 ? 39  PHE A CZ  1 
ATOM   336  N  N   . ALA A 1 40 ? -0.116  6.650   -19.306 1.00 31.07 ? 40  ALA A N   1 
ATOM   337  C  CA  . ALA A 1 40 ? 0.163   5.738   -20.408 1.00 34.95 ? 40  ALA A CA  1 
ATOM   338  C  C   . ALA A 1 40 ? 0.621   4.380   -19.905 1.00 30.79 ? 40  ALA A C   1 
ATOM   339  O  O   . ALA A 1 40 ? 0.809   4.182   -18.718 1.00 30.64 ? 40  ALA A O   1 
ATOM   340  C  CB  . ALA A 1 40 ? 1.212   6.339   -21.341 1.00 37.07 ? 40  ALA A CB  1 
ATOM   341  N  N   . GLY A 1 41 ? 0.790   3.441   -20.824 1.00 34.61 ? 41  GLY A N   1 
ATOM   342  C  CA  . GLY A 1 41 ? 1.282   2.128   -20.465 1.00 29.18 ? 41  GLY A CA  1 
ATOM   343  C  C   . GLY A 1 41 ? 0.201   1.091   -20.242 1.00 29.57 ? 41  GLY A C   1 
ATOM   344  O  O   . GLY A 1 41 ? -0.884  1.150   -20.823 1.00 33.14 ? 41  GLY A O   1 
ATOM   345  N  N   . LEU A 1 42 ? 0.520   0.140   -19.370 1.00 28.45 ? 42  LEU A N   1 
ATOM   346  C  CA  . LEU A 1 42 ? -0.257  -1.073  -19.168 1.00 29.43 ? 42  LEU A CA  1 
ATOM   347  C  C   . LEU A 1 42 ? -1.711  -0.826  -18.765 1.00 28.04 ? 42  LEU A C   1 
ATOM   348  O  O   . LEU A 1 42 ? -2.010  0.075   -17.988 1.00 27.70 ? 42  LEU A O   1 
ATOM   349  C  CB  . LEU A 1 42 ? 0.445   -1.933  -18.107 1.00 27.53 ? 42  LEU A CB  1 
ATOM   350  C  CG  . LEU A 1 42 ? -0.074  -3.357  -17.929 1.00 30.82 ? 42  LEU A CG  1 
ATOM   351  C  CD1 . LEU A 1 42 ? 0.256   -4.174  -19.161 1.00 31.11 ? 42  LEU A CD1 1 
ATOM   352  C  CD2 . LEU A 1 42 ? 0.515   -3.981  -16.681 1.00 32.24 ? 42  LEU A CD2 1 
ATOM   353  N  N   . GLY A 1 43 ? -2.615  -1.626  -19.312 1.00 25.55 ? 43  GLY A N   1 
ATOM   354  C  CA  . GLY A 1 43 ? -3.995  -1.638  -18.857 1.00 28.58 ? 43  GLY A CA  1 
ATOM   355  C  C   . GLY A 1 43 ? -4.931  -0.643  -19.518 1.00 27.26 ? 43  GLY A C   1 
ATOM   356  O  O   . GLY A 1 43 ? -6.049  -0.437  -19.057 1.00 28.97 ? 43  GLY A O   1 
ATOM   357  N  N   . LYS A 1 44 ? -4.481  -0.045  -20.614 1.00 27.99 ? 44  LYS A N   1 
ATOM   358  C  CA  . LYS A 1 44 ? -5.260  0.943   -21.366 1.00 31.21 ? 44  LYS A CA  1 
ATOM   359  C  C   . LYS A 1 44 ? -5.895  2.022   -20.485 1.00 30.82 ? 44  LYS A C   1 
ATOM   360  O  O   . LYS A 1 44 ? -7.125  2.113   -20.398 1.00 26.35 ? 44  LYS A O   1 
ATOM   361  C  CB  . LYS A 1 44 ? -6.353  0.258   -22.187 1.00 34.97 ? 44  LYS A CB  1 
ATOM   362  C  CG  . LYS A 1 44 ? -5.829  -0.643  -23.301 1.00 44.23 ? 44  LYS A CG  1 
ATOM   363  N  N   . PRO A 1 45 ? -5.055  2.844   -19.844 1.00 30.51 ? 45  PRO A N   1 
ATOM   364  C  CA  . PRO A 1 45 ? -5.558  3.907   -18.969 1.00 28.76 ? 45  PRO A CA  1 
ATOM   365  C  C   . PRO A 1 45 ? -6.501  4.874   -19.676 1.00 35.10 ? 45  PRO A C   1 
ATOM   366  O  O   . PRO A 1 45 ? -6.236  5.337   -20.789 1.00 33.78 ? 45  PRO A O   1 
ATOM   367  C  CB  . PRO A 1 45 ? -4.285  4.620   -18.508 1.00 28.68 ? 45  PRO A CB  1 
ATOM   368  C  CG  . PRO A 1 45 ? -3.233  4.220   -19.480 1.00 29.16 ? 45  PRO A CG  1 
ATOM   369  C  CD  . PRO A 1 45 ? -3.584  2.843   -19.920 1.00 30.42 ? 45  PRO A CD  1 
ATOM   370  N  N   . GLU A 1 46 ? -7.594  5.198   -18.993 1.00 36.12 ? 46  GLU A N   1 
ATOM   371  C  CA  . GLU A 1 46 ? -8.595  6.124   -19.505 1.00 35.50 ? 46  GLU A CA  1 
ATOM   372  C  C   . GLU A 1 46 ? -9.132  6.981   -18.362 1.00 36.32 ? 46  GLU A C   1 
ATOM   373  O  O   . GLU A 1 46 ? -9.393  6.473   -17.272 1.00 29.72 ? 46  GLU A O   1 
ATOM   374  C  CB  . GLU A 1 46 ? -9.739  5.364   -20.178 1.00 39.65 ? 46  GLU A CB  1 
ATOM   375  C  CG  . GLU A 1 46 ? -10.750 4.776   -19.208 1.00 43.32 ? 46  GLU A CG  1 
ATOM   376  C  CD  . GLU A 1 46 ? -11.894 4.074   -19.913 1.00 46.39 ? 46  GLU A CD  1 
ATOM   377  O  OE1 . GLU A 1 46 ? -12.751 4.771   -20.497 1.00 46.28 ? 46  GLU A OE1 1 
ATOM   378  O  OE2 . GLU A 1 46 ? -11.937 2.826   -19.884 1.00 52.89 ? 46  GLU A OE2 1 
ATOM   379  N  N   . PRO A 1 47 ? -9.298  8.289   -18.610 1.00 35.33 ? 47  PRO A N   1 
ATOM   380  C  CA  . PRO A 1 47 ? -9.801  9.222   -17.603 1.00 36.28 ? 47  PRO A CA  1 
ATOM   381  C  C   . PRO A 1 47 ? -11.287 8.973   -17.338 1.00 31.79 ? 47  PRO A C   1 
ATOM   382  O  O   . PRO A 1 47 ? -12.017 8.648   -18.271 1.00 35.39 ? 47  PRO A O   1 
ATOM   383  C  CB  . PRO A 1 47 ? -9.558  10.594  -18.244 1.00 39.77 ? 47  PRO A CB  1 
ATOM   384  C  CG  . PRO A 1 47 ? -9.611  10.339  -19.699 1.00 37.70 ? 47  PRO A CG  1 
ATOM   385  C  CD  . PRO A 1 47 ? -9.135  8.928   -19.929 1.00 39.23 ? 47  PRO A CD  1 
ATOM   386  N  N   . LEU A 1 48 ? -11.718 9.089   -16.087 1.00 32.38 ? 48  LEU A N   1 
ATOM   387  C  CA  . LEU A 1 48 ? -13.135 8.946   -15.761 1.00 31.12 ? 48  LEU A CA  1 
ATOM   388  C  C   . LEU A 1 48 ? -13.764 10.334  -15.856 1.00 34.36 ? 48  LEU A C   1 
ATOM   389  O  O   . LEU A 1 48 ? -13.049 11.328  -15.841 1.00 31.92 ? 48  LEU A O   1 
ATOM   390  C  CB  . LEU A 1 48 ? -13.329 8.337   -14.369 1.00 30.78 ? 48  LEU A CB  1 
ATOM   391  C  CG  . LEU A 1 48 ? -12.572 7.046   -14.048 1.00 32.39 ? 48  LEU A CG  1 
ATOM   392  C  CD1 . LEU A 1 48 ? -12.992 6.516   -12.684 1.00 30.69 ? 48  LEU A CD1 1 
ATOM   393  C  CD2 . LEU A 1 48 ? -12.812 6.001   -15.120 1.00 34.06 ? 48  LEU A CD2 1 
ATOM   394  N  N   . LYS A 1 49 ? -15.085 10.413  -15.971 1.00 38.56 ? 49  LYS A N   1 
ATOM   395  C  CA  . LYS A 1 49 ? -15.735 11.716  -16.126 1.00 40.44 ? 49  LYS A CA  1 
ATOM   396  C  C   . LYS A 1 49 ? -16.560 12.076  -14.891 1.00 45.19 ? 49  LYS A C   1 
ATOM   397  O  O   . LYS A 1 49 ? -16.632 11.302  -13.934 1.00 34.14 ? 49  LYS A O   1 
ATOM   398  C  CB  . LYS A 1 49 ? -16.616 11.736  -17.376 1.00 46.40 ? 49  LYS A CB  1 
ATOM   399  C  CG  . LYS A 1 49 ? -16.700 13.105  -18.052 1.00 54.98 ? 49  LYS A CG  1 
ATOM   400  N  N   . GLY A 1 50 ? -17.165 13.263  -14.912 1.00 45.22 ? 50  GLY A N   1 
ATOM   401  C  CA  . GLY A 1 50 ? -18.035 13.709  -13.834 1.00 44.06 ? 50  GLY A CA  1 
ATOM   402  C  C   . GLY A 1 50 ? -17.378 13.798  -12.467 1.00 41.53 ? 50  GLY A C   1 
ATOM   403  O  O   . GLY A 1 50 ? -16.276 14.348  -12.326 1.00 41.07 ? 50  GLY A O   1 
ATOM   404  N  N   . ASP A 1 51 ? -18.057 13.243  -11.459 1.00 38.29 ? 51  ASP A N   1 
ATOM   405  C  CA  . ASP A 1 51 ? -17.572 13.261  -10.082 1.00 40.27 ? 51  ASP A CA  1 
ATOM   406  C  C   . ASP A 1 51 ? -16.269 12.471  -9.916  1.00 39.26 ? 51  ASP A C   1 
ATOM   407  O  O   . ASP A 1 51 ? -15.650 12.506  -8.851  1.00 46.13 ? 51  ASP A O   1 
ATOM   408  C  CB  . ASP A 1 51 ? -18.651 12.723  -9.126  1.00 43.15 ? 51  ASP A CB  1 
ATOM   409  C  CG  . ASP A 1 51 ? -19.006 11.265  -9.390  1.00 48.76 ? 51  ASP A CG  1 
ATOM   410  O  OD1 . ASP A 1 51 ? -18.988 10.839  -10.566 1.00 50.67 ? 51  ASP A OD1 1 
ATOM   411  O  OD2 . ASP A 1 51 ? -19.321 10.548  -8.417  1.00 52.44 ? 51  ASP A OD2 1 
ATOM   412  N  N   . MET A 1 52 ? -15.855 11.779  -10.979 1.00 41.51 ? 52  MET A N   1 
ATOM   413  C  CA  . MET A 1 52 ? -14.614 11.003  -10.978 1.00 36.75 ? 52  MET A CA  1 
ATOM   414  C  C   . MET A 1 52 ? -13.577 11.518  -11.989 1.00 40.77 ? 52  MET A C   1 
ATOM   415  O  O   . MET A 1 52 ? -12.608 10.826  -12.295 1.00 40.35 ? 52  MET A O   1 
ATOM   416  C  CB  . MET A 1 52 ? -14.927 9.528   -11.255 1.00 38.68 ? 52  MET A CB  1 
ATOM   417  C  CG  . MET A 1 52 ? -15.777 8.883   -10.162 1.00 41.89 ? 52  MET A CG  1 
ATOM   418  S  SD  . MET A 1 52 ? -14.911 8.717   -8.577  1.00 49.82 ? 52  MET A SD  1 
ATOM   419  C  CE  . MET A 1 52 ? -13.619 7.539   -9.007  1.00 44.64 ? 52  MET A CE  1 
ATOM   420  N  N   . ALA A 1 53 ? -13.784 12.740  -12.485 1.00 41.03 ? 53  ALA A N   1 
ATOM   421  C  CA  . ALA A 1 53 ? -12.903 13.396  -13.467 1.00 41.05 ? 53  ALA A CA  1 
ATOM   422  C  C   . ALA A 1 53 ? -11.397 13.162  -13.285 1.00 42.76 ? 53  ALA A C   1 
ATOM   423  O  O   . ALA A 1 53 ? -10.746 12.535  -14.139 1.00 40.28 ? 53  ALA A O   1 
ATOM   424  C  CB  . ALA A 1 53 ? -13.179 14.891  -13.471 1.00 43.00 ? 53  ALA A CB  1 
ATOM   425  N  N   . GLY A 1 54 ? -10.848 13.663  -12.180 1.00 44.06 ? 54  GLY A N   1 
ATOM   426  C  CA  . GLY A 1 54 ? -9.419  13.551  -11.917 1.00 37.17 ? 54  GLY A CA  1 
ATOM   427  C  C   . GLY A 1 54 ? -8.908  12.128  -11.764 1.00 32.65 ? 54  GLY A C   1 
ATOM   428  O  O   . GLY A 1 54 ? -7.706  11.878  -11.744 1.00 27.50 ? 54  GLY A O   1 
ATOM   429  N  N   . TYR A 1 55 ? -9.827  11.177  -11.673 1.00 29.96 ? 55  TYR A N   1 
ATOM   430  C  CA  . TYR A 1 55 ? -9.433  9.788   -11.472 1.00 27.97 ? 55  TYR A CA  1 
ATOM   431  C  C   . TYR A 1 55 ? -9.237  9.104   -12.823 1.00 27.23 ? 55  TYR A C   1 
ATOM   432  O  O   . TYR A 1 55 ? -9.828  9.508   -13.834 1.00 24.80 ? 55  TYR A O   1 
ATOM   433  C  CB  . TYR A 1 55 ? -10.481 9.081   -10.609 1.00 28.32 ? 55  TYR A CB  1 
ATOM   434  C  CG  . TYR A 1 55 ? -10.516 9.613   -9.185  1.00 30.44 ? 55  TYR A CG  1 
ATOM   435  C  CD1 . TYR A 1 55 ? -11.205 10.789  -8.863  1.00 35.76 ? 55  TYR A CD1 1 
ATOM   436  C  CD2 . TYR A 1 55 ? -9.835  8.964   -8.172  1.00 32.65 ? 55  TYR A CD2 1 
ATOM   437  C  CE1 . TYR A 1 55 ? -11.220 11.277  -7.558  1.00 38.44 ? 55  TYR A CE1 1 
ATOM   438  C  CE2 . TYR A 1 55 ? -9.843  9.444   -6.871  1.00 37.39 ? 55  TYR A CE2 1 
ATOM   439  C  CZ  . TYR A 1 55 ? -10.535 10.589  -6.568  1.00 37.14 ? 55  TYR A CZ  1 
ATOM   440  O  OH  . TYR A 1 55 ? -10.534 11.044  -5.266  1.00 48.02 ? 55  TYR A OH  1 
ATOM   441  N  N   . TRP A 1 56 ? -8.356  8.107   -12.841 1.00 23.25 ? 56  TRP A N   1 
ATOM   442  C  CA  . TRP A 1 56 ? -8.059  7.329   -14.027 1.00 24.78 ? 56  TRP A CA  1 
ATOM   443  C  C   . TRP A 1 56 ? -8.342  5.864   -13.754 1.00 21.60 ? 56  TRP A C   1 
ATOM   444  O  O   . TRP A 1 56 ? -8.367  5.439   -12.596 1.00 20.66 ? 56  TRP A O   1 
ATOM   445  C  CB  . TRP A 1 56 ? -6.605  7.512   -14.442 1.00 26.78 ? 56  TRP A CB  1 
ATOM   446  C  CG  . TRP A 1 56 ? -6.389  8.780   -15.152 1.00 28.96 ? 56  TRP A CG  1 
ATOM   447  C  CD1 . TRP A 1 56 ? -6.427  10.037  -14.626 1.00 30.00 ? 56  TRP A CD1 1 
ATOM   448  C  CD2 . TRP A 1 56 ? -6.100  8.927   -16.540 1.00 28.24 ? 56  TRP A CD2 1 
ATOM   449  N  NE1 . TRP A 1 56 ? -6.184  10.964  -15.616 1.00 30.42 ? 56  TRP A NE1 1 
ATOM   450  C  CE2 . TRP A 1 56 ? -5.979  10.301  -16.800 1.00 30.66 ? 56  TRP A CE2 1 
ATOM   451  C  CE3 . TRP A 1 56 ? -5.944  8.024   -17.594 1.00 27.42 ? 56  TRP A CE3 1 
ATOM   452  C  CZ2 . TRP A 1 56 ? -5.697  10.799  -18.080 1.00 30.40 ? 56  TRP A CZ2 1 
ATOM   453  C  CZ3 . TRP A 1 56 ? -5.665  8.516   -18.865 1.00 30.85 ? 56  TRP A CZ3 1 
ATOM   454  C  CH2 . TRP A 1 56 ? -5.541  9.889   -19.092 1.00 30.38 ? 56  TRP A CH2 1 
ATOM   455  N  N   . SER A 1 57 ? -8.529  5.104   -14.809 1.00 22.37 ? 57  SER A N   1 
ATOM   456  C  CA  . SER A 1 57 ? -8.806  3.695   -14.691 1.00 24.31 ? 57  SER A CA  1 
ATOM   457  C  C   . SER A 1 57 ? -8.017  2.818   -15.656 1.00 24.30 ? 57  SER A C   1 
ATOM   458  O  O   . SER A 1 57 ? -7.810  3.208   -16.759 1.00 28.54 ? 57  SER A O   1 
ATOM   459  C  CB  . SER A 1 57 ? -10.291 3.473   -14.907 1.00 25.29 ? 57  SER A CB  1 
ATOM   460  O  OG  . SER A 1 57 ? -10.634 2.135   -14.874 1.00 30.21 ? 57  SER A OG  1 
ATOM   461  N  N   . ARG A 1 58 ? -7.526  1.682   -15.198 1.00 22.56 ? 58  ARG A N   1 
ATOM   462  C  CA  . ARG A 1 58 ? -6.898  0.703   -16.069 1.00 24.48 ? 58  ARG A CA  1 
ATOM   463  C  C   . ARG A 1 58 ? -7.543  -0.671  -15.860 1.00 26.15 ? 58  ARG A C   1 
ATOM   464  O  O   . ARG A 1 58 ? -8.085  -0.969  -14.789 1.00 22.17 ? 58  ARG A O   1 
ATOM   465  C  CB  . ARG A 1 58 ? -5.396  0.614   -15.798 1.00 23.61 ? 58  ARG A CB  1 
ATOM   466  C  CG  . ARG A 1 58 ? -4.628  1.876   -16.087 1.00 22.57 ? 58  ARG A CG  1 
ATOM   467  C  CD  . ARG A 1 58 ? -3.210  1.786   -15.477 1.00 21.58 ? 58  ARG A CD  1 
ATOM   468  N  NE  . ARG A 1 58 ? -2.491  3.046   -15.591 1.00 20.11 ? 58  ARG A NE  1 
ATOM   469  C  CZ  . ARG A 1 58 ? -1.357  3.194   -16.266 1.00 21.24 ? 58  ARG A CZ  1 
ATOM   470  N  NH1 . ARG A 1 58 ? -0.794  2.139   -16.877 1.00 20.26 ? 58  ARG A NH1 1 
ATOM   471  N  NH2 . ARG A 1 58 ? -0.768  4.386   -16.295 1.00 20.62 ? 58  ARG A NH2 1 
ATOM   472  N  N   . ARG A 1 59 ? -7.476  -1.497  -16.894 1.00 25.19 ? 59  ARG A N   1 
ATOM   473  C  CA  . ARG A 1 59 ? -7.989  -2.857  -16.829 1.00 28.49 ? 59  ARG A CA  1 
ATOM   474  C  C   . ARG A 1 59 ? -7.069  -3.802  -16.068 1.00 26.03 ? 59  ARG A C   1 
ATOM   475  O  O   . ARG A 1 59 ? -5.896  -3.938  -16.389 1.00 29.06 ? 59  ARG A O   1 
ATOM   476  C  CB  . ARG A 1 59 ? -8.198  -3.406  -18.242 1.00 31.48 ? 59  ARG A CB  1 
ATOM   477  C  CG  . ARG A 1 59 ? -9.381  -2.819  -18.968 1.00 39.24 ? 59  ARG A CG  1 
ATOM   478  C  CD  . ARG A 1 59 ? -10.318 -3.913  -19.441 1.00 46.67 ? 59  ARG A CD  1 
ATOM   479  N  NE  . ARG A 1 59 ? -9.690  -4.817  -20.400 1.00 47.73 ? 59  ARG A NE  1 
ATOM   480  C  CZ  . ARG A 1 59 ? -10.374 -5.587  -21.238 1.00 54.90 ? 59  ARG A CZ  1 
ATOM   481  N  NH1 . ARG A 1 59 ? -11.702 -5.545  -21.233 1.00 54.05 ? 59  ARG A NH1 1 
ATOM   482  N  NH2 . ARG A 1 59 ? -9.736  -6.389  -22.084 1.00 57.88 ? 59  ARG A NH2 1 
ATOM   483  N  N   . ILE A 1 60 ? -7.611  -4.487  -15.073 1.00 25.02 ? 60  ILE A N   1 
ATOM   484  C  CA  . ILE A 1 60 ? -6.943  -5.652  -14.526 1.00 25.64 ? 60  ILE A CA  1 
ATOM   485  C  C   . ILE A 1 60 ? -7.379  -6.838  -15.379 1.00 26.60 ? 60  ILE A C   1 
ATOM   486  O  O   . ILE A 1 60 ? -6.556  -7.555  -15.942 1.00 28.01 ? 60  ILE A O   1 
ATOM   487  C  CB  . ILE A 1 60 ? -7.305  -5.880  -13.054 1.00 24.44 ? 60  ILE A CB  1 
ATOM   488  C  CG1 . ILE A 1 60 ? -7.165  -4.585  -12.256 1.00 22.29 ? 60  ILE A CG1 1 
ATOM   489  C  CG2 . ILE A 1 60 ? -6.462  -6.997  -12.422 1.00 23.78 ? 60  ILE A CG2 1 
ATOM   490  C  CD1 . ILE A 1 60 ? -7.704  -4.754  -10.807 1.00 23.29 ? 60  ILE A CD1 1 
ATOM   491  N  N   . THR A 1 61 ? -8.690  -7.061  -15.414 1.00 30.25 ? 61  THR A N   1 
ATOM   492  C  CA  . THR A 1 61 ? -9.329  -7.951  -16.388 1.00 30.06 ? 61  THR A CA  1 
ATOM   493  C  C   . THR A 1 61 ? -10.550 -7.233  -16.943 1.00 29.19 ? 61  THR A C   1 
ATOM   494  O  O   . THR A 1 61 ? -10.793 -6.087  -16.588 1.00 28.42 ? 61  THR A O   1 
ATOM   495  C  CB  . THR A 1 61 ? -9.757  -9.283  -15.770 1.00 29.26 ? 61  THR A CB  1 
ATOM   496  O  OG1 . THR A 1 61 ? -10.764 -9.054  -14.770 1.00 30.18 ? 61  THR A OG1 1 
ATOM   497  C  CG2 . THR A 1 61 ? -8.575  -9.967  -15.142 1.00 29.45 ? 61  THR A CG2 1 
ATOM   498  N  N   . ALA A 1 62 ? -11.331 -7.900  -17.792 1.00 32.05 ? 62  ALA A N   1 
ATOM   499  C  CA  . ALA A 1 62 ? -12.518 -7.259  -18.355 1.00 35.33 ? 62  ALA A CA  1 
ATOM   500  C  C   . ALA A 1 62 ? -13.504 -6.883  -17.246 1.00 36.15 ? 62  ALA A C   1 
ATOM   501  O  O   . ALA A 1 62 ? -14.186 -5.856  -17.329 1.00 39.97 ? 62  ALA A O   1 
ATOM   502  C  CB  . ALA A 1 62 ? -13.180 -8.161  -19.377 1.00 36.99 ? 62  ALA A CB  1 
ATOM   503  N  N   . GLU A 1 63 ? -13.553 -7.700  -16.196 1.00 33.24 ? 63  GLU A N   1 
ATOM   504  C  CA  . GLU A 1 63 ? -14.524 -7.505  -15.121 1.00 32.53 ? 63  GLU A CA  1 
ATOM   505  C  C   . GLU A 1 63 ? -13.991 -6.709  -13.928 1.00 30.54 ? 63  GLU A C   1 
ATOM   506  O  O   . GLU A 1 63 ? -14.754 -6.373  -13.021 1.00 24.80 ? 63  GLU A O   1 
ATOM   507  C  CB  . GLU A 1 63 ? -15.046 -8.856  -14.625 1.00 38.81 ? 63  GLU A CB  1 
ATOM   508  C  CG  . GLU A 1 63 ? -16.007 -9.564  -15.584 1.00 44.57 ? 63  GLU A CG  1 
ATOM   509  C  CD  . GLU A 1 63 ? -17.144 -8.672  -16.076 1.00 45.87 ? 63  GLU A CD  1 
ATOM   510  O  OE1 . GLU A 1 63 ? -17.696 -7.886  -15.268 1.00 38.21 ? 63  GLU A OE1 1 
ATOM   511  O  OE2 . GLU A 1 63 ? -17.498 -8.771  -17.273 1.00 55.40 ? 63  GLU A OE2 1 
ATOM   512  N  N   . HIS A 1 64 ? -12.697 -6.395  -13.923 1.00 22.64 ? 64  HIS A N   1 
ATOM   513  C  CA  . HIS A 1 64 ? -12.118 -5.750  -12.741 1.00 23.04 ? 64  HIS A CA  1 
ATOM   514  C  C   . HIS A 1 64 ? -11.218 -4.610  -13.119 1.00 21.75 ? 64  HIS A C   1 
ATOM   515  O  O   . HIS A 1 64 ? -10.291 -4.791  -13.920 1.00 23.17 ? 64  HIS A O   1 
ATOM   516  C  CB  . HIS A 1 64 ? -11.336 -6.762  -11.894 1.00 20.25 ? 64  HIS A CB  1 
ATOM   517  C  CG  . HIS A 1 64 ? -12.191 -7.866  -11.352 1.00 22.23 ? 64  HIS A CG  1 
ATOM   518  N  ND1 . HIS A 1 64 ? -13.093 -7.665  -10.334 1.00 21.15 ? 64  HIS A ND1 1 
ATOM   519  C  CD2 . HIS A 1 64 ? -12.294 -9.170  -11.702 1.00 23.14 ? 64  HIS A CD2 1 
ATOM   520  C  CE1 . HIS A 1 64 ? -13.719 -8.804  -10.075 1.00 24.21 ? 64  HIS A CE1 1 
ATOM   521  N  NE2 . HIS A 1 64 ? -13.252 -9.730  -10.890 1.00 23.01 ? 64  HIS A NE2 1 
ATOM   522  N  N   . ARG A 1 65 ? -11.465 -3.453  -12.513 1.00 19.12 ? 65  ARG A N   1 
ATOM   523  C  CA  . ARG A 1 65 ? -10.735 -2.247  -12.876 1.00 20.49 ? 65  ARG A CA  1 
ATOM   524  C  C   . ARG A 1 65 ? -9.923  -1.683  -11.713 1.00 20.06 ? 65  ARG A C   1 
ATOM   525  O  O   . ARG A 1 65 ? -10.266 -1.845  -10.523 1.00 19.55 ? 65  ARG A O   1 
ATOM   526  C  CB  . ARG A 1 65 ? -11.702 -1.176  -13.405 1.00 24.78 ? 65  ARG A CB  1 
ATOM   527  C  CG  . ARG A 1 65 ? -12.572 -1.648  -14.570 1.00 26.67 ? 65  ARG A CG  1 
ATOM   528  C  CD  . ARG A 1 65 ? -11.751 -2.333  -15.670 1.00 31.33 ? 65  ARG A CD  1 
ATOM   529  N  NE  . ARG A 1 65 ? -12.603 -2.961  -16.682 1.00 35.68 ? 65  ARG A NE  1 
ATOM   530  C  CZ  . ARG A 1 65 ? -12.870 -2.413  -17.862 1.00 40.79 ? 65  ARG A CZ  1 
ATOM   531  N  NH1 . ARG A 1 65 ? -12.326 -1.246  -18.180 1.00 45.74 ? 65  ARG A NH1 1 
ATOM   532  N  NH2 . ARG A 1 65 ? -13.654 -3.039  -18.732 1.00 41.06 ? 65  ARG A NH2 1 
ATOM   533  N  N   . PHE A 1 66 ? -8.818  -1.050  -12.086 1.00 19.12 ? 66  PHE A N   1 
ATOM   534  C  CA  . PHE A 1 66 ? -7.878  -0.428  -11.162 1.00 18.62 ? 66  PHE A CA  1 
ATOM   535  C  C   . PHE A 1 66 ? -8.096  1.064   -11.324 1.00 18.51 ? 66  PHE A C   1 
ATOM   536  O  O   . PHE A 1 66 ? -7.764  1.622   -12.367 1.00 18.78 ? 66  PHE A O   1 
ATOM   537  C  CB  . PHE A 1 66 ? -6.429  -0.876  -11.507 1.00 18.13 ? 66  PHE A CB  1 
ATOM   538  C  CG  . PHE A 1 66 ? -5.324  -0.175  -10.726 1.00 18.62 ? 66  PHE A CG  1 
ATOM   539  C  CD1 . PHE A 1 66 ? -4.963  -0.602  -9.465  1.00 19.56 ? 66  PHE A CD1 1 
ATOM   540  C  CD2 . PHE A 1 66 ? -4.608  0.873   -11.301 1.00 20.40 ? 66  PHE A CD2 1 
ATOM   541  C  CE1 . PHE A 1 66 ? -3.933  0.011   -8.766  1.00 19.56 ? 66  PHE A CE1 1 
ATOM   542  C  CE2 . PHE A 1 66 ? -3.585  1.516   -10.595 1.00 19.77 ? 66  PHE A CE2 1 
ATOM   543  C  CZ  . PHE A 1 66 ? -3.250  1.076   -9.325  1.00 18.14 ? 66  PHE A CZ  1 
ATOM   544  N  N   . VAL A 1 67 ? -8.692  1.688   -10.310 1.00 17.39 ? 67  VAL A N   1 
ATOM   545  C  CA  . VAL A 1 67 ? -8.974  3.119   -10.355 1.00 17.40 ? 67  VAL A CA  1 
ATOM   546  C  C   . VAL A 1 67 ? -8.021  3.843   -9.398  1.00 16.09 ? 67  VAL A C   1 
ATOM   547  O  O   . VAL A 1 67 ? -7.816  3.430   -8.251  1.00 16.92 ? 67  VAL A O   1 
ATOM   548  C  CB  . VAL A 1 67 ? -10.452 3.410   -10.006 1.00 19.92 ? 67  VAL A CB  1 
ATOM   549  C  CG1 . VAL A 1 67 ? -10.749 4.931   -10.116 1.00 22.41 ? 67  VAL A CG1 1 
ATOM   550  C  CG2 . VAL A 1 67 ? -11.378 2.619   -10.930 1.00 19.78 ? 67  VAL A CG2 1 
ATOM   551  N  N   . TYR A 1 68 ? -7.435  4.934   -9.883  1.00 18.31 ? 68  TYR A N   1 
ATOM   552  C  CA  . TYR A 1 68 ? -6.372  5.603   -9.146  1.00 18.15 ? 68  TYR A CA  1 
ATOM   553  C  C   . TYR A 1 68 ? -6.304  7.070   -9.501  1.00 19.24 ? 68  TYR A C   1 
ATOM   554  O  O   . TYR A 1 68 ? -6.947  7.531   -10.452 1.00 19.91 ? 68  TYR A O   1 
ATOM   555  C  CB  . TYR A 1 68 ? -5.014  4.942   -9.464  1.00 17.67 ? 68  TYR A CB  1 
ATOM   556  C  CG  . TYR A 1 68 ? -4.654  5.108   -10.929 1.00 17.89 ? 68  TYR A CG  1 
ATOM   557  C  CD1 . TYR A 1 68 ? -5.211  4.280   -11.906 1.00 18.66 ? 68  TYR A CD1 1 
ATOM   558  C  CD2 . TYR A 1 68 ? -3.762  6.098   -11.333 1.00 19.74 ? 68  TYR A CD2 1 
ATOM   559  C  CE1 . TYR A 1 68 ? -4.896  4.441   -13.249 1.00 20.05 ? 68  TYR A CE1 1 
ATOM   560  C  CE2 . TYR A 1 68 ? -3.430  6.253   -12.660 1.00 18.11 ? 68  TYR A CE2 1 
ATOM   561  C  CZ  . TYR A 1 68 ? -4.008  5.434   -13.614 1.00 19.66 ? 68  TYR A CZ  1 
ATOM   562  O  OH  . TYR A 1 68 ? -3.680  5.615   -14.944 1.00 21.31 ? 68  TYR A OH  1 
ATOM   563  N  N   . ARG A 1 69 ? -5.498  7.790   -8.740  1.00 20.86 ? 69  ARG A N   1 
ATOM   564  C  CA  . ARG A 1 69 ? -5.174  9.166   -9.069  1.00 23.44 ? 69  ARG A CA  1 
ATOM   565  C  C   . ARG A 1 69 ? -3.761  9.451   -8.612  1.00 24.19 ? 69  ARG A C   1 
ATOM   566  O  O   . ARG A 1 69 ? -3.398  9.130   -7.494  1.00 18.58 ? 69  ARG A O   1 
ATOM   567  C  CB  . ARG A 1 69 ? -6.168  10.128  -8.399  1.00 27.94 ? 69  ARG A CB  1 
ATOM   568  C  CG  . ARG A 1 69 ? -5.887  11.601  -8.617  1.00 36.53 ? 69  ARG A CG  1 
ATOM   569  C  CD  . ARG A 1 69 ? -6.965  12.470  -7.957  1.00 35.95 ? 69  ARG A CD  1 
ATOM   570  N  NE  . ARG A 1 69 ? -7.067  12.251  -6.511  1.00 41.69 ? 69  ARG A NE  1 
ATOM   571  C  CZ  . ARG A 1 69 ? -7.965  12.847  -5.727  1.00 40.62 ? 69  ARG A CZ  1 
ATOM   572  N  NH1 . ARG A 1 69 ? -8.837  13.691  -6.252  1.00 38.02 ? 69  ARG A NH1 1 
ATOM   573  N  NH2 . ARG A 1 69 ? -7.997  12.608  -4.423  1.00 42.48 ? 69  ARG A NH2 1 
ATOM   574  N  N   . VAL A 1 70 ? -2.956  10.055  -9.471  1.00 24.24 ? 70  VAL A N   1 
ATOM   575  C  CA  . VAL A 1 70 ? -1.632  10.485  -9.059  1.00 26.15 ? 70  VAL A CA  1 
ATOM   576  C  C   . VAL A 1 70 ? -1.729  11.946  -8.676  1.00 28.07 ? 70  VAL A C   1 
ATOM   577  O  O   . VAL A 1 70 ? -2.205  12.762  -9.466  1.00 27.90 ? 70  VAL A O   1 
ATOM   578  C  CB  . VAL A 1 70 ? -0.584  10.303  -10.170 1.00 26.97 ? 70  VAL A CB  1 
ATOM   579  C  CG1 . VAL A 1 70 ? 0.694   11.010  -9.789  1.00 30.02 ? 70  VAL A CG1 1 
ATOM   580  C  CG2 . VAL A 1 70 ? -0.314  8.821   -10.403 1.00 27.72 ? 70  VAL A CG2 1 
ATOM   581  N  N   . SER A 1 71 ? -1.310  12.265  -7.460  1.00 23.14 ? 71  SER A N   1 
ATOM   582  C  CA  . SER A 1 71 ? -1.367  13.647  -6.973  1.00 29.25 ? 71  SER A CA  1 
ATOM   583  C  C   . SER A 1 71 ? 0.005   14.113  -6.536  1.00 29.37 ? 71  SER A C   1 
ATOM   584  O  O   . SER A 1 71 ? 0.905   13.304  -6.339  1.00 26.60 ? 71  SER A O   1 
ATOM   585  C  CB  . SER A 1 71 ? -2.345  13.788  -5.800  1.00 28.45 ? 71  SER A CB  1 
ATOM   586  O  OG  . SER A 1 71 ? -3.659  13.426  -6.173  1.00 29.72 ? 71  SER A OG  1 
ATOM   587  N  N   . GLY A 1 72 ? 0.166   15.421  -6.379  1.00 28.89 ? 72  GLY A N   1 
ATOM   588  C  CA  . GLY A 1 72 ? 1.422   15.949  -5.891  1.00 32.10 ? 72  GLY A CA  1 
ATOM   589  C  C   . GLY A 1 72 ? 2.303   16.401  -7.035  1.00 39.75 ? 72  GLY A C   1 
ATOM   590  O  O   . GLY A 1 72 ? 2.094   16.034  -8.195  1.00 45.15 ? 72  GLY A O   1 
ATOM   591  N  N   . SER A 1 73 ? 3.300   17.216  -6.719  1.00 47.69 ? 73  SER A N   1 
ATOM   592  C  CA  . SER A 1 73 ? 4.080   17.846  -7.770  1.00 49.25 ? 73  SER A CA  1 
ATOM   593  C  C   . SER A 1 73 ? 5.557   17.549  -7.608  1.00 50.43 ? 73  SER A C   1 
ATOM   594  O  O   . SER A 1 73 ? 6.028   17.285  -6.500  1.00 46.97 ? 73  SER A O   1 
ATOM   595  C  CB  . SER A 1 73 ? 3.858   19.363  -7.776  1.00 45.24 ? 73  SER A CB  1 
ATOM   596  O  OG  . SER A 1 73 ? 4.069   19.898  -6.482  1.00 49.40 ? 73  SER A OG  1 
ATOM   597  N  N   . GLY A 1 74 ? 6.271   17.605  -8.728  1.00 50.05 ? 74  GLY A N   1 
ATOM   598  C  CA  . GLY A 1 74 ? 7.707   17.426  -8.746  1.00 54.80 ? 74  GLY A CA  1 
ATOM   599  C  C   . GLY A 1 74 ? 8.177   16.153  -8.073  1.00 52.42 ? 74  GLY A C   1 
ATOM   600  O  O   . GLY A 1 74 ? 8.008   15.056  -8.602  1.00 49.29 ? 74  GLY A O   1 
ATOM   601  N  N   . SER A 1 75 ? 8.751   16.312  -6.885  1.00 55.43 ? 75  SER A N   1 
ATOM   602  C  CA  . SER A 1 75 ? 9.515   15.252  -6.235  1.00 49.90 ? 75  SER A CA  1 
ATOM   603  C  C   . SER A 1 75 ? 8.772   14.564  -5.099  1.00 46.72 ? 75  SER A C   1 
ATOM   604  O  O   . SER A 1 75 ? 9.208   13.520  -4.607  1.00 51.74 ? 75  SER A O   1 
ATOM   605  C  CB  . SER A 1 75 ? 10.831  15.821  -5.707  1.00 50.59 ? 75  SER A CB  1 
ATOM   606  O  OG  . SER A 1 75 ? 10.617  17.076  -5.086  1.00 51.73 ? 75  SER A OG  1 
ATOM   607  N  N   . GLU A 1 76 ? 7.658   15.149  -4.674  1.00 40.41 ? 76  GLU A N   1 
ATOM   608  C  CA  . GLU A 1 76 ? 6.846   14.561  -3.613  1.00 43.11 ? 76  GLU A CA  1 
ATOM   609  C  C   . GLU A 1 76 ? 5.430   14.311  -4.118  1.00 40.60 ? 76  GLU A C   1 
ATOM   610  O  O   . GLU A 1 76 ? 4.547   15.159  -3.947  1.00 38.95 ? 76  GLU A O   1 
ATOM   611  C  CB  . GLU A 1 76 ? 6.825   15.468  -2.379  1.00 45.03 ? 76  GLU A CB  1 
ATOM   612  C  CG  . GLU A 1 76 ? 6.232   14.811  -1.133  1.00 51.23 ? 76  GLU A CG  1 
ATOM   613  C  CD  . GLU A 1 76 ? 6.512   15.606  0.131   1.00 54.88 ? 76  GLU A CD  1 
ATOM   614  O  OE1 . GLU A 1 76 ? 7.571   16.263  0.191   1.00 56.28 ? 76  GLU A OE1 1 
ATOM   615  O  OE2 . GLU A 1 76 ? 5.685   15.564  1.069   1.00 62.12 ? 76  GLU A OE2 1 
ATOM   616  N  N   . GLN A 1 77 ? 5.237   13.155  -4.759  1.00 35.31 ? 77  GLN A N   1 
ATOM   617  C  CA  . GLN A 1 77 ? 3.959   12.762  -5.348  1.00 29.01 ? 77  GLN A CA  1 
ATOM   618  C  C   . GLN A 1 77 ? 3.364   11.552  -4.635  1.00 25.81 ? 77  GLN A C   1 
ATOM   619  O  O   . GLN A 1 77 ? 4.032   10.928  -3.804  1.00 21.42 ? 77  GLN A O   1 
ATOM   620  C  CB  . GLN A 1 77 ? 4.122   12.444  -6.839  1.00 32.44 ? 77  GLN A CB  1 
ATOM   621  C  CG  . GLN A 1 77 ? 4.733   13.559  -7.675  1.00 36.55 ? 77  GLN A CG  1 
ATOM   622  C  CD  . GLN A 1 77 ? 4.825   13.212  -9.151  1.00 43.40 ? 77  GLN A CD  1 
ATOM   623  O  OE1 . GLN A 1 77 ? 4.171   12.282  -9.626  1.00 47.44 ? 77  GLN A OE1 1 
ATOM   624  N  NE2 . GLN A 1 77 ? 5.655   13.958  -9.886  1.00 39.38 ? 77  GLN A NE2 1 
ATOM   625  N  N   . ARG A 1 78 ? 2.116   11.235  -4.961  1.00 20.76 ? 78  ARG A N   1 
ATOM   626  C  CA  . ARG A 1 78 ? 1.478   10.015  -4.430  1.00 20.79 ? 78  ARG A CA  1 
ATOM   627  C  C   . ARG A 1 78 ? 0.520   9.400   -5.446  1.00 22.25 ? 78  ARG A C   1 
ATOM   628  O  O   . ARG A 1 78 ? -0.078  10.102  -6.267  1.00 21.37 ? 78  ARG A O   1 
ATOM   629  C  CB  . ARG A 1 78 ? 0.742   10.315  -3.113  1.00 22.92 ? 78  ARG A CB  1 
ATOM   630  C  CG  . ARG A 1 78 ? -0.442  11.283  -3.285  1.00 25.19 ? 78  ARG A CG  1 
ATOM   631  C  CD  . ARG A 1 78 ? -1.037  11.711  -1.941  1.00 30.69 ? 78  ARG A CD  1 
ATOM   632  N  NE  . ARG A 1 78 ? -2.250  12.507  -2.127  1.00 32.58 ? 78  ARG A NE  1 
ATOM   633  C  CZ  . ARG A 1 78 ? -2.268  13.827  -2.302  1.00 30.85 ? 78  ARG A CZ  1 
ATOM   634  N  NH1 . ARG A 1 78 ? -1.139  14.522  -2.322  1.00 30.77 ? 78  ARG A NH1 1 
ATOM   635  N  NH2 . ARG A 1 78 ? -3.426  14.451  -2.467  1.00 28.62 ? 78  ARG A NH2 1 
ATOM   636  N  N   . LEU A 1 79 ? 0.422   8.071   -5.439  1.00 17.39 ? 79  LEU A N   1 
ATOM   637  C  CA  . LEU A 1 79 ? -0.586  7.388   -6.225  1.00 18.36 ? 79  LEU A CA  1 
ATOM   638  C  C   . LEU A 1 79 ? -1.610  6.884   -5.238  1.00 18.34 ? 79  LEU A C   1 
ATOM   639  O  O   . LEU A 1 79 ? -1.263  6.152   -4.321  1.00 16.86 ? 79  LEU A O   1 
ATOM   640  C  CB  . LEU A 1 79 ? -0.002  6.214   -7.021  1.00 18.58 ? 79  LEU A CB  1 
ATOM   641  C  CG  . LEU A 1 79 ? -0.983  5.580   -8.015  1.00 24.23 ? 79  LEU A CG  1 
ATOM   642  C  CD1 . LEU A 1 79 ? -0.239  5.032   -9.214  1.00 29.56 ? 79  LEU A CD1 1 
ATOM   643  C  CD2 . LEU A 1 79 ? -1.758  4.466   -7.354  1.00 24.83 ? 79  LEU A CD2 1 
ATOM   644  N  N   . GLU A 1 80 ? -2.863  7.286   -5.430  1.00 16.53 ? 80  GLU A N   1 
ATOM   645  C  CA  . GLU A 1 80 ? -3.949  6.868   -4.544  1.00 20.15 ? 80  GLU A CA  1 
ATOM   646  C  C   . GLU A 1 80 ? -4.741  5.801   -5.258  1.00 18.30 ? 80  GLU A C   1 
ATOM   647  O  O   . GLU A 1 80 ? -5.281  6.065   -6.334  1.00 17.36 ? 80  GLU A O   1 
ATOM   648  C  CB  . GLU A 1 80 ? -4.890  8.030   -4.210  1.00 24.40 ? 80  GLU A CB  1 
ATOM   649  C  CG  . GLU A 1 80 ? -4.448  9.009   -3.150  1.00 29.39 ? 80  GLU A CG  1 
ATOM   650  C  CD  . GLU A 1 80 ? -5.443  10.155  -3.029  1.00 36.96 ? 80  GLU A CD  1 
ATOM   651  O  OE1 . GLU A 1 80 ? -6.113  10.256  -1.977  1.00 39.13 ? 80  GLU A OE1 1 
ATOM   652  O  OE2 . GLU A 1 80 ? -5.553  10.947  -3.991  1.00 45.13 ? 80  GLU A OE2 1 
ATOM   653  N  N   . VAL A 1 81 ? -4.836  4.609   -4.672  1.00 18.48 ? 81  VAL A N   1 
ATOM   654  C  CA  . VAL A 1 81 ? -5.679  3.563   -5.238  1.00 19.09 ? 81  VAL A CA  1 
ATOM   655  C  C   . VAL A 1 81 ? -7.069  3.617   -4.613  1.00 19.58 ? 81  VAL A C   1 
ATOM   656  O  O   . VAL A 1 81 ? -7.214  3.476   -3.398  1.00 19.77 ? 81  VAL A O   1 
ATOM   657  C  CB  . VAL A 1 81 ? -5.087  2.167   -5.012  1.00 19.00 ? 81  VAL A CB  1 
ATOM   658  C  CG1 . VAL A 1 81 ? -6.000  1.075   -5.652  1.00 18.22 ? 81  VAL A CG1 1 
ATOM   659  C  CG2 . VAL A 1 81 ? -3.662  2.122   -5.529  1.00 20.43 ? 81  VAL A CG2 1 
ATOM   660  N  N   . ILE A 1 82 ? -8.074  3.799   -5.459  1.00 22.30 ? 82  ILE A N   1 
ATOM   661  C  CA  . ILE A 1 82 ? -9.458  3.950   -5.046  1.00 24.66 ? 82  ILE A CA  1 
ATOM   662  C  C   . ILE A 1 82 ? -10.193 2.619   -5.118  1.00 22.59 ? 82  ILE A C   1 
ATOM   663  O  O   . ILE A 1 82 ? -11.025 2.314   -4.260  1.00 19.99 ? 82  ILE A O   1 
ATOM   664  C  CB  . ILE A 1 82 ? -10.176 5.002   -5.928  1.00 29.38 ? 82  ILE A CB  1 
ATOM   665  C  CG1 . ILE A 1 82 ? -9.345  6.281   -5.975  1.00 33.56 ? 82  ILE A CG1 1 
ATOM   666  C  CG2 . ILE A 1 82 ? -11.573 5.294   -5.411  1.00 35.82 ? 82  ILE A CG2 1 
ATOM   667  C  CD1 . ILE A 1 82 ? -9.003  6.831   -4.614  1.00 33.09 ? 82  ILE A CD1 1 
ATOM   668  N  N   . GLN A 1 83 ? -9.876  1.826   -6.137  1.00 19.83 ? 83  GLN A N   1 
ATOM   669  C  CA  . GLN A 1 83 ? -10.507 0.515   -6.319  1.00 21.32 ? 83  GLN A CA  1 
ATOM   670  C  C   . GLN A 1 83 ? -9.553  -0.449  -7.035  1.00 19.01 ? 83  GLN A C   1 
ATOM   671  O  O   . GLN A 1 83 ? -8.762  -0.017  -7.859  1.00 17.12 ? 83  GLN A O   1 
ATOM   672  C  CB  . GLN A 1 83 ? -11.834 0.698   -7.097  1.00 24.13 ? 83  GLN A CB  1 
ATOM   673  C  CG  . GLN A 1 83 ? -12.200 -0.355  -8.127  1.00 29.63 ? 83  GLN A CG  1 
ATOM   674  C  CD  . GLN A 1 83 ? -13.431 0.047   -8.941  1.00 33.04 ? 83  GLN A CD  1 
ATOM   675  O  OE1 . GLN A 1 83 ? -14.079 1.071   -8.667  1.00 33.86 ? 83  GLN A OE1 1 
ATOM   676  N  NE2 . GLN A 1 83 ? -13.746 -0.744  -9.954  1.00 35.47 ? 83  GLN A NE2 1 
ATOM   677  N  N   . CYS A 1 84 ? -9.610  -1.746  -6.733  1.00 17.36 ? 84  CYS A N   1 
ATOM   678  C  CA  . CYS A 1 84 ? -8.856  -2.725  -7.512  1.00 18.14 ? 84  CYS A CA  1 
ATOM   679  C  C   . CYS A 1 84 ? -9.681  -4.014  -7.675  1.00 18.89 ? 84  CYS A C   1 
ATOM   680  O  O   . CYS A 1 84 ? -9.164  -5.141  -7.620  1.00 19.06 ? 84  CYS A O   1 
ATOM   681  C  CB  . CYS A 1 84 ? -7.486  -3.017  -6.861  1.00 19.12 ? 84  CYS A CB  1 
ATOM   682  S  SG  . CYS A 1 84 ? -7.583  -3.845  -5.265  1.00 20.28 ? 84  CYS A SG  1 
ATOM   683  N  N   . ARG A 1 85 ? -10.980 -3.818  -7.889  1.00 19.18 ? 85  ARG A N   1 
ATOM   684  C  CA  . ARG A 1 85 ? -11.939 -4.912  -8.004  1.00 19.55 ? 85  ARG A CA  1 
ATOM   685  C  C   . ARG A 1 85 ? -13.241 -4.351  -8.578  1.00 19.52 ? 85  ARG A C   1 
ATOM   686  O  O   . ARG A 1 85 ? -13.621 -3.236  -8.243  1.00 19.17 ? 85  ARG A O   1 
ATOM   687  C  CB  . ARG A 1 85 ? -12.178 -5.558  -6.635  1.00 20.03 ? 85  ARG A CB  1 
ATOM   688  C  CG  . ARG A 1 85 ? -12.918 -6.896  -6.672  1.00 20.96 ? 85  ARG A CG  1 
ATOM   689  C  CD  . ARG A 1 85 ? -12.958 -7.490  -5.268  1.00 21.44 ? 85  ARG A CD  1 
ATOM   690  N  NE  . ARG A 1 85 ? -13.814 -8.670  -5.182  1.00 22.37 ? 85  ARG A NE  1 
ATOM   691  C  CZ  . ARG A 1 85 ? -14.401 -9.080  -4.060  1.00 19.61 ? 85  ARG A CZ  1 
ATOM   692  N  NH1 . ARG A 1 85 ? -14.239 -8.410  -2.931  1.00 20.49 ? 85  ARG A NH1 1 
ATOM   693  N  NH2 . ARG A 1 85 ? -15.166 -10.157 -4.072  1.00 21.79 ? 85  ARG A NH2 1 
ATOM   694  N  N   . PHE A 1 86 ? -13.892 -5.121  -9.443  1.00 18.32 ? 86  PHE A N   1 
ATOM   695  C  CA  . PHE A 1 86 ? -15.181 -4.767  -10.057 1.00 20.93 ? 86  PHE A CA  1 
ATOM   696  C  C   . PHE A 1 86 ? -15.094 -3.635  -11.082 1.00 25.95 ? 86  PHE A C   1 
ATOM   697  O  O   . PHE A 1 86 ? -14.036 -3.032  -11.287 1.00 22.72 ? 86  PHE A O   1 
ATOM   698  C  CB  . PHE A 1 86 ? -16.216 -4.393  -8.984  1.00 19.64 ? 86  PHE A CB  1 
ATOM   699  C  CG  . PHE A 1 86 ? -16.414 -5.463  -7.951  1.00 18.64 ? 86  PHE A CG  1 
ATOM   700  C  CD1 . PHE A 1 86 ? -16.771 -6.751  -8.336  1.00 20.08 ? 86  PHE A CD1 1 
ATOM   701  C  CD2 . PHE A 1 86 ? -16.252 -5.180  -6.608  1.00 18.36 ? 86  PHE A CD2 1 
ATOM   702  C  CE1 . PHE A 1 86 ? -16.948 -7.735  -7.392  1.00 19.42 ? 86  PHE A CE1 1 
ATOM   703  C  CE2 . PHE A 1 86 ? -16.424 -6.158  -5.660  1.00 20.05 ? 86  PHE A CE2 1 
ATOM   704  C  CZ  . PHE A 1 86 ? -16.762 -7.444  -6.056  1.00 20.68 ? 86  PHE A CZ  1 
ATOM   705  N  N   . HIS A 1 87 ? -16.219 -3.359  -11.738 1.00 27.77 ? 87  HIS A N   1 
ATOM   706  C  CA  . HIS A 1 87 ? -16.309 -2.199  -12.634 1.00 32.65 ? 87  HIS A CA  1 
ATOM   707  C  C   . HIS A 1 87 ? -16.381 -0.893  -11.837 1.00 35.42 ? 87  HIS A C   1 
ATOM   708  O  O   . HIS A 1 87 ? -16.751 -0.912  -10.660 1.00 34.08 ? 87  HIS A O   1 
ATOM   709  C  CB  . HIS A 1 87 ? -17.513 -2.342  -13.565 1.00 38.71 ? 87  HIS A CB  1 
ATOM   710  C  CG  . HIS A 1 87 ? -17.308 -3.351  -14.653 1.00 44.63 ? 87  HIS A CG  1 
ATOM   711  N  ND1 . HIS A 1 87 ? -16.658 -3.052  -15.828 1.00 50.43 ? 87  HIS A ND1 1 
ATOM   712  C  CD2 . HIS A 1 87 ? -17.666 -4.658  -14.737 1.00 45.86 ? 87  HIS A CD2 1 
ATOM   713  C  CE1 . HIS A 1 87 ? -16.621 -4.131  -16.595 1.00 50.81 ? 87  HIS A CE1 1 
ATOM   714  N  NE2 . HIS A 1 87 ? -17.226 -5.116  -15.957 1.00 50.49 ? 87  HIS A NE2 1 
ATOM   715  N  N   . TYR A 1 88 ? -16.052 0.223   -12.501 1.00 30.00 ? 88  TYR A N   1 
ATOM   716  C  CA  . TYR A 1 88 ? -15.645 1.497   -11.863 1.00 30.00 ? 88  TYR A CA  1 
ATOM   717  C  C   . TYR A 1 88 ? -16.247 1.850   -10.516 1.00 30.00 ? 88  TYR A C   1 
ATOM   718  O  O   . TYR A 1 88 ? -15.873 2.887   -9.937  1.00 30.00 ? 88  TYR A O   1 
ATOM   719  C  CB  . TYR A 1 88 ? -15.921 2.687   -12.804 1.00 30.00 ? 88  TYR A CB  1 
ATOM   720  C  CG  . TYR A 1 88 ? -15.129 2.602   -14.071 1.00 30.00 ? 88  TYR A CG  1 
ATOM   721  C  CD1 . TYR A 1 88 ? -13.911 1.971   -14.058 1.00 30.00 ? 88  TYR A CD1 1 
ATOM   722  C  CD2 . TYR A 1 88 ? -15.574 3.169   -15.277 1.00 30.00 ? 88  TYR A CD2 1 
ATOM   723  C  CE1 . TYR A 1 88 ? -13.176 1.844   -15.170 1.00 30.00 ? 88  TYR A CE1 1 
ATOM   724  C  CE2 . TYR A 1 88 ? -14.794 3.058   -16.446 1.00 30.00 ? 88  TYR A CE2 1 
ATOM   725  C  CZ  . TYR A 1 88 ? -13.584 2.397   -16.359 1.00 30.00 ? 88  TYR A CZ  1 
ATOM   726  O  OH  . TYR A 1 88 ? -12.735 2.229   -17.426 1.00 30.00 ? 88  TYR A OH  1 
ATOM   727  N  N   . MET B 1 1  ? -9.416  4.697   7.711   1.00 51.12 ? 1   MET B N   1 
ATOM   728  C  CA  . MET B 1 1  ? -7.989  4.907   7.905   1.00 48.63 ? 1   MET B CA  1 
ATOM   729  C  C   . MET B 1 1  ? -7.206  4.505   6.654   1.00 45.62 ? 1   MET B C   1 
ATOM   730  O  O   . MET B 1 1  ? -7.322  3.368   6.175   1.00 44.70 ? 1   MET B O   1 
ATOM   731  C  CB  . MET B 1 1  ? -7.501  4.117   9.115   1.00 53.11 ? 1   MET B CB  1 
ATOM   732  C  CG  . MET B 1 1  ? -6.063  4.393   9.502   1.00 53.44 ? 1   MET B CG  1 
ATOM   733  S  SD  . MET B 1 1  ? -5.529  3.328   10.853  1.00 63.04 ? 1   MET B SD  1 
ATOM   734  C  CE  . MET B 1 1  ? -4.094  4.233   11.440  1.00 58.10 ? 1   MET B CE  1 
ATOM   735  N  N   . LYS B 1 2  ? -6.413  5.435   6.124   1.00 36.48 ? 2   LYS B N   1 
ATOM   736  C  CA  . LYS B 1 2  ? -5.673  5.167   4.895   1.00 34.27 ? 2   LYS B CA  1 
ATOM   737  C  C   . LYS B 1 2  ? -4.292  4.551   5.151   1.00 28.75 ? 2   LYS B C   1 
ATOM   738  O  O   . LYS B 1 2  ? -3.634  4.804   6.173   1.00 27.91 ? 2   LYS B O   1 
ATOM   739  C  CB  . LYS B 1 2  ? -5.540  6.440   4.065   1.00 35.60 ? 2   LYS B CB  1 
ATOM   740  C  CG  . LYS B 1 2  ? -6.864  6.865   3.429   1.00 38.80 ? 2   LYS B CG  1 
ATOM   741  C  CD  . LYS B 1 2  ? -6.760  8.171   2.707   1.00 44.79 ? 2   LYS B CD  1 
ATOM   742  C  CE  . LYS B 1 2  ? -8.141  8.693   2.342   1.00 43.08 ? 2   LYS B CE  1 
ATOM   743  N  NZ  . LYS B 1 2  ? -8.066  10.109  1.877   1.00 49.15 ? 2   LYS B NZ  1 
ATOM   744  N  N   . LEU B 1 3  ? -3.885  3.711   4.208   1.00 24.52 ? 3   LEU B N   1 
ATOM   745  C  CA  . LEU B 1 3  ? -2.642  2.951   4.303   1.00 20.77 ? 3   LEU B CA  1 
ATOM   746  C  C   . LEU B 1 3  ? -1.645  3.523   3.320   1.00 19.48 ? 3   LEU B C   1 
ATOM   747  O  O   . LEU B 1 3  ? -1.912  3.520   2.113   1.00 19.04 ? 3   LEU B O   1 
ATOM   748  C  CB  . LEU B 1 3  ? -2.897  1.471   4.014   1.00 20.67 ? 3   LEU B CB  1 
ATOM   749  C  CG  . LEU B 1 3  ? -1.682  0.567   4.180   1.00 21.00 ? 3   LEU B CG  1 
ATOM   750  C  CD1 . LEU B 1 3  ? -1.074  0.716   5.550   1.00 20.13 ? 3   LEU B CD1 1 
ATOM   751  C  CD2 . LEU B 1 3  ? -2.090  -0.880  3.903   1.00 19.82 ? 3   LEU B CD2 1 
ATOM   752  N  N   . VAL B 1 4  ? -0.527  4.033   3.846   1.00 18.49 ? 4   VAL B N   1 
ATOM   753  C  CA  . VAL B 1 4  ? 0.477   4.727   3.043   1.00 18.99 ? 4   VAL B CA  1 
ATOM   754  C  C   . VAL B 1 4  ? 1.814   3.977   3.040   1.00 18.98 ? 4   VAL B C   1 
ATOM   755  O  O   . VAL B 1 4  ? 2.363   3.635   4.088   1.00 20.01 ? 4   VAL B O   1 
ATOM   756  C  CB  . VAL B 1 4  ? 0.710   6.165   3.547   1.00 20.04 ? 4   VAL B CB  1 
ATOM   757  C  CG1 . VAL B 1 4  ? 1.661   6.899   2.596   1.00 21.71 ? 4   VAL B CG1 1 
ATOM   758  C  CG2 . VAL B 1 4  ? -0.611  6.912   3.650   1.00 20.26 ? 4   VAL B CG2 1 
ATOM   759  N  N   . TRP B 1 5  ? 2.324   3.720   1.846   1.00 18.28 ? 5   TRP B N   1 
ATOM   760  C  CA  . TRP B 1 5  ? 3.647   3.134   1.694   1.00 16.62 ? 5   TRP B CA  1 
ATOM   761  C  C   . TRP B 1 5  ? 4.612   4.112   1.051   1.00 17.57 ? 5   TRP B C   1 
ATOM   762  O  O   . TRP B 1 5  ? 4.203   4.886   0.198   1.00 18.15 ? 5   TRP B O   1 
ATOM   763  C  CB  . TRP B 1 5  ? 3.591   1.908   0.802   1.00 15.40 ? 5   TRP B CB  1 
ATOM   764  C  CG  . TRP B 1 5  ? 2.646   0.869   1.242   1.00 15.62 ? 5   TRP B CG  1 
ATOM   765  C  CD1 . TRP B 1 5  ? 1.304   0.828   1.018   1.00 17.14 ? 5   TRP B CD1 1 
ATOM   766  C  CD2 . TRP B 1 5  ? 2.979   -0.335  1.948   1.00 15.01 ? 5   TRP B CD2 1 
ATOM   767  N  NE1 . TRP B 1 5  ? 0.770   -0.332  1.544   1.00 16.19 ? 5   TRP B NE1 1 
ATOM   768  C  CE2 . TRP B 1 5  ? 1.781   -1.064  2.118   1.00 16.87 ? 5   TRP B CE2 1 
ATOM   769  C  CE3 . TRP B 1 5  ? 4.177   -0.877  2.428   1.00 16.97 ? 5   TRP B CE3 1 
ATOM   770  C  CZ2 . TRP B 1 5  ? 1.738   -2.309  2.777   1.00 16.46 ? 5   TRP B CZ2 1 
ATOM   771  C  CZ3 . TRP B 1 5  ? 4.133   -2.143  3.088   1.00 16.52 ? 5   TRP B CZ3 1 
ATOM   772  C  CH2 . TRP B 1 5  ? 2.925   -2.822  3.260   1.00 17.48 ? 5   TRP B CH2 1 
ATOM   773  N  N   . THR B 1 6  ? 5.898   4.005   1.379   1.00 18.61 ? 6   THR B N   1 
ATOM   774  C  CA  . THR B 1 6  ? 6.914   4.768   0.637   1.00 20.03 ? 6   THR B CA  1 
ATOM   775  C  C   . THR B 1 6  ? 7.437   3.915   -0.503  1.00 20.30 ? 6   THR B C   1 
ATOM   776  O  O   . THR B 1 6  ? 7.055   2.760   -0.628  1.00 19.39 ? 6   THR B O   1 
ATOM   777  C  CB  . THR B 1 6  ? 8.093   5.167   1.496   1.00 22.80 ? 6   THR B CB  1 
ATOM   778  O  OG1 . THR B 1 6  ? 8.760   3.975   1.938   1.00 20.74 ? 6   THR B OG1 1 
ATOM   779  C  CG2 . THR B 1 6  ? 7.637   6.003   2.693   1.00 23.80 ? 6   THR B CG2 1 
ATOM   780  N  N   . LEU B 1 7  ? 8.325   4.459   -1.332  1.00 18.72 ? 7   LEU B N   1 
ATOM   781  C  CA  . LEU B 1 7  ? 8.869   3.622   -2.395  1.00 19.15 ? 7   LEU B CA  1 
ATOM   782  C  C   . LEU B 1 7  ? 9.624   2.452   -1.748  1.00 18.79 ? 7   LEU B C   1 
ATOM   783  O  O   . LEU B 1 7  ? 9.520   1.337   -2.210  1.00 17.69 ? 7   LEU B O   1 
ATOM   784  C  CB  . LEU B 1 7  ? 9.801   4.387   -3.308  1.00 20.02 ? 7   LEU B CB  1 
ATOM   785  C  CG  . LEU B 1 7  ? 9.175   5.287   -4.365  1.00 20.73 ? 7   LEU B CG  1 
ATOM   786  C  CD1 . LEU B 1 7  ? 10.262  6.169   -4.921  1.00 23.83 ? 7   LEU B CD1 1 
ATOM   787  C  CD2 . LEU B 1 7  ? 8.553   4.441   -5.470  1.00 24.70 ? 7   LEU B CD2 1 
ATOM   788  N  N   . SER B 1 8  ? 10.369  2.741   -0.683  1.00 18.20 ? 8   SER B N   1 
ATOM   789  C  CA  A SER B 1 8  ? 11.212  1.718   -0.043  0.65 18.62 ? 8   SER B CA  1 
ATOM   790  C  CA  B SER B 1 8  ? 11.209  1.725   -0.034  0.35 18.62 ? 8   SER B CA  1 
ATOM   791  C  C   . SER B 1 8  ? 10.390  0.625   0.637   1.00 18.02 ? 8   SER B C   1 
ATOM   792  O  O   . SER B 1 8  ? 10.685  -0.555  0.476   1.00 16.90 ? 8   SER B O   1 
ATOM   793  C  CB  A SER B 1 8  ? 12.154  2.360   0.987   0.65 23.22 ? 8   SER B CB  1 
ATOM   794  C  CB  B SER B 1 8  ? 12.141  2.379   0.995   0.35 23.22 ? 8   SER B CB  1 
ATOM   795  O  OG  A SER B 1 8  ? 13.037  1.394   1.534   0.65 27.34 ? 8   SER B OG  1 
ATOM   796  O  OG  B SER B 1 8  ? 13.076  3.234   0.361   0.35 27.34 ? 8   SER B OG  1 
ATOM   797  N  N   . SER B 1 9  ? 9.365   1.011   1.394   1.00 17.09 ? 9   SER B N   1 
ATOM   798  C  CA  . SER B 1 9  ? 8.572   -0.016  2.106   1.00 16.73 ? 9   SER B CA  1 
ATOM   799  C  C   . SER B 1 9  ? 7.660   -0.818  1.173   1.00 15.19 ? 9   SER B C   1 
ATOM   800  O  O   . SER B 1 9  ? 7.415   -2.016  1.415   1.00 13.72 ? 9   SER B O   1 
ATOM   801  C  CB  . SER B 1 9  ? 7.752   0.614   3.228   1.00 19.32 ? 9   SER B CB  1 
ATOM   802  O  OG  . SER B 1 9  ? 6.681   1.389   2.720   1.00 19.63 ? 9   SER B OG  1 
ATOM   803  N  N   . TRP B 1 10 ? 7.178   -0.210  0.092   1.00 14.45 ? 10  TRP B N   1 
ATOM   804  C  CA  . TRP B 1 10 ? 6.432   -1.000  -0.897  1.00 14.43 ? 10  TRP B CA  1 
ATOM   805  C  C   . TRP B 1 10 ? 7.384   -1.982  -1.578  1.00 14.47 ? 10  TRP B C   1 
ATOM   806  O  O   . TRP B 1 10 ? 7.001   -3.121  -1.886  1.00 13.91 ? 10  TRP B O   1 
ATOM   807  C  CB  . TRP B 1 10 ? 5.725   -0.109  -1.938  1.00 15.69 ? 10  TRP B CB  1 
ATOM   808  C  CG  . TRP B 1 10 ? 4.851   -0.908  -2.859  1.00 15.81 ? 10  TRP B CG  1 
ATOM   809  C  CD1 . TRP B 1 10 ? 5.032   -1.111  -4.203  1.00 15.74 ? 10  TRP B CD1 1 
ATOM   810  C  CD2 . TRP B 1 10 ? 3.663   -1.621  -2.501  1.00 13.82 ? 10  TRP B CD2 1 
ATOM   811  N  NE1 . TRP B 1 10 ? 4.020   -1.903  -4.700  1.00 15.22 ? 10  TRP B NE1 1 
ATOM   812  C  CE2 . TRP B 1 10 ? 3.174   -2.240  -3.675  1.00 14.07 ? 10  TRP B CE2 1 
ATOM   813  C  CE3 . TRP B 1 10 ? 2.973   -1.818  -1.291  1.00 14.53 ? 10  TRP B CE3 1 
ATOM   814  C  CZ2 . TRP B 1 10 ? 2.022   -3.038  -3.684  1.00 15.43 ? 10  TRP B CZ2 1 
ATOM   815  C  CZ3 . TRP B 1 10 ? 1.810   -2.608  -1.307  1.00 14.19 ? 10  TRP B CZ3 1 
ATOM   816  C  CH2 . TRP B 1 10 ? 1.360   -3.208  -2.498  1.00 14.49 ? 10  TRP B CH2 1 
ATOM   817  N  N   . ASP B 1 11 ? 8.630   -1.568  -1.797  1.00 14.96 ? 11  ASP B N   1 
ATOM   818  C  CA  . ASP B 1 11 ? 9.582   -2.482  -2.428  1.00 16.00 ? 11  ASP B CA  1 
ATOM   819  C  C   . ASP B 1 11 ? 9.845   -3.683  -1.495  1.00 15.64 ? 11  ASP B C   1 
ATOM   820  O  O   . ASP B 1 11 ? 9.941   -4.860  -1.959  1.00 17.95 ? 11  ASP B O   1 
ATOM   821  C  CB  . ASP B 1 11 ? 10.894  -1.763  -2.789  1.00 18.01 ? 11  ASP B CB  1 
ATOM   822  C  CG  . ASP B 1 11 ? 11.831  -2.666  -3.545  1.00 22.10 ? 11  ASP B CG  1 
ATOM   823  O  OD1 . ASP B 1 11 ? 11.679  -2.745  -4.774  1.00 26.45 ? 11  ASP B OD1 1 
ATOM   824  O  OD2 . ASP B 1 11 ? 12.670  -3.343  -2.902  1.00 26.62 ? 11  ASP B OD2 1 
ATOM   825  N  N   . ASP B 1 12 ? 9.927   -3.392  -0.198  1.00 14.81 ? 12  ASP B N   1 
ATOM   826  C  CA  . ASP B 1 12 ? 10.062  -4.430  0.847   1.00 17.05 ? 12  ASP B CA  1 
ATOM   827  C  C   . ASP B 1 12 ? 8.902   -5.432  0.750   1.00 15.92 ? 12  ASP B C   1 
ATOM   828  O  O   . ASP B 1 12 ? 9.077   -6.669  0.760   1.00 15.48 ? 12  ASP B O   1 
ATOM   829  C  CB  . ASP B 1 12 ? 10.036  -3.817  2.265   1.00 16.61 ? 12  ASP B CB  1 
ATOM   830  C  CG  . ASP B 1 12 ? 11.310  -3.044  2.651   1.00 21.38 ? 12  ASP B CG  1 
ATOM   831  O  OD1 . ASP B 1 12 ? 12.362  -3.200  1.995   1.00 22.92 ? 12  ASP B OD1 1 
ATOM   832  O  OD2 . ASP B 1 12 ? 11.250  -2.318  3.678   1.00 21.29 ? 12  ASP B OD2 1 
ATOM   833  N  N   . TYR B 1 13 ? 7.700   -4.871  0.673   1.00 13.71 ? 13  TYR B N   1 
ATOM   834  C  CA  . TYR B 1 13 ? 6.495   -5.692  0.683   1.00 14.48 ? 13  TYR B CA  1 
ATOM   835  C  C   . TYR B 1 13 ? 6.439   -6.569  -0.562  1.00 15.02 ? 13  TYR B C   1 
ATOM   836  O  O   . TYR B 1 13 ? 6.102   -7.753  -0.479  1.00 17.06 ? 13  TYR B O   1 
ATOM   837  C  CB  . TYR B 1 13 ? 5.268   -4.807  0.757   1.00 14.97 ? 13  TYR B CB  1 
ATOM   838  C  CG  . TYR B 1 13 ? 3.964   -5.525  0.975   1.00 14.23 ? 13  TYR B CG  1 
ATOM   839  C  CD1 . TYR B 1 13 ? 3.651   -6.098  2.211   1.00 15.05 ? 13  TYR B CD1 1 
ATOM   840  C  CD2 . TYR B 1 13 ? 3.012   -5.557  -0.031  1.00 16.50 ? 13  TYR B CD2 1 
ATOM   841  C  CE1 . TYR B 1 13 ? 2.416   -6.702  2.425   1.00 15.56 ? 13  TYR B CE1 1 
ATOM   842  C  CE2 . TYR B 1 13 ? 1.789   -6.183  0.156   1.00 16.41 ? 13  TYR B CE2 1 
ATOM   843  C  CZ  . TYR B 1 13 ? 1.501   -6.761  1.384   1.00 15.82 ? 13  TYR B CZ  1 
ATOM   844  O  OH  . TYR B 1 13 ? 0.260   -7.331  1.569   1.00 17.48 ? 13  TYR B OH  1 
ATOM   845  N  N   . GLU B 1 14 ? 6.742   -5.977  -1.718  1.00 15.70 ? 14  GLU B N   1 
ATOM   846  C  CA  . GLU B 1 14 ? 6.812   -6.726  -2.978  1.00 16.47 ? 14  GLU B CA  1 
ATOM   847  C  C   . GLU B 1 14 ? 7.856   -7.824  -2.928  1.00 15.81 ? 14  GLU B C   1 
ATOM   848  O  O   . GLU B 1 14 ? 7.669   -8.875  -3.513  1.00 15.04 ? 14  GLU B O   1 
ATOM   849  C  CB  . GLU B 1 14 ? 7.157   -5.803  -4.145  1.00 18.05 ? 14  GLU B CB  1 
ATOM   850  C  CG  . GLU B 1 14 ? 6.025   -4.937  -4.601  1.00 20.92 ? 14  GLU B CG  1 
ATOM   851  C  CD  . GLU B 1 14 ? 6.336   -4.346  -5.951  1.00 23.09 ? 14  GLU B CD  1 
ATOM   852  O  OE1 . GLU B 1 14 ? 5.575   -4.621  -6.893  1.00 29.33 ? 14  GLU B OE1 1 
ATOM   853  O  OE2 . GLU B 1 14 ? 7.358   -3.621  -6.068  1.00 27.57 ? 14  GLU B OE2 1 
ATOM   854  N  N   . PHE B 1 15 ? 8.968   -7.538  -2.255  1.00 16.40 ? 15  PHE B N   1 
ATOM   855  C  CA  . PHE B 1 15 ? 10.054  -8.497  -2.112  1.00 17.04 ? 15  PHE B CA  1 
ATOM   856  C  C   . PHE B 1 15 ? 9.517   -9.705  -1.342  1.00 16.62 ? 15  PHE B C   1 
ATOM   857  O  O   . PHE B 1 15 ? 9.787   -10.835 -1.718  1.00 16.88 ? 15  PHE B O   1 
ATOM   858  C  CB  . PHE B 1 15 ? 11.256  -7.883  -1.395  1.00 17.52 ? 15  PHE B CB  1 
ATOM   859  C  CG  . PHE B 1 15 ? 12.276  -8.912  -0.955  1.00 17.98 ? 15  PHE B CG  1 
ATOM   860  C  CD1 . PHE B 1 15 ? 13.184  -9.443  -1.865  1.00 19.19 ? 15  PHE B CD1 1 
ATOM   861  C  CD2 . PHE B 1 15 ? 12.283  -9.373  0.351   1.00 20.20 ? 15  PHE B CD2 1 
ATOM   862  C  CE1 . PHE B 1 15 ? 14.103  -10.409 -1.461  1.00 19.01 ? 15  PHE B CE1 1 
ATOM   863  C  CE2 . PHE B 1 15 ? 13.197  -10.336 0.761   1.00 21.06 ? 15  PHE B CE2 1 
ATOM   864  C  CZ  . PHE B 1 15 ? 14.102  -10.857 -0.156  1.00 18.17 ? 15  PHE B CZ  1 
ATOM   865  N  N   . TRP B 1 16 ? 8.758   -9.450  -0.280  1.00 14.70 ? 16  TRP B N   1 
ATOM   866  C  CA  . TRP B 1 16 ? 8.175   -10.558 0.487   1.00 14.71 ? 16  TRP B CA  1 
ATOM   867  C  C   . TRP B 1 16 ? 7.132   -11.292 -0.354  1.00 15.23 ? 16  TRP B C   1 
ATOM   868  O  O   . TRP B 1 16 ? 6.997   -12.526 -0.252  1.00 16.05 ? 16  TRP B O   1 
ATOM   869  C  CB  . TRP B 1 16 ? 7.564   -10.067 1.799   1.00 15.91 ? 16  TRP B CB  1 
ATOM   870  C  CG  . TRP B 1 16 ? 8.596   -9.585  2.793   1.00 15.87 ? 16  TRP B CG  1 
ATOM   871  C  CD1 . TRP B 1 16 ? 8.637   -8.364  3.428   1.00 16.04 ? 16  TRP B CD1 1 
ATOM   872  C  CD2 . TRP B 1 16 ? 9.745   -10.313 3.255   1.00 17.08 ? 16  TRP B CD2 1 
ATOM   873  N  NE1 . TRP B 1 16 ? 9.731   -8.310  4.280   1.00 16.92 ? 16  TRP B NE1 1 
ATOM   874  C  CE2 . TRP B 1 16 ? 10.428  -9.489  4.178   1.00 18.14 ? 16  TRP B CE2 1 
ATOM   875  C  CE3 . TRP B 1 16 ? 10.270  -11.575 2.965   1.00 18.73 ? 16  TRP B CE3 1 
ATOM   876  C  CZ2 . TRP B 1 16 ? 11.599  -9.897  4.815   1.00 18.96 ? 16  TRP B CZ2 1 
ATOM   877  C  CZ3 . TRP B 1 16 ? 11.432  -11.982 3.620   1.00 22.16 ? 16  TRP B CZ3 1 
ATOM   878  C  CH2 . TRP B 1 16 ? 12.077  -11.140 4.530   1.00 20.15 ? 16  TRP B CH2 1 
ATOM   879  N  N   . GLN B 1 17 ? 6.371   -10.554 -1.162  1.00 14.24 ? 17  GLN B N   1 
ATOM   880  C  CA  . GLN B 1 17 ? 5.370   -11.215 -1.993  1.00 17.29 ? 17  GLN B CA  1 
ATOM   881  C  C   . GLN B 1 17 ? 6.061   -12.188 -2.960  1.00 18.57 ? 17  GLN B C   1 
ATOM   882  O  O   . GLN B 1 17 ? 5.512   -13.242 -3.304  1.00 20.40 ? 17  GLN B O   1 
ATOM   883  C  CB  . GLN B 1 17 ? 4.524   -10.195 -2.752  1.00 16.91 ? 17  GLN B CB  1 
ATOM   884  C  CG  . GLN B 1 17 ? 3.573   -9.390  -1.879  1.00 18.11 ? 17  GLN B CG  1 
ATOM   885  C  CD  . GLN B 1 17 ? 2.726   -8.419  -2.713  1.00 22.98 ? 17  GLN B CD  1 
ATOM   886  O  OE1 . GLN B 1 17 ? 3.252   -7.673  -3.542  1.00 33.95 ? 17  GLN B OE1 1 
ATOM   887  N  NE2 . GLN B 1 17 ? 1.419   -8.425  -2.490  1.00 29.96 ? 17  GLN B NE2 1 
ATOM   888  N  N   . ARG B 1 18 ? 7.276   -11.834 -3.374  1.00 19.24 ? 18  ARG B N   1 
ATOM   889  C  CA  . ARG B 1 18 ? 8.015   -12.593 -4.377  1.00 23.91 ? 18  ARG B CA  1 
ATOM   890  C  C   . ARG B 1 18 ? 8.735   -13.788 -3.744  1.00 24.63 ? 18  ARG B C   1 
ATOM   891  O  O   . ARG B 1 18 ? 9.030   -14.761 -4.436  1.00 25.88 ? 18  ARG B O   1 
ATOM   892  C  CB  . ARG B 1 18 ? 9.038   -11.691 -5.082  1.00 28.30 ? 18  ARG B CB  1 
ATOM   893  C  CG  . ARG B 1 18 ? 8.893   -11.609 -6.605  1.00 36.21 ? 18  ARG B CG  1 
ATOM   894  C  CD  . ARG B 1 18 ? 9.753   -10.500 -7.207  1.00 41.43 ? 18  ARG B CD  1 
ATOM   895  N  NE  . ARG B 1 18 ? 11.134  -10.550 -6.735  1.00 45.68 ? 18  ARG B NE  1 
ATOM   896  C  CZ  . ARG B 1 18 ? 11.730  -9.570  -6.060  1.00 47.32 ? 18  ARG B CZ  1 
ATOM   897  N  NH1 . ARG B 1 18 ? 11.077  -8.444  -5.792  1.00 47.13 ? 18  ARG B NH1 1 
ATOM   898  N  NH2 . ARG B 1 18 ? 12.987  -9.709  -5.663  1.00 49.31 ? 18  ARG B NH2 1 
ATOM   899  N  N   . THR B 1 19 ? 9.009   -13.717 -2.444  1.00 20.10 ? 19  THR B N   1 
ATOM   900  C  CA  . THR B 1 19 ? 9.972   -14.647 -1.823  1.00 20.43 ? 19  THR B CA  1 
ATOM   901  C  C   . THR B 1 19 ? 9.494   -15.404 -0.579  1.00 20.20 ? 19  THR B C   1 
ATOM   902  O  O   . THR B 1 19 ? 10.051  -16.464 -0.253  1.00 21.06 ? 19  THR B O   1 
ATOM   903  C  CB  . THR B 1 19 ? 11.277  -13.911 -1.408  1.00 22.45 ? 19  THR B CB  1 
ATOM   904  O  OG1 . THR B 1 19 ? 10.998  -12.990 -0.347  1.00 22.45 ? 19  THR B OG1 1 
ATOM   905  C  CG2 . THR B 1 19 ? 11.876  -13.169 -2.548  1.00 23.39 ? 19  THR B CG2 1 
ATOM   906  N  N   . ASP B 1 20 ? 8.493   -14.886 0.138   1.00 19.16 ? 20  ASP B N   1 
ATOM   907  C  CA  . ASP B 1 20 ? 8.051   -15.564 1.368   1.00 20.84 ? 20  ASP B CA  1 
ATOM   908  C  C   . ASP B 1 20 ? 6.650   -15.153 1.812   1.00 20.18 ? 20  ASP B C   1 
ATOM   909  O  O   . ASP B 1 20 ? 6.460   -14.080 2.421   1.00 17.89 ? 20  ASP B O   1 
ATOM   910  C  CB  . ASP B 1 20 ? 9.045   -15.298 2.494   1.00 21.59 ? 20  ASP B CB  1 
ATOM   911  C  CG  . ASP B 1 20 ? 8.917   -16.285 3.648   1.00 23.95 ? 20  ASP B CG  1 
ATOM   912  O  OD1 . ASP B 1 20 ? 7.821   -16.831 3.868   1.00 26.45 ? 20  ASP B OD1 1 
ATOM   913  O  OD2 . ASP B 1 20 ? 9.925   -16.509 4.348   1.00 25.32 ? 20  ASP B OD2 1 
ATOM   914  N  N   . ALA B 1 21 ? 5.673   -16.011 1.522   1.00 22.32 ? 21  ALA B N   1 
ATOM   915  C  CA  . ALA B 1 21 ? 4.265   -15.680 1.779   1.00 22.12 ? 21  ALA B CA  1 
ATOM   916  C  C   . ALA B 1 21 ? 3.944   -15.545 3.269   1.00 22.76 ? 21  ALA B C   1 
ATOM   917  O  O   . ALA B 1 21 ? 3.021   -14.842 3.651   1.00 21.32 ? 21  ALA B O   1 
ATOM   918  C  CB  . ALA B 1 21 ? 3.346   -16.742 1.131   1.00 23.66 ? 21  ALA B CB  1 
ATOM   919  N  N   . ARG B 1 22 ? 4.721   -16.221 4.109   1.00 21.36 ? 22  ARG B N   1 
ATOM   920  C  CA  . ARG B 1 22 ? 4.565   -16.157 5.550   1.00 26.04 ? 22  ARG B CA  1 
ATOM   921  C  C   . ARG B 1 22 ? 4.842   -14.753 6.041   1.00 22.35 ? 22  ARG B C   1 
ATOM   922  O  O   . ARG B 1 22 ? 4.151   -14.266 6.921   1.00 21.57 ? 22  ARG B O   1 
ATOM   923  C  CB  . ARG B 1 22 ? 5.516   -17.147 6.241   1.00 31.04 ? 22  ARG B CB  1 
ATOM   924  C  CG  . ARG B 1 22 ? 5.663   -16.984 7.763   1.00 34.86 ? 22  ARG B CG  1 
ATOM   925  C  CD  . ARG B 1 22 ? 6.546   -18.123 8.320   1.00 38.55 ? 22  ARG B CD  1 
ATOM   926  N  NE  . ARG B 1 22 ? 6.737   -18.072 9.769   1.00 44.88 ? 22  ARG B NE  1 
ATOM   927  C  CZ  . ARG B 1 22 ? 7.897   -17.853 10.385  1.00 51.76 ? 22  ARG B CZ  1 
ATOM   928  N  NH1 . ARG B 1 22 ? 9.010   -17.650 9.686   1.00 51.59 ? 22  ARG B NH1 1 
ATOM   929  N  NH2 . ARG B 1 22 ? 7.942   -17.841 11.714  1.00 42.82 ? 22  ARG B NH2 1 
ATOM   930  N  N   . MET B 1 23 ? 5.859   -14.111 5.470   1.00 18.79 ? 23  MET B N   1 
ATOM   931  C  CA  . MET B 1 23 ? 6.169   -12.728 5.854   1.00 18.15 ? 23  MET B CA  1 
ATOM   932  C  C   . MET B 1 23 ? 5.056   -11.771 5.439   1.00 17.84 ? 23  MET B C   1 
ATOM   933  O  O   . MET B 1 23 ? 4.685   -10.879 6.203   1.00 17.12 ? 23  MET B O   1 
ATOM   934  C  CB  . MET B 1 23 ? 7.495   -12.285 5.238   1.00 19.04 ? 23  MET B CB  1 
ATOM   935  C  CG  . MET B 1 23 ? 8.695   -13.051 5.798   1.00 22.41 ? 23  MET B CG  1 
ATOM   936  S  SD  . MET B 1 23 ? 8.932   -12.768 7.590   1.00 25.24 ? 23  MET B SD  1 
ATOM   937  C  CE  . MET B 1 23 ? 9.654   -11.134 7.549   1.00 26.93 ? 23  MET B CE  1 
ATOM   938  N  N   . VAL B 1 24 ? 4.518   -11.975 4.241   1.00 18.14 ? 24  VAL B N   1 
ATOM   939  C  CA  . VAL B 1 24 ? 3.401   -11.153 3.738   1.00 17.57 ? 24  VAL B CA  1 
ATOM   940  C  C   . VAL B 1 24 ? 2.213   -11.285 4.699   1.00 17.83 ? 24  VAL B C   1 
ATOM   941  O  O   . VAL B 1 24 ? 1.602   -10.296 5.092   1.00 16.38 ? 24  VAL B O   1 
ATOM   942  C  CB  . VAL B 1 24 ? 2.963   -11.576 2.311   1.00 18.37 ? 24  VAL B CB  1 
ATOM   943  C  CG1 . VAL B 1 24 ? 1.739   -10.750 1.861   1.00 18.76 ? 24  VAL B CG1 1 
ATOM   944  C  CG2 . VAL B 1 24 ? 4.105   -11.382 1.323   1.00 18.24 ? 24  VAL B CG2 1 
ATOM   945  N  N   . GLU B 1 25 ? 1.905   -12.513 5.099   1.00 18.74 ? 25  GLU B N   1 
ATOM   946  C  CA  . GLU B 1 25 ? 0.831   -12.754 6.072   1.00 21.33 ? 25  GLU B CA  1 
ATOM   947  C  C   . GLU B 1 25 ? 1.084   -12.056 7.390   1.00 19.61 ? 25  GLU B C   1 
ATOM   948  O  O   . GLU B 1 25 ? 0.177   -11.455 7.966   1.00 19.91 ? 25  GLU B O   1 
ATOM   949  C  CB  . GLU B 1 25 ? 0.657   -14.257 6.361   1.00 26.74 ? 25  GLU B CB  1 
ATOM   950  C  CG  . GLU B 1 25 ? 0.173   -15.057 5.177   1.00 37.16 ? 25  GLU B CG  1 
ATOM   951  C  CD  . GLU B 1 25 ? 0.119   -16.546 5.460   1.00 43.54 ? 25  GLU B CD  1 
ATOM   952  O  OE1 . GLU B 1 25 ? 0.134   -16.934 6.652   1.00 47.64 ? 25  GLU B OE1 1 
ATOM   953  O  OE2 . GLU B 1 25 ? 0.095   -17.322 4.478   1.00 48.59 ? 25  GLU B OE2 1 
ATOM   954  N  N   . LYS B 1 26 ? 2.311   -12.167 7.888   1.00 18.90 ? 26  LYS B N   1 
ATOM   955  C  CA  . LYS B 1 26 ? 2.656   -11.536 9.156   1.00 20.70 ? 26  LYS B CA  1 
ATOM   956  C  C   . LYS B 1 26 ? 2.549   -10.022 9.059   1.00 19.28 ? 26  LYS B C   1 
ATOM   957  O  O   . LYS B 1 26 ? 2.037   -9.385  9.958   1.00 19.04 ? 26  LYS B O   1 
ATOM   958  C  CB  . LYS B 1 26 ? 4.053   -11.933 9.600   1.00 23.87 ? 26  LYS B CB  1 
ATOM   959  C  CG  . LYS B 1 26 ? 4.143   -13.387 10.099  1.00 27.05 ? 26  LYS B CG  1 
ATOM   960  C  CD  . LYS B 1 26 ? 5.561   -13.725 10.547  1.00 33.34 ? 26  LYS B CD  1 
ATOM   961  C  CE  . LYS B 1 26 ? 5.654   -15.157 11.064  1.00 38.96 ? 26  LYS B CE  1 
ATOM   962  N  NZ  . LYS B 1 26 ? 4.891   -15.348 12.327  1.00 45.62 ? 26  LYS B NZ  1 
ATOM   963  N  N   . ILE B 1 27 ? 3.047   -9.455  7.966   1.00 17.80 ? 27  ILE B N   1 
ATOM   964  C  CA  . ILE B 1 27 ? 2.878   -8.006  7.739   1.00 17.48 ? 27  ILE B CA  1 
ATOM   965  C  C   . ILE B 1 27 ? 1.414   -7.578  7.652   1.00 17.22 ? 27  ILE B C   1 
ATOM   966  O  O   . ILE B 1 27 ? 1.003   -6.590  8.259   1.00 18.27 ? 27  ILE B O   1 
ATOM   967  C  CB  . ILE B 1 27 ? 3.630   -7.574  6.452   1.00 17.61 ? 27  ILE B CB  1 
ATOM   968  C  CG1 . ILE B 1 27 ? 5.133   -7.737  6.684   1.00 20.73 ? 27  ILE B CG1 1 
ATOM   969  C  CG2 . ILE B 1 27 ? 3.268   -6.108  6.048   1.00 18.19 ? 27  ILE B CG2 1 
ATOM   970  C  CD1 . ILE B 1 27 ? 5.967   -7.798  5.414   1.00 20.16 ? 27  ILE B CD1 1 
ATOM   971  N  N   . ASN B 1 28 ? 0.610   -8.326  6.905   1.00 17.14 ? 28  ASN B N   1 
ATOM   972  C  CA  . ASN B 1 28 ? -0.791  -7.973  6.775   1.00 18.61 ? 28  ASN B CA  1 
ATOM   973  C  C   . ASN B 1 28 ? -1.486  -7.966  8.135   1.00 17.99 ? 28  ASN B C   1 
ATOM   974  O  O   . ASN B 1 28 ? -2.365  -7.121  8.406   1.00 17.08 ? 28  ASN B O   1 
ATOM   975  C  CB  . ASN B 1 28 ? -1.494  -8.933  5.812   1.00 18.42 ? 28  ASN B CB  1 
ATOM   976  C  CG  . ASN B 1 28 ? -1.096  -8.709  4.366   1.00 20.17 ? 28  ASN B CG  1 
ATOM   977  O  OD1 . ASN B 1 28 ? -0.436  -7.728  4.042   1.00 18.68 ? 28  ASN B OD1 1 
ATOM   978  N  ND2 . ASN B 1 28 ? -1.497  -9.634  3.483   1.00 19.51 ? 28  ASN B ND2 1 
ATOM   979  N  N   . ASP B 1 29 ? -1.094  -8.909  8.989   1.00 19.22 ? 29  ASP B N   1 
ATOM   980  C  CA  . ASP B 1 29 ? -1.652  -8.980  10.348  1.00 21.97 ? 29  ASP B CA  1 
ATOM   981  C  C   . ASP B 1 29 ? -1.242  -7.782  11.223  1.00 22.70 ? 29  ASP B C   1 
ATOM   982  O  O   . ASP B 1 29 ? -2.049  -7.270  12.033  1.00 21.95 ? 29  ASP B O   1 
ATOM   983  C  CB  . ASP B 1 29 ? -1.220  -10.286 11.029  1.00 23.78 ? 29  ASP B CB  1 
ATOM   984  C  CG  . ASP B 1 29 ? -2.013  -11.494 10.551  1.00 28.04 ? 29  ASP B CG  1 
ATOM   985  O  OD1 . ASP B 1 29 ? -3.110  -11.299 9.966   1.00 32.83 ? 29  ASP B OD1 1 
ATOM   986  O  OD2 . ASP B 1 29 ? -1.531  -12.636 10.773  1.00 32.65 ? 29  ASP B OD2 1 
ATOM   987  N  N   . LEU B 1 30 ? 0.016   -7.360  11.091  1.00 21.24 ? 30  LEU B N   1 
ATOM   988  C  CA  . LEU B 1 30 ? 0.508   -6.192  11.815  1.00 19.76 ? 30  LEU B CA  1 
ATOM   989  C  C   . LEU B 1 30 ? -0.228  -4.934  11.330  1.00 22.05 ? 30  LEU B C   1 
ATOM   990  O  O   . LEU B 1 30 ? -0.621  -4.107  12.139  1.00 19.86 ? 30  LEU B O   1 
ATOM   991  C  CB  . LEU B 1 30 ? 2.025   -6.023  11.635  1.00 20.32 ? 30  LEU B CB  1 
ATOM   992  C  CG  . LEU B 1 30 ? 2.921   -7.023  12.384  1.00 20.57 ? 30  LEU B CG  1 
ATOM   993  C  CD1 . LEU B 1 30 ? 4.366   -6.959  11.913  1.00 22.94 ? 30  LEU B CD1 1 
ATOM   994  C  CD2 . LEU B 1 30 ? 2.868   -6.784  13.886  1.00 22.34 ? 30  LEU B CD2 1 
ATOM   995  N  N   . ILE B 1 31 ? -0.386  -4.782  10.016  1.00 21.62 ? 31  ILE B N   1 
ATOM   996  C  CA  . ILE B 1 31 ? -1.191  -3.662  9.467   1.00 21.34 ? 31  ILE B CA  1 
ATOM   997  C  C   . ILE B 1 31 ? -2.617  -3.649  10.050  1.00 22.49 ? 31  ILE B C   1 
ATOM   998  O  O   . ILE B 1 31 ? -3.143  -2.612  10.501  1.00 21.48 ? 31  ILE B O   1 
ATOM   999  C  CB  . ILE B 1 31 ? -1.276  -3.756  7.927   1.00 21.24 ? 31  ILE B CB  1 
ATOM   1000 C  CG1 . ILE B 1 31 ? 0.086   -3.455  7.299   1.00 20.53 ? 31  ILE B CG1 1 
ATOM   1001 C  CG2 . ILE B 1 31 ? -2.384  -2.821  7.375   1.00 22.42 ? 31  ILE B CG2 1 
ATOM   1002 C  CD1 . ILE B 1 31 ? 0.206   -3.933  5.847   1.00 20.30 ? 31  ILE B CD1 1 
ATOM   1003 N  N   . ARG B 1 32 ? -3.234  -4.829  10.058  1.00 21.50 ? 32  ARG B N   1 
ATOM   1004 C  CA  . ARG B 1 32 ? -4.604  -4.983  10.534  1.00 26.72 ? 32  ARG B CA  1 
ATOM   1005 C  C   . ARG B 1 32 ? -4.709  -4.579  12.005  1.00 26.81 ? 32  ARG B C   1 
ATOM   1006 O  O   . ARG B 1 32 ? -5.583  -3.779  12.379  1.00 25.40 ? 32  ARG B O   1 
ATOM   1007 C  CB  . ARG B 1 32 ? -5.076  -6.433  10.340  1.00 29.61 ? 32  ARG B CB  1 
ATOM   1008 C  CG  . ARG B 1 32 ? -6.584  -6.621  10.414  1.00 36.22 ? 32  ARG B CG  1 
ATOM   1009 C  CD  . ARG B 1 32 ? -6.960  -8.042  10.024  1.00 35.37 ? 32  ARG B CD  1 
ATOM   1010 N  NE  . ARG B 1 32 ? -6.378  -8.369  8.725   1.00 40.70 ? 32  ARG B NE  1 
ATOM   1011 C  CZ  . ARG B 1 32 ? -5.695  -9.477  8.468   1.00 40.51 ? 32  ARG B CZ  1 
ATOM   1012 N  NH1 . ARG B 1 32 ? -5.186  -9.675  7.262   1.00 37.58 ? 32  ARG B NH1 1 
ATOM   1013 N  NH2 . ARG B 1 32 ? -5.520  -10.390 9.416   1.00 44.59 ? 32  ARG B NH2 1 
ATOM   1014 N  N   . ASN B 1 33 ? -3.813  -5.130  12.825  1.00 25.37 ? 33  ASN B N   1 
ATOM   1015 C  CA  . ASN B 1 33 ? -3.791  -4.830  14.253  1.00 26.78 ? 33  ASN B CA  1 
ATOM   1016 C  C   . ASN B 1 33 ? -3.497  -3.350  14.501  1.00 26.90 ? 33  ASN B C   1 
ATOM   1017 O  O   . ASN B 1 33 ? -4.162  -2.722  15.324  1.00 28.19 ? 33  ASN B O   1 
ATOM   1018 C  CB  . ASN B 1 33 ? -2.768  -5.716  14.978  1.00 27.00 ? 33  ASN B CB  1 
ATOM   1019 C  CG  . ASN B 1 33 ? -2.910  -5.663  16.497  1.00 30.83 ? 33  ASN B CG  1 
ATOM   1020 O  OD1 . ASN B 1 33 ? -2.056  -5.119  17.189  1.00 30.70 ? 33  ASN B OD1 1 
ATOM   1021 N  ND2 . ASN B 1 33 ? -4.009  -6.210  17.015  1.00 31.92 ? 33  ASN B ND2 1 
ATOM   1022 N  N   . ALA B 1 34 ? -2.523  -2.787  13.784  1.00 24.94 ? 34  ALA B N   1 
ATOM   1023 C  CA  . ALA B 1 34 ? -2.155  -1.388  13.989  1.00 25.29 ? 34  ALA B CA  1 
ATOM   1024 C  C   . ALA B 1 34 ? -3.252  -0.412  13.551  1.00 29.05 ? 34  ALA B C   1 
ATOM   1025 O  O   . ALA B 1 34 ? -3.304  0.730   14.030  1.00 30.36 ? 34  ALA B O   1 
ATOM   1026 C  CB  . ALA B 1 34 ? -0.860  -1.075  13.275  1.00 26.37 ? 34  ALA B CB  1 
ATOM   1027 N  N   . LYS B 1 35 ? -4.138  -0.845  12.659  1.00 31.17 ? 35  LYS B N   1 
ATOM   1028 C  CA  . LYS B 1 35 ? -5.260  0.011   12.287  1.00 34.03 ? 35  LYS B CA  1 
ATOM   1029 C  C   . LYS B 1 35 ? -6.251  0.132   13.443  1.00 38.97 ? 35  LYS B C   1 
ATOM   1030 O  O   . LYS B 1 35 ? -6.836  1.188   13.649  1.00 42.59 ? 35  LYS B O   1 
ATOM   1031 C  CB  . LYS B 1 35 ? -5.956  -0.514  11.035  1.00 34.31 ? 35  LYS B CB  1 
ATOM   1032 C  CG  . LYS B 1 35 ? -5.233  -0.151  9.753   1.00 34.43 ? 35  LYS B CG  1 
ATOM   1033 C  CD  . LYS B 1 35 ? -5.936  -0.733  8.543   1.00 35.30 ? 35  LYS B CD  1 
ATOM   1034 C  CE  . LYS B 1 35 ? -5.284  -0.254  7.254   1.00 37.98 ? 35  LYS B CE  1 
ATOM   1035 N  NZ  . LYS B 1 35 ? -5.973  -0.818  6.052   1.00 39.18 ? 35  LYS B NZ  1 
ATOM   1036 N  N   . ARG B 1 36 ? -6.440  -0.939  14.208  1.00 40.23 ? 36  ARG B N   1 
ATOM   1037 C  CA  . ARG B 1 36 ? -7.380  -0.878  15.327  1.00 43.28 ? 36  ARG B CA  1 
ATOM   1038 C  C   . ARG B 1 36 ? -6.727  -0.393  16.627  1.00 39.33 ? 36  ARG B C   1 
ATOM   1039 O  O   . ARG B 1 36 ? -7.379  0.292   17.410  1.00 36.88 ? 36  ARG B O   1 
ATOM   1040 C  CB  . ARG B 1 36 ? -8.059  -2.236  15.559  1.00 45.70 ? 36  ARG B CB  1 
ATOM   1041 C  CG  . ARG B 1 36 ? -7.335  -3.425  14.976  1.00 50.00 ? 36  ARG B CG  1 
ATOM   1042 N  N   . THR B 1 37 ? -5.462  -0.748  16.864  1.00 35.79 ? 37  THR B N   1 
ATOM   1043 C  CA  . THR B 1 37 ? -4.723  -0.259  18.038  1.00 34.37 ? 37  THR B CA  1 
ATOM   1044 C  C   . THR B 1 37 ? -3.287  0.108   17.676  1.00 30.58 ? 37  THR B C   1 
ATOM   1045 O  O   . THR B 1 37 ? -2.373  -0.705  17.838  1.00 32.15 ? 37  THR B O   1 
ATOM   1046 C  CB  . THR B 1 37 ? -4.695  -1.294  19.192  1.00 34.14 ? 37  THR B CB  1 
ATOM   1047 O  OG1 . THR B 1 37 ? -4.186  -2.546  18.713  1.00 34.18 ? 37  THR B OG1 1 
ATOM   1048 C  CG2 . THR B 1 37 ? -6.079  -1.499  19.797  1.00 36.08 ? 37  THR B CG2 1 
ATOM   1049 N  N   . PRO B 1 38 ? -3.085  1.341   17.182  1.00 30.01 ? 38  PRO B N   1 
ATOM   1050 C  CA  . PRO B 1 38 ? -1.796  1.790   16.635  1.00 32.29 ? 38  PRO B CA  1 
ATOM   1051 C  C   . PRO B 1 38 ? -0.601  1.627   17.574  1.00 33.57 ? 38  PRO B C   1 
ATOM   1052 O  O   . PRO B 1 38 ? 0.504   1.386   17.087  1.00 30.49 ? 38  PRO B O   1 
ATOM   1053 C  CB  . PRO B 1 38 ? -2.042  3.276   16.337  1.00 32.97 ? 38  PRO B CB  1 
ATOM   1054 C  CG  . PRO B 1 38 ? -3.508  3.378   16.115  1.00 32.90 ? 38  PRO B CG  1 
ATOM   1055 C  CD  . PRO B 1 38 ? -4.123  2.379   17.068  1.00 29.72 ? 38  PRO B CD  1 
ATOM   1056 N  N   . PHE B 1 39 ? -0.807  1.755   18.882  1.00 33.46 ? 39  PHE B N   1 
ATOM   1057 C  CA  . PHE B 1 39 ? 0.316   1.764   19.816  1.00 34.56 ? 39  PHE B CA  1 
ATOM   1058 C  C   . PHE B 1 39 ? 0.281   0.612   20.814  1.00 36.72 ? 39  PHE B C   1 
ATOM   1059 O  O   . PHE B 1 39 ? 0.916   0.665   21.866  1.00 39.89 ? 39  PHE B O   1 
ATOM   1060 C  CB  . PHE B 1 39 ? 0.346   3.096   20.554  1.00 35.99 ? 39  PHE B CB  1 
ATOM   1061 C  CG  . PHE B 1 39 ? 0.151   4.259   19.654  1.00 33.53 ? 39  PHE B CG  1 
ATOM   1062 C  CD1 . PHE B 1 39 ? 1.093   4.560   18.692  1.00 36.05 ? 39  PHE B CD1 1 
ATOM   1063 C  CD2 . PHE B 1 39 ? -0.991  5.032   19.737  1.00 37.24 ? 39  PHE B CD2 1 
ATOM   1064 C  CE1 . PHE B 1 39 ? 0.907   5.626   17.851  1.00 38.63 ? 39  PHE B CE1 1 
ATOM   1065 C  CE2 . PHE B 1 39 ? -1.179  6.099   18.896  1.00 36.45 ? 39  PHE B CE2 1 
ATOM   1066 C  CZ  . PHE B 1 39 ? -0.235  6.402   17.960  1.00 37.08 ? 39  PHE B CZ  1 
ATOM   1067 N  N   . ALA B 1 40 ? -0.457  -0.436  20.481  1.00 36.09 ? 40  ALA B N   1 
ATOM   1068 C  CA  . ALA B 1 40 ? -0.490  -1.620  21.331  1.00 34.66 ? 40  ALA B CA  1 
ATOM   1069 C  C   . ALA B 1 40 ? -0.728  -2.847  20.478  1.00 34.97 ? 40  ALA B C   1 
ATOM   1070 O  O   . ALA B 1 40 ? -1.097  -2.724  19.307  1.00 31.66 ? 40  ALA B O   1 
ATOM   1071 C  CB  . ALA B 1 40 ? -1.566  -1.489  22.394  1.00 37.16 ? 40  ALA B CB  1 
ATOM   1072 N  N   . GLY B 1 41 ? -0.499  -4.026  21.053  1.00 32.91 ? 41  GLY B N   1 
ATOM   1073 C  CA  . GLY B 1 41 ? -0.864  -5.269  20.397  1.00 33.95 ? 41  GLY B CA  1 
ATOM   1074 C  C   . GLY B 1 41 ? 0.244   -6.091  19.761  1.00 33.27 ? 41  GLY B C   1 
ATOM   1075 O  O   . GLY B 1 41 ? 1.358   -6.179  20.271  1.00 32.89 ? 41  GLY B O   1 
ATOM   1076 N  N   . LEU B 1 42 ? -0.103  -6.716  18.640  1.00 34.04 ? 42  LEU B N   1 
ATOM   1077 C  CA  . LEU B 1 42 ? 0.741   -7.678  17.941  1.00 31.91 ? 42  LEU B CA  1 
ATOM   1078 C  C   . LEU B 1 42 ? 2.119   -7.134  17.594  1.00 30.80 ? 42  LEU B C   1 
ATOM   1079 O  O   . LEU B 1 42 ? 2.232   -6.015  17.086  1.00 31.57 ? 42  LEU B O   1 
ATOM   1080 C  CB  . LEU B 1 42 ? 0.034   -8.118  16.667  1.00 33.66 ? 42  LEU B CB  1 
ATOM   1081 C  CG  . LEU B 1 42 ? 0.650   -9.279  15.908  1.00 38.83 ? 42  LEU B CG  1 
ATOM   1082 C  CD1 . LEU B 1 42 ? 0.556   -10.539 16.760  1.00 39.49 ? 42  LEU B CD1 1 
ATOM   1083 C  CD2 . LEU B 1 42 ? -0.073  -9.447  14.575  1.00 35.29 ? 42  LEU B CD2 1 
ATOM   1084 N  N   . GLY B 1 43 ? 3.162   -7.920  17.856  1.00 28.66 ? 43  GLY B N   1 
ATOM   1085 C  CA  . GLY B 1 43 ? 4.525   -7.517  17.536  1.00 27.42 ? 43  GLY B CA  1 
ATOM   1086 C  C   . GLY B 1 43 ? 5.236   -6.649  18.573  1.00 29.20 ? 43  GLY B C   1 
ATOM   1087 O  O   . GLY B 1 43 ? 6.369   -6.221  18.353  1.00 25.67 ? 43  GLY B O   1 
ATOM   1088 N  N   . LYS B 1 44 ? 4.582   -6.392  19.705  1.00 31.07 ? 44  LYS B N   1 
ATOM   1089 C  CA  . LYS B 1 44 ? 5.180   -5.616  20.797  1.00 32.74 ? 44  LYS B CA  1 
ATOM   1090 C  C   . LYS B 1 44 ? 5.582   -4.220  20.344  1.00 31.43 ? 44  LYS B C   1 
ATOM   1091 O  O   . LYS B 1 44 ? 6.756   -3.874  20.387  1.00 31.89 ? 44  LYS B O   1 
ATOM   1092 C  CB  . LYS B 1 44 ? 6.412   -6.325  21.374  1.00 38.33 ? 44  LYS B CB  1 
ATOM   1093 C  CG  . LYS B 1 44 ? 6.220   -7.809  21.630  1.00 41.91 ? 44  LYS B CG  1 
ATOM   1094 C  CD  . LYS B 1 44 ? 7.558   -8.505  21.820  1.00 46.29 ? 44  LYS B CD  1 
ATOM   1095 N  N   . PRO B 1 45 ? 4.609   -3.423  19.895  1.00 29.77 ? 45  PRO B N   1 
ATOM   1096 C  CA  . PRO B 1 45 ? 4.948   -2.080  19.420  1.00 30.87 ? 45  PRO B CA  1 
ATOM   1097 C  C   . PRO B 1 45 ? 5.738   -1.278  20.442  1.00 32.25 ? 45  PRO B C   1 
ATOM   1098 O  O   . PRO B 1 45 ? 5.344   -1.226  21.602  1.00 32.95 ? 45  PRO B O   1 
ATOM   1099 C  CB  . PRO B 1 45 ? 3.580   -1.443  19.163  1.00 30.09 ? 45  PRO B CB  1 
ATOM   1100 C  CG  . PRO B 1 45 ? 2.618   -2.271  19.922  1.00 30.49 ? 45  PRO B CG  1 
ATOM   1101 C  CD  . PRO B 1 45 ? 3.157   -3.651  19.888  1.00 29.57 ? 45  PRO B CD  1 
ATOM   1102 N  N   . GLU B 1 46 ? 6.851   -0.704  20.000  1.00 31.43 ? 46  GLU B N   1 
ATOM   1103 C  CA  . GLU B 1 46 ? 7.636   0.215   20.811  1.00 32.73 ? 46  GLU B CA  1 
ATOM   1104 C  C   . GLU B 1 46 ? 7.902   1.516   20.046  1.00 33.30 ? 46  GLU B C   1 
ATOM   1105 O  O   . GLU B 1 46 ? 8.067   1.522   18.821  1.00 27.59 ? 46  GLU B O   1 
ATOM   1106 C  CB  . GLU B 1 46 ? 8.946   -0.432  21.246  1.00 37.23 ? 46  GLU B CB  1 
ATOM   1107 C  CG  . GLU B 1 46 ? 10.012  -0.526  20.188  1.00 43.00 ? 46  GLU B CG  1 
ATOM   1108 C  CD  . GLU B 1 46 ? 11.243  -1.248  20.709  1.00 45.76 ? 46  GLU B CD  1 
ATOM   1109 O  OE1 . GLU B 1 46 ? 11.065  -2.165  21.539  1.00 49.82 ? 46  GLU B OE1 1 
ATOM   1110 O  OE2 . GLU B 1 46 ? 12.377  -0.904  20.307  1.00 52.33 ? 46  GLU B OE2 1 
ATOM   1111 N  N   . PRO B 1 47 ? 7.916   2.638   20.773  1.00 33.26 ? 47  PRO B N   1 
ATOM   1112 C  CA  . PRO B 1 47 ? 8.192   3.930   20.140  1.00 33.19 ? 47  PRO B CA  1 
ATOM   1113 C  C   . PRO B 1 47 ? 9.685   4.150   19.970  1.00 34.25 ? 47  PRO B C   1 
ATOM   1114 O  O   . PRO B 1 47 ? 10.461  3.854   20.891  1.00 38.55 ? 47  PRO B O   1 
ATOM   1115 C  CB  . PRO B 1 47 ? 7.584   4.934   21.122  1.00 32.74 ? 47  PRO B CB  1 
ATOM   1116 C  CG  . PRO B 1 47 ? 7.681   4.250   22.464  1.00 32.89 ? 47  PRO B CG  1 
ATOM   1117 C  CD  . PRO B 1 47 ? 7.586   2.763   22.203  1.00 33.41 ? 47  PRO B CD  1 
ATOM   1118 N  N   . LEU B 1 48 ? 10.087  4.629   18.798  1.00 34.35 ? 48  LEU B N   1 
ATOM   1119 C  CA  . LEU B 1 48 ? 11.484  4.962   18.553  1.00 35.13 ? 48  LEU B CA  1 
ATOM   1120 C  C   . LEU B 1 48 ? 11.762  6.378   19.022  1.00 34.87 ? 48  LEU B C   1 
ATOM   1121 O  O   . LEU B 1 48 ? 10.848  7.117   19.399  1.00 38.53 ? 48  LEU B O   1 
ATOM   1122 C  CB  . LEU B 1 48 ? 11.838  4.811   17.074  1.00 39.85 ? 48  LEU B CB  1 
ATOM   1123 C  CG  . LEU B 1 48 ? 11.525  3.461   16.425  1.00 43.16 ? 48  LEU B CG  1 
ATOM   1124 C  CD1 . LEU B 1 48 ? 11.982  3.459   14.974  1.00 44.99 ? 48  LEU B CD1 1 
ATOM   1125 C  CD2 . LEU B 1 48 ? 12.176  2.322   17.195  1.00 45.27 ? 48  LEU B CD2 1 
ATOM   1126 N  N   . LYS B 1 49 ? 13.026  6.761   18.987  1.00 30.00 ? 49  LYS B N   1 
ATOM   1127 C  CA  . LYS B 1 49 ? 13.422  7.994   19.644  1.00 30.00 ? 49  LYS B CA  1 
ATOM   1128 C  C   . LYS B 1 49 ? 14.528  8.689   18.897  1.00 30.00 ? 49  LYS B C   1 
ATOM   1129 O  O   . LYS B 1 49 ? 15.422  8.029   18.338  1.00 30.00 ? 49  LYS B O   1 
ATOM   1130 C  CB  . LYS B 1 49 ? 13.869  7.708   21.085  1.00 30.00 ? 49  LYS B CB  1 
ATOM   1131 C  CG  . LYS B 1 49 ? 15.178  8.382   21.514  1.00 30.00 ? 49  LYS B CG  1 
ATOM   1132 C  CD  . LYS B 1 49 ? 14.962  9.789   22.090  1.00 30.00 ? 49  LYS B CD  1 
ATOM   1133 C  CE  . LYS B 1 49 ? 16.254  10.325  22.712  1.00 30.00 ? 49  LYS B CE  1 
ATOM   1134 N  NZ  . LYS B 1 49 ? 16.690  9.523   23.895  1.00 30.00 ? 49  LYS B NZ  1 
ATOM   1135 N  N   . GLY B 1 50 ? 14.436  10.023  18.889  1.00 30.00 ? 50  GLY B N   1 
ATOM   1136 C  CA  . GLY B 1 50 ? 15.514  10.902  18.483  1.00 30.00 ? 50  GLY B CA  1 
ATOM   1137 C  C   . GLY B 1 50 ? 15.559  11.099  16.994  1.00 30.00 ? 50  GLY B C   1 
ATOM   1138 O  O   . GLY B 1 50 ? 14.775  11.881  16.428  1.00 30.00 ? 50  GLY B O   1 
ATOM   1139 N  N   . ASP B 1 51 ? 16.507  10.406  16.370  1.00 30.00 ? 51  ASP B N   1 
ATOM   1140 C  CA  . ASP B 1 51 ? 16.532  10.269  14.926  1.00 30.00 ? 51  ASP B CA  1 
ATOM   1141 C  C   . ASP B 1 51 ? 15.128  9.978   14.412  1.00 30.00 ? 51  ASP B C   1 
ATOM   1142 O  O   . ASP B 1 51 ? 14.604  10.696  13.546  1.00 30.00 ? 51  ASP B O   1 
ATOM   1143 C  CB  . ASP B 1 51 ? 17.492  9.153   14.513  1.00 30.00 ? 51  ASP B CB  1 
ATOM   1144 C  CG  . ASP B 1 51 ? 17.462  8.890   13.024  1.00 30.00 ? 51  ASP B CG  1 
ATOM   1145 O  OD1 . ASP B 1 51 ? 16.932  9.751   12.281  1.00 30.00 ? 51  ASP B OD1 1 
ATOM   1146 O  OD2 . ASP B 1 51 ? 17.952  7.820   12.597  1.00 30.00 ? 51  ASP B OD2 1 
ATOM   1147 N  N   . MET B 1 52 ? 14.514  8.947   14.982  1.00 26.12 ? 52  MET B N   1 
ATOM   1148 C  CA  . MET B 1 52 ? 13.267  8.423   14.454  1.00 25.08 ? 52  MET B CA  1 
ATOM   1149 C  C   . MET B 1 52 ? 12.093  8.605   15.405  1.00 24.35 ? 52  MET B C   1 
ATOM   1150 O  O   . MET B 1 52 ? 11.252  7.708   15.531  1.00 21.64 ? 52  MET B O   1 
ATOM   1151 C  CB  . MET B 1 52 ? 13.446  6.939   14.127  1.00 30.00 ? 52  MET B CB  1 
ATOM   1152 C  CG  . MET B 1 52 ? 14.445  6.680   13.001  1.00 30.00 ? 52  MET B CG  1 
ATOM   1153 S  SD  . MET B 1 52 ? 14.593  4.947   12.609  1.00 30.00 ? 52  MET B SD  1 
ATOM   1154 C  CE  . MET B 1 52 ? 15.549  4.318   13.986  1.00 30.00 ? 52  MET B CE  1 
ATOM   1155 N  N   . ALA B 1 53 ? 12.038  9.740   16.106  1.00 24.06 ? 53  ALA B N   1 
ATOM   1156 C  CA  . ALA B 1 53 ? 10.875  10.035  16.956  1.00 23.98 ? 53  ALA B CA  1 
ATOM   1157 C  C   . ALA B 1 53 ? 9.612   10.202  16.131  1.00 22.22 ? 53  ALA B C   1 
ATOM   1158 O  O   . ALA B 1 53 ? 9.634   10.812  15.035  1.00 22.06 ? 53  ALA B O   1 
ATOM   1159 C  CB  . ALA B 1 53 ? 11.111  11.297  17.805  1.00 30.00 ? 53  ALA B CB  1 
ATOM   1160 N  N   . GLY B 1 54 ? 8.499   9.715   16.675  1.00 38.14 ? 54  GLY B N   1 
ATOM   1161 C  CA  . GLY B 1 54 ? 7.231   9.772   15.982  1.00 37.57 ? 54  GLY B CA  1 
ATOM   1162 C  C   . GLY B 1 54 ? 6.987   8.447   15.287  1.00 36.15 ? 54  GLY B C   1 
ATOM   1163 O  O   . GLY B 1 54 ? 5.853   8.112   14.965  1.00 38.17 ? 54  GLY B O   1 
ATOM   1164 N  N   . TYR B 1 55 ? 8.066   7.706   15.061  1.00 38.30 ? 55  TYR B N   1 
ATOM   1165 C  CA  . TYR B 1 55 ? 7.989   6.367   14.485  1.00 36.86 ? 55  TYR B CA  1 
ATOM   1166 C  C   . TYR B 1 55 ? 7.793   5.326   15.581  1.00 38.77 ? 55  TYR B C   1 
ATOM   1167 O  O   . TYR B 1 55 ? 8.072   5.578   16.762  1.00 31.95 ? 55  TYR B O   1 
ATOM   1168 C  CB  . TYR B 1 55 ? 9.256   6.039   13.683  1.00 41.95 ? 55  TYR B CB  1 
ATOM   1169 C  CG  . TYR B 1 55 ? 9.379   6.808   12.388  1.00 48.00 ? 55  TYR B CG  1 
ATOM   1170 C  CD1 . TYR B 1 55 ? 8.268   7.029   11.579  1.00 46.40 ? 55  TYR B CD1 1 
ATOM   1171 C  CD2 . TYR B 1 55 ? 10.603  7.333   11.983  1.00 53.37 ? 55  TYR B CD2 1 
ATOM   1172 C  CE1 . TYR B 1 55 ? 8.377   7.740   10.395  1.00 51.16 ? 55  TYR B CE1 1 
ATOM   1173 C  CE2 . TYR B 1 55 ? 10.720  8.050   10.801  1.00 55.32 ? 55  TYR B CE2 1 
ATOM   1174 C  CZ  . TYR B 1 55 ? 9.603   8.248   10.011  1.00 55.99 ? 55  TYR B CZ  1 
ATOM   1175 O  OH  . TYR B 1 55 ? 9.711   8.956   8.834   1.00 61.26 ? 55  TYR B OH  1 
ATOM   1176 N  N   . TRP B 1 56 ? 7.301   4.160   15.176  1.00 31.12 ? 56  TRP B N   1 
ATOM   1177 C  CA  . TRP B 1 56 ? 7.099   3.041   16.080  1.00 27.32 ? 56  TRP B CA  1 
ATOM   1178 C  C   . TRP B 1 56 ? 7.596   1.790   15.385  1.00 27.66 ? 56  TRP B C   1 
ATOM   1179 O  O   . TRP B 1 56 ? 7.588   1.724   14.166  1.00 24.94 ? 56  TRP B O   1 
ATOM   1180 C  CB  . TRP B 1 56 ? 5.624   2.888   16.454  1.00 30.41 ? 56  TRP B CB  1 
ATOM   1181 C  CG  . TRP B 1 56 ? 5.093   3.894   17.453  1.00 33.19 ? 56  TRP B CG  1 
ATOM   1182 C  CD1 . TRP B 1 56 ? 4.846   5.222   17.239  1.00 38.64 ? 56  TRP B CD1 1 
ATOM   1183 C  CD2 . TRP B 1 56 ? 4.713   3.628   18.811  1.00 32.79 ? 56  TRP B CD2 1 
ATOM   1184 N  NE1 . TRP B 1 56 ? 4.349   5.798   18.387  1.00 35.00 ? 56  TRP B NE1 1 
ATOM   1185 C  CE2 . TRP B 1 56 ? 4.263   4.844   19.366  1.00 35.21 ? 56  TRP B CE2 1 
ATOM   1186 C  CE3 . TRP B 1 56 ? 4.726   2.485   19.615  1.00 34.38 ? 56  TRP B CE3 1 
ATOM   1187 C  CZ2 . TRP B 1 56 ? 3.825   4.943   20.688  1.00 31.83 ? 56  TRP B CZ2 1 
ATOM   1188 C  CZ3 . TRP B 1 56 ? 4.294   2.584   20.923  1.00 35.56 ? 56  TRP B CZ3 1 
ATOM   1189 C  CH2 . TRP B 1 56 ? 3.844   3.807   21.448  1.00 34.55 ? 56  TRP B CH2 1 
ATOM   1190 N  N   . SER B 1 57 ? 8.032   0.794   16.153  1.00 25.61 ? 57  SER B N   1 
ATOM   1191 C  CA  . SER B 1 57 ? 8.469   -0.463  15.540  1.00 26.06 ? 57  SER B CA  1 
ATOM   1192 C  C   . SER B 1 57 ? 7.742   -1.665  16.117  1.00 26.15 ? 57  SER B C   1 
ATOM   1193 O  O   . SER B 1 57 ? 7.516   -1.739  17.333  1.00 25.56 ? 57  SER B O   1 
ATOM   1194 C  CB  . SER B 1 57 ? 9.973   -0.671  15.712  1.00 29.26 ? 57  SER B CB  1 
ATOM   1195 O  OG  . SER B 1 57 ? 10.307  -2.035  15.456  1.00 31.90 ? 57  SER B OG  1 
ATOM   1196 N  N   . ARG B 1 58 ? 7.390   -2.616  15.243  1.00 22.25 ? 58  ARG B N   1 
ATOM   1197 C  CA  . ARG B 1 58 ? 6.912   -3.912  15.708  1.00 23.30 ? 58  ARG B CA  1 
ATOM   1198 C  C   . ARG B 1 58 ? 7.761   -5.029  15.125  1.00 21.53 ? 58  ARG B C   1 
ATOM   1199 O  O   . ARG B 1 58 ? 8.317   -4.912  14.033  1.00 20.60 ? 58  ARG B O   1 
ATOM   1200 C  CB  . ARG B 1 58 ? 5.448   -4.134  15.335  1.00 22.42 ? 58  ARG B CB  1 
ATOM   1201 C  CG  . ARG B 1 58 ? 4.489   -3.160  15.994  1.00 22.52 ? 58  ARG B CG  1 
ATOM   1202 C  CD  . ARG B 1 58 ? 3.113   -3.371  15.455  1.00 22.72 ? 58  ARG B CD  1 
ATOM   1203 N  NE  . ARG B 1 58 ? 2.192   -2.345  15.913  1.00 24.71 ? 58  ARG B NE  1 
ATOM   1204 C  CZ  . ARG B 1 58 ? 1.017   -2.609  16.473  1.00 22.93 ? 58  ARG B CZ  1 
ATOM   1205 N  NH1 . ARG B 1 58 ? 0.615   -3.869  16.617  1.00 26.26 ? 58  ARG B NH1 1 
ATOM   1206 N  NH2 . ARG B 1 58 ? 0.226   -1.611  16.849  1.00 24.23 ? 58  ARG B NH2 1 
ATOM   1207 N  N   . ARG B 1 59 ? 7.860   -6.122  15.872  1.00 24.37 ? 59  ARG B N   1 
ATOM   1208 C  CA  . ARG B 1 59 ? 8.656   -7.266  15.436  1.00 22.81 ? 59  ARG B CA  1 
ATOM   1209 C  C   . ARG B 1 59 ? 7.909   -8.083  14.381  1.00 22.57 ? 59  ARG B C   1 
ATOM   1210 O  O   . ARG B 1 59 ? 6.777   -8.510  14.627  1.00 25.38 ? 59  ARG B O   1 
ATOM   1211 C  CB  . ARG B 1 59 ? 9.002   -8.140  16.655  1.00 26.45 ? 59  ARG B CB  1 
ATOM   1212 C  CG  . ARG B 1 59 ? 9.918   -9.326  16.393  1.00 28.89 ? 59  ARG B CG  1 
ATOM   1213 C  CD  . ARG B 1 59 ? 10.103  -10.146 17.674  1.00 30.41 ? 59  ARG B CD  1 
ATOM   1214 N  NE  . ARG B 1 59 ? 11.048  -11.244 17.499  1.00 28.61 ? 59  ARG B NE  1 
ATOM   1215 C  CZ  . ARG B 1 59 ? 10.708  -12.464 17.086  1.00 31.14 ? 59  ARG B CZ  1 
ATOM   1216 N  NH1 . ARG B 1 59 ? 9.441   -12.737 16.785  1.00 28.03 ? 59  ARG B NH1 1 
ATOM   1217 N  NH2 . ARG B 1 59 ? 11.640  -13.408 16.958  1.00 33.52 ? 59  ARG B NH2 1 
ATOM   1218 N  N   . ILE B 1 60 ? 8.510   -8.287  13.202  1.00 19.41 ? 60  ILE B N   1 
ATOM   1219 C  CA  . ILE B 1 60 ? 7.926   -9.232  12.238  1.00 20.05 ? 60  ILE B CA  1 
ATOM   1220 C  C   . ILE B 1 60 ? 8.531   -10.591 12.515  1.00 21.61 ? 60  ILE B C   1 
ATOM   1221 O  O   . ILE B 1 60 ? 7.816   -11.560 12.770  1.00 23.21 ? 60  ILE B O   1 
ATOM   1222 C  CB  . ILE B 1 60 ? 8.177   -8.858  10.753  1.00 18.54 ? 60  ILE B CB  1 
ATOM   1223 C  CG1 . ILE B 1 60 ? 7.778   -7.412  10.491  1.00 17.73 ? 60  ILE B CG1 1 
ATOM   1224 C  CG2 . ILE B 1 60 ? 7.373   -9.762  9.844   1.00 18.44 ? 60  ILE B CG2 1 
ATOM   1225 C  CD1 . ILE B 1 60 ? 8.049   -6.969  9.056   1.00 17.58 ? 60  ILE B CD1 1 
ATOM   1226 N  N   . THR B 1 61 ? 9.854   -10.637 12.469  1.00 21.61 ? 61  THR B N   1 
ATOM   1227 C  CA  . THR B 1 61 ? 10.592  -11.821 12.912  1.00 28.19 ? 61  THR B CA  1 
ATOM   1228 C  C   . THR B 1 61 ? 11.816  -11.334 13.650  1.00 27.64 ? 61  THR B C   1 
ATOM   1229 O  O   . THR B 1 61 ? 11.996  -10.130 13.816  1.00 28.51 ? 61  THR B O   1 
ATOM   1230 C  CB  . THR B 1 61 ? 11.017  -12.744 11.744  1.00 26.70 ? 61  THR B CB  1 
ATOM   1231 O  OG1 . THR B 1 61 ? 11.841  -12.017 10.822  1.00 29.88 ? 61  THR B OG1 1 
ATOM   1232 C  CG2 . THR B 1 61 ? 9.801   -13.307 11.020  1.00 30.99 ? 61  THR B CG2 1 
ATOM   1233 N  N   . ALA B 1 62 ? 12.655  -12.265 14.099  1.00 29.51 ? 62  ALA B N   1 
ATOM   1234 C  CA  . ALA B 1 62 ? 13.925  -11.897 14.722  1.00 31.10 ? 62  ALA B CA  1 
ATOM   1235 C  C   . ALA B 1 62 ? 14.659  -10.790 13.967  1.00 33.70 ? 62  ALA B C   1 
ATOM   1236 O  O   . ALA B 1 62 ? 15.091  -9.795  14.559  1.00 35.47 ? 62  ALA B O   1 
ATOM   1237 C  CB  . ALA B 1 62 ? 14.829  -13.128 14.843  1.00 33.86 ? 62  ALA B CB  1 
ATOM   1238 N  N   . GLU B 1 63 ? 14.774  -10.939 12.654  1.00 31.19 ? 63  GLU B N   1 
ATOM   1239 C  CA  . GLU B 1 63 ? 15.665  -10.056 11.906  1.00 31.78 ? 63  GLU B CA  1 
ATOM   1240 C  C   . GLU B 1 63 ? 14.918  -9.011  11.059  1.00 26.81 ? 63  GLU B C   1 
ATOM   1241 O  O   . GLU B 1 63 ? 15.534  -8.276  10.292  1.00 25.68 ? 63  GLU B O   1 
ATOM   1242 C  CB  . GLU B 1 63 ? 16.592  -10.908 11.030  1.00 37.22 ? 63  GLU B CB  1 
ATOM   1243 C  CG  . GLU B 1 63 ? 17.588  -11.761 11.819  1.00 40.48 ? 63  GLU B CG  1 
ATOM   1244 C  CD  . GLU B 1 63 ? 18.443  -12.646 10.940  1.00 50.09 ? 63  GLU B CD  1 
ATOM   1245 O  OE1 . GLU B 1 63 ? 18.147  -12.749 9.732   1.00 57.16 ? 63  GLU B OE1 1 
ATOM   1246 O  OE2 . GLU B 1 63 ? 19.435  -13.224 11.436  1.00 53.47 ? 63  GLU B OE2 1 
ATOM   1247 N  N   . HIS B 1 64 ? 13.600  -8.929  11.212  1.00 23.70 ? 64  HIS B N   1 
ATOM   1248 C  CA  . HIS B 1 64 ? 12.803  -7.987  10.407  1.00 22.62 ? 64  HIS B CA  1 
ATOM   1249 C  C   . HIS B 1 64 ? 11.766  -7.206  11.212  1.00 21.41 ? 64  HIS B C   1 
ATOM   1250 O  O   . HIS B 1 64 ? 10.954  -7.782  11.924  1.00 22.69 ? 64  HIS B O   1 
ATOM   1251 C  CB  . HIS B 1 64 ? 12.099  -8.739  9.271   1.00 21.54 ? 64  HIS B CB  1 
ATOM   1252 C  CG  . HIS B 1 64 ? 13.047  -9.459  8.361   1.00 21.00 ? 64  HIS B CG  1 
ATOM   1253 N  ND1 . HIS B 1 64 ? 13.828  -8.805  7.440   1.00 19.44 ? 64  HIS B ND1 1 
ATOM   1254 C  CD2 . HIS B 1 64 ? 13.379  -10.770 8.281   1.00 22.72 ? 64  HIS B CD2 1 
ATOM   1255 C  CE1 . HIS B 1 64 ? 14.588  -9.682  6.806   1.00 20.48 ? 64  HIS B CE1 1 
ATOM   1256 N  NE2 . HIS B 1 64 ? 14.338  -10.881 7.303   1.00 23.14 ? 64  HIS B NE2 1 
ATOM   1257 N  N   . ARG B 1 65 ? 11.784  -5.880  11.043  1.00 21.99 ? 65  ARG B N   1 
ATOM   1258 C  CA  . ARG B 1 65 ? 10.958  -4.978  11.819  1.00 22.09 ? 65  ARG B CA  1 
ATOM   1259 C  C   . ARG B 1 65 ? 10.000  -4.240  10.886  1.00 19.58 ? 65  ARG B C   1 
ATOM   1260 O  O   . ARG B 1 65 ? 10.303  -4.017  9.714   1.00 20.36 ? 65  ARG B O   1 
ATOM   1261 C  CB  . ARG B 1 65 ? 11.831  -3.985  12.620  1.00 27.58 ? 65  ARG B CB  1 
ATOM   1262 C  CG  . ARG B 1 65 ? 12.725  -4.647  13.670  1.00 30.83 ? 65  ARG B CG  1 
ATOM   1263 C  CD  . ARG B 1 65 ? 11.915  -5.510  14.642  1.00 38.59 ? 65  ARG B CD  1 
ATOM   1264 N  NE  . ARG B 1 65 ? 12.745  -6.157  15.661  1.00 43.87 ? 65  ARG B NE  1 
ATOM   1265 C  CZ  . ARG B 1 65 ? 13.347  -7.335  15.496  1.00 47.69 ? 65  ARG B CZ  1 
ATOM   1266 N  NH1 . ARG B 1 65 ? 13.215  -7.989  14.353  1.00 45.24 ? 65  ARG B NH1 1 
ATOM   1267 N  NH2 . ARG B 1 65 ? 14.086  -7.858  16.468  1.00 47.14 ? 65  ARG B NH2 1 
ATOM   1268 N  N   . PHE B 1 66 ? 8.833   -3.936  11.434  1.00 19.37 ? 66  PHE B N   1 
ATOM   1269 C  CA  . PHE B 1 66 ? 7.739   -3.208  10.788  1.00 19.91 ? 66  PHE B CA  1 
ATOM   1270 C  C   . PHE B 1 66 ? 7.750   -1.846  11.454  1.00 21.07 ? 66  PHE B C   1 
ATOM   1271 O  O   . PHE B 1 66 ? 7.417   -1.733  12.621  1.00 19.52 ? 66  PHE B O   1 
ATOM   1272 C  CB  . PHE B 1 66 ? 6.404   -3.957  11.002  1.00 19.96 ? 66  PHE B CB  1 
ATOM   1273 C  CG  . PHE B 1 66 ? 5.162   -3.279  10.443  1.00 20.92 ? 66  PHE B CG  1 
ATOM   1274 C  CD1 . PHE B 1 66 ? 4.782   -3.439  9.101   1.00 19.52 ? 66  PHE B CD1 1 
ATOM   1275 C  CD2 . PHE B 1 66 ? 4.314   -2.553  11.297  1.00 21.63 ? 66  PHE B CD2 1 
ATOM   1276 C  CE1 . PHE B 1 66 ? 3.606   -2.848  8.601   1.00 19.25 ? 66  PHE B CE1 1 
ATOM   1277 C  CE2 . PHE B 1 66 ? 3.130   -1.966  10.814  1.00 23.25 ? 66  PHE B CE2 1 
ATOM   1278 C  CZ  . PHE B 1 66 ? 2.776   -2.109  9.467   1.00 21.09 ? 66  PHE B CZ  1 
ATOM   1279 N  N   . VAL B 1 67 ? 8.143   -0.824  10.705  1.00 21.88 ? 67  VAL B N   1 
ATOM   1280 C  CA  . VAL B 1 67 ? 8.316   0.508   11.270  1.00 23.65 ? 67  VAL B CA  1 
ATOM   1281 C  C   . VAL B 1 67 ? 7.317   1.423   10.616  1.00 23.73 ? 67  VAL B C   1 
ATOM   1282 O  O   . VAL B 1 67 ? 7.180   1.403   9.405   1.00 21.92 ? 67  VAL B O   1 
ATOM   1283 C  CB  . VAL B 1 67 ? 9.728   1.035   11.053  1.00 22.34 ? 67  VAL B CB  1 
ATOM   1284 C  CG1 . VAL B 1 67 ? 9.865   2.450   11.676  1.00 23.30 ? 67  VAL B CG1 1 
ATOM   1285 C  CG2 . VAL B 1 67 ? 10.746  0.061   11.641  1.00 25.40 ? 67  VAL B CG2 1 
ATOM   1286 N  N   . TYR B 1 68 ? 6.612   2.209   11.422  1.00 23.78 ? 68  TYR B N   1 
ATOM   1287 C  CA  . TYR B 1 68 ? 5.488   2.982   10.926  1.00 22.01 ? 68  TYR B CA  1 
ATOM   1288 C  C   . TYR B 1 68 ? 5.305   4.237   11.742  1.00 26.59 ? 68  TYR B C   1 
ATOM   1289 O  O   . TYR B 1 68 ? 5.859   4.378   12.832  1.00 28.20 ? 68  TYR B O   1 
ATOM   1290 C  CB  . TYR B 1 68 ? 4.201   2.161   10.958  1.00 21.48 ? 68  TYR B CB  1 
ATOM   1291 C  CG  . TYR B 1 68 ? 3.825   1.689   12.336  1.00 23.71 ? 68  TYR B CG  1 
ATOM   1292 C  CD1 . TYR B 1 68 ? 4.517   0.636   12.938  1.00 25.84 ? 68  TYR B CD1 1 
ATOM   1293 C  CD2 . TYR B 1 68 ? 2.785   2.283   13.038  1.00 25.39 ? 68  TYR B CD2 1 
ATOM   1294 C  CE1 . TYR B 1 68 ? 4.200   0.200   14.206  1.00 28.40 ? 68  TYR B CE1 1 
ATOM   1295 C  CE2 . TYR B 1 68 ? 2.444   1.842   14.298  1.00 26.82 ? 68  TYR B CE2 1 
ATOM   1296 C  CZ  . TYR B 1 68 ? 3.157   0.793   14.876  1.00 29.52 ? 68  TYR B CZ  1 
ATOM   1297 O  OH  . TYR B 1 68 ? 2.833   0.358   16.132  1.00 29.13 ? 68  TYR B OH  1 
ATOM   1298 N  N   . ARG B 1 69 ? 4.531   5.145   11.174  1.00 30.71 ? 69  ARG B N   1 
ATOM   1299 C  CA  . ARG B 1 69 ? 4.160   6.376   11.833  1.00 33.98 ? 69  ARG B CA  1 
ATOM   1300 C  C   . ARG B 1 69 ? 2.650   6.491   11.722  1.00 32.53 ? 69  ARG B C   1 
ATOM   1301 O  O   . ARG B 1 69 ? 2.039   5.955   10.783  1.00 31.33 ? 69  ARG B O   1 
ATOM   1302 C  CB  . ARG B 1 69 ? 4.862   7.578   11.184  1.00 40.43 ? 69  ARG B CB  1 
ATOM   1303 C  CG  . ARG B 1 69 ? 4.315   8.939   11.588  1.00 45.45 ? 69  ARG B CG  1 
ATOM   1304 C  CD  . ARG B 1 69 ? 5.062   10.060  10.887  1.00 50.99 ? 69  ARG B CD  1 
ATOM   1305 N  N   . VAL B 1 70 ? 2.030   7.146   12.694  1.00 34.15 ? 70  VAL B N   1 
ATOM   1306 C  CA  . VAL B 1 70 ? 0.666   7.586   12.489  1.00 36.00 ? 70  VAL B CA  1 
ATOM   1307 C  C   . VAL B 1 70 ? 0.638   9.099   12.386  1.00 35.33 ? 70  VAL B C   1 
ATOM   1308 O  O   . VAL B 1 70 ? 1.145   9.801   13.262  1.00 35.41 ? 70  VAL B O   1 
ATOM   1309 C  CB  . VAL B 1 70 ? -0.266  7.145   13.610  1.00 40.52 ? 70  VAL B CB  1 
ATOM   1310 C  CG1 . VAL B 1 70 ? -1.642  7.737   13.402  1.00 39.53 ? 70  VAL B CG1 1 
ATOM   1311 C  CG2 . VAL B 1 70 ? -0.340  5.628   13.655  1.00 43.16 ? 70  VAL B CG2 1 
ATOM   1312 N  N   . SER B 1 71 ? 0.081   9.603   11.293  1.00 36.02 ? 71  SER B N   1 
ATOM   1313 C  CA  . SER B 1 71 ? -0.146  11.034  11.160  1.00 36.10 ? 71  SER B CA  1 
ATOM   1314 C  C   . SER B 1 71 ? -1.618  11.264  10.862  1.00 33.78 ? 71  SER B C   1 
ATOM   1315 O  O   . SER B 1 71 ? -2.341  10.310  10.644  1.00 33.46 ? 71  SER B O   1 
ATOM   1316 C  CB  . SER B 1 71 ? 0.757   11.621  10.078  1.00 37.20 ? 71  SER B CB  1 
ATOM   1317 O  OG  . SER B 1 71 ? 0.407   11.165  8.788   1.00 43.59 ? 71  SER B OG  1 
ATOM   1318 N  N   . GLY B 1 72 ? -2.076  12.518  10.875  1.00 36.46 ? 72  GLY B N   1 
ATOM   1319 C  CA  . GLY B 1 72 ? -3.464  12.789  10.525  1.00 38.16 ? 72  GLY B CA  1 
ATOM   1320 C  C   . GLY B 1 72 ? -4.456  13.024  11.658  1.00 42.36 ? 72  GLY B C   1 
ATOM   1321 O  O   . GLY B 1 72 ? -4.061  13.109  12.829  1.00 40.70 ? 72  GLY B O   1 
ATOM   1322 N  N   . SER B 1 73 ? -5.745  13.056  11.288  1.00 30.00 ? 73  SER B N   1 
ATOM   1323 C  CA  . SER B 1 73 ? -6.818  13.781  12.022  1.00 30.00 ? 73  SER B CA  1 
ATOM   1324 C  C   . SER B 1 73 ? -8.221  13.153  12.017  1.00 30.00 ? 73  SER B C   1 
ATOM   1325 O  O   . SER B 1 73 ? -8.659  12.520  12.984  1.00 30.00 ? 73  SER B O   1 
ATOM   1326 C  CB  . SER B 1 73 ? -6.986  15.183  11.441  1.00 30.00 ? 73  SER B CB  1 
ATOM   1327 O  OG  . SER B 1 73 ? -7.425  15.156  10.099  1.00 30.00 ? 73  SER B OG  1 
ATOM   1328 N  N   . GLY B 1 74 ? -8.951  13.417  10.935  1.00 30.00 ? 74  GLY B N   1 
ATOM   1329 C  CA  . GLY B 1 74 ? -10.277 12.857  10.723  1.00 30.00 ? 74  GLY B CA  1 
ATOM   1330 C  C   . GLY B 1 74 ? -10.235 12.043  9.448   1.00 30.00 ? 74  GLY B C   1 
ATOM   1331 O  O   . GLY B 1 74 ? -11.252 11.514  8.957   1.00 30.00 ? 74  GLY B O   1 
ATOM   1332 N  N   . GLN B 1 77 ? -7.175  9.758   9.304   1.00 44.57 ? 77  GLN B N   1 
ATOM   1333 C  CA  . GLN B 1 77 ? -5.890  9.280   9.796   1.00 47.22 ? 77  GLN B CA  1 
ATOM   1334 C  C   . GLN B 1 77 ? -5.147  8.475   8.737   1.00 41.40 ? 77  GLN B C   1 
ATOM   1335 O  O   . GLN B 1 77 ? -5.736  8.024   7.747   1.00 35.38 ? 77  GLN B O   1 
ATOM   1336 C  CB  . GLN B 1 77 ? -6.088  8.438   11.051  1.00 51.40 ? 77  GLN B CB  1 
ATOM   1337 C  CG  . GLN B 1 77 ? -5.247  8.875   12.237  1.00 55.52 ? 77  GLN B CG  1 
ATOM   1338 C  CD  . GLN B 1 77 ? -5.777  8.326   13.546  1.00 58.26 ? 77  GLN B CD  1 
ATOM   1339 O  OE1 . GLN B 1 77 ? -6.829  7.685   13.581  1.00 63.48 ? 77  GLN B OE1 1 
ATOM   1340 N  NE2 . GLN B 1 77 ? -5.055  8.581   14.633  1.00 61.45 ? 77  GLN B NE2 1 
ATOM   1341 N  N   . ARG B 1 78 ? -3.897  8.244   9.041   1.00 38.48 ? 78  ARG B N   1 
ATOM   1342 C  CA  . ARG B 1 78 ? -3.084  7.497   8.135   1.00 35.03 ? 78  ARG B CA  1 
ATOM   1343 C  C   . ARG B 1 78 ? -2.026  6.724   8.839   1.00 31.99 ? 78  ARG B C   1 
ATOM   1344 O  O   . ARG B 1 78 ? -1.287  7.235   9.599   1.00 31.22 ? 78  ARG B O   1 
ATOM   1345 C  CB  . ARG B 1 78 ? -2.412  8.426   7.153   1.00 36.39 ? 78  ARG B CB  1 
ATOM   1346 C  CG  . ARG B 1 78 ? -3.252  9.633   6.906   1.00 39.97 ? 78  ARG B CG  1 
ATOM   1347 C  CD  . ARG B 1 78 ? -2.590  10.662  6.086   1.00 42.68 ? 78  ARG B CD  1 
ATOM   1348 N  NE  . ARG B 1 78 ? -1.509  11.380  6.695   1.00 46.21 ? 78  ARG B NE  1 
ATOM   1349 C  CZ  . ARG B 1 78 ? -1.564  12.666  6.971   1.00 45.46 ? 78  ARG B CZ  1 
ATOM   1350 N  NH1 . ARG B 1 78 ? -0.520  13.275  7.489   1.00 44.41 ? 78  ARG B NH1 1 
ATOM   1351 N  NH2 . ARG B 1 78 ? -2.692  13.300  6.755   1.00 50.58 ? 78  ARG B NH2 1 
ATOM   1352 N  N   . LEU B 1 79 ? -1.971  5.475   8.494   1.00 28.92 ? 79  LEU B N   1 
ATOM   1353 C  CA  . LEU B 1 79 ? -0.899  4.600   8.940   1.00 25.76 ? 79  LEU B CA  1 
ATOM   1354 C  C   . LEU B 1 79 ? 0.147   4.588   7.834   1.00 25.49 ? 79  LEU B C   1 
ATOM   1355 O  O   . LEU B 1 79 ? -0.155  4.173   6.737   1.00 23.25 ? 79  LEU B O   1 
ATOM   1356 C  CB  . LEU B 1 79 ? -1.425  3.188   9.195   1.00 26.48 ? 79  LEU B CB  1 
ATOM   1357 C  CG  . LEU B 1 79 ? -0.426  2.102   9.568   1.00 30.46 ? 79  LEU B CG  1 
ATOM   1358 C  CD1 . LEU B 1 79 ? 0.133   2.323   10.960  1.00 31.89 ? 79  LEU B CD1 1 
ATOM   1359 C  CD2 . LEU B 1 79 ? -1.088  0.725   9.448   1.00 31.47 ? 79  LEU B CD2 1 
ATOM   1360 N  N   . GLU B 1 80 ? 1.341   5.099   8.102   1.00 25.19 ? 80  GLU B N   1 
ATOM   1361 C  CA  . GLU B 1 80 ? 2.378   5.171   7.085   1.00 25.21 ? 80  GLU B CA  1 
ATOM   1362 C  C   . GLU B 1 80 ? 3.414   4.080   7.354   1.00 25.00 ? 80  GLU B C   1 
ATOM   1363 O  O   . GLU B 1 80 ? 4.117   4.138   8.354   1.00 26.29 ? 80  GLU B O   1 
ATOM   1364 C  CB  . GLU B 1 80 ? 3.040   6.546   7.092   1.00 30.23 ? 80  GLU B CB  1 
ATOM   1365 C  CG  . GLU B 1 80 ? 2.050   7.700   7.147   1.00 35.84 ? 80  GLU B CG  1 
ATOM   1366 C  CD  . GLU B 1 80 ? 2.719   9.056   7.287   1.00 45.00 ? 80  GLU B CD  1 
ATOM   1367 O  OE1 . GLU B 1 80 ? 2.144   10.050  6.798   1.00 47.97 ? 80  GLU B OE1 1 
ATOM   1368 O  OE2 . GLU B 1 80 ? 3.806   9.130   7.899   1.00 52.80 ? 80  GLU B OE2 1 
ATOM   1369 N  N   . VAL B 1 81 ? 3.496   3.090   6.477   1.00 21.66 ? 81  VAL B N   1 
ATOM   1370 C  CA  . VAL B 1 81 ? 4.541   2.070   6.625   1.00 24.12 ? 81  VAL B CA  1 
ATOM   1371 C  C   . VAL B 1 81 ? 5.864   2.576   6.028   1.00 22.40 ? 81  VAL B C   1 
ATOM   1372 O  O   . VAL B 1 81 ? 5.954   2.894   4.834   1.00 22.25 ? 81  VAL B O   1 
ATOM   1373 C  CB  . VAL B 1 81 ? 4.139   0.739   5.970   1.00 22.56 ? 81  VAL B CB  1 
ATOM   1374 C  CG1 . VAL B 1 81 ? 5.208   -0.354  6.260   1.00 22.19 ? 81  VAL B CG1 1 
ATOM   1375 C  CG2 . VAL B 1 81 ? 2.777   0.303   6.478   1.00 26.12 ? 81  VAL B CG2 1 
ATOM   1376 N  N   . ILE B 1 82 ? 6.875   2.692   6.886   1.00 22.21 ? 82  ILE B N   1 
ATOM   1377 C  CA  . ILE B 1 82 ? 8.186   3.206   6.513   1.00 23.47 ? 82  ILE B CA  1 
ATOM   1378 C  C   . ILE B 1 82 ? 9.189   2.115   6.153   1.00 23.05 ? 82  ILE B C   1 
ATOM   1379 O  O   . ILE B 1 82 ? 10.119  2.336   5.363   1.00 23.30 ? 82  ILE B O   1 
ATOM   1380 C  CB  . ILE B 1 82 ? 8.770   4.060   7.666   1.00 32.28 ? 82  ILE B CB  1 
ATOM   1381 C  CG1 . ILE B 1 82 ? 7.785   5.173   8.035   1.00 36.20 ? 82  ILE B CG1 1 
ATOM   1382 C  CG2 . ILE B 1 82 ? 10.115  4.665   7.275   1.00 35.12 ? 82  ILE B CG2 1 
ATOM   1383 C  CD1 . ILE B 1 82 ? 7.420   6.050   6.851   1.00 37.83 ? 82  ILE B CD1 1 
ATOM   1384 N  N   . GLN B 1 83 ? 9.011   0.929   6.732   1.00 23.76 ? 83  GLN B N   1 
ATOM   1385 C  CA  . GLN B 1 83 ? 9.929   -0.181  6.481   1.00 22.12 ? 83  GLN B CA  1 
ATOM   1386 C  C   . GLN B 1 83 ? 9.323   -1.499  6.922   1.00 18.56 ? 83  GLN B C   1 
ATOM   1387 O  O   . GLN B 1 83 ? 8.617   -1.538  7.927   1.00 19.44 ? 83  GLN B O   1 
ATOM   1388 C  CB  . GLN B 1 83 ? 11.260  0.026   7.225   1.00 30.00 ? 83  GLN B CB  1 
ATOM   1389 C  CG  . GLN B 1 83 ? 12.468  -0.412  6.444   1.00 30.00 ? 83  GLN B CG  1 
ATOM   1390 N  N   . CYS B 1 84 ? 9.581   -2.576  6.184   1.00 19.66 ? 84  CYS B N   1 
ATOM   1391 C  CA  . CYS B 1 84 ? 9.166   -3.894  6.687   1.00 20.47 ? 84  CYS B CA  1 
ATOM   1392 C  C   . CYS B 1 84 ? 10.131  -4.998  6.270   1.00 20.11 ? 84  CYS B C   1 
ATOM   1393 O  O   . CYS B 1 84 ? 9.734   -6.142  6.040   1.00 18.06 ? 84  CYS B O   1 
ATOM   1394 C  CB  . CYS B 1 84 ? 7.736   -4.237  6.245   1.00 22.01 ? 84  CYS B CB  1 
ATOM   1395 S  SG  . CYS B 1 84 ? 7.388   -4.331  4.472   1.00 21.60 ? 84  CYS B SG  1 
ATOM   1396 N  N   . ARG B 1 85 ? 11.405  -4.637  6.200   1.00 19.30 ? 85  ARG B N   1 
ATOM   1397 C  CA  . ARG B 1 85 ? 12.478  -5.592  5.970   1.00 19.47 ? 85  ARG B CA  1 
ATOM   1398 C  C   . ARG B 1 85 ? 13.722  -5.088  6.686   1.00 21.53 ? 85  ARG B C   1 
ATOM   1399 O  O   . ARG B 1 85 ? 13.956  -3.880  6.754   1.00 21.49 ? 85  ARG B O   1 
ATOM   1400 C  CB  . ARG B 1 85 ? 12.755  -5.765  4.481   1.00 20.92 ? 85  ARG B CB  1 
ATOM   1401 C  CG  . ARG B 1 85 ? 13.781  -6.799  4.131   1.00 20.03 ? 85  ARG B CG  1 
ATOM   1402 C  CD  . ARG B 1 85 ? 13.978  -6.780  2.638   1.00 20.49 ? 85  ARG B CD  1 
ATOM   1403 N  NE  . ARG B 1 85 ? 14.957  -7.755  2.189   1.00 21.03 ? 85  ARG B NE  1 
ATOM   1404 C  CZ  . ARG B 1 85 ? 15.413  -7.828  0.948   1.00 22.75 ? 85  ARG B CZ  1 
ATOM   1405 N  NH1 . ARG B 1 85 ? 16.315  -8.754  0.639   1.00 24.75 ? 85  ARG B NH1 1 
ATOM   1406 N  NH2 . ARG B 1 85 ? 14.984  -6.963  0.029   1.00 22.12 ? 85  ARG B NH2 1 
ATOM   1407 N  N   . PHE B 1 86 ? 14.491  -6.028  7.218   1.00 21.74 ? 86  PHE B N   1 
ATOM   1408 C  CA  . PHE B 1 86 ? 15.733  -5.768  7.947   1.00 24.94 ? 86  PHE B CA  1 
ATOM   1409 C  C   . PHE B 1 86 ? 15.484  -5.126  9.304   1.00 29.25 ? 86  PHE B C   1 
ATOM   1410 O  O   . PHE B 1 86 ? 14.338  -4.888  9.713   1.00 25.50 ? 86  PHE B O   1 
ATOM   1411 C  CB  . PHE B 1 86 ? 16.681  -4.888  7.124   1.00 24.31 ? 86  PHE B CB  1 
ATOM   1412 C  CG  . PHE B 1 86 ? 17.110  -5.498  5.822   1.00 24.88 ? 86  PHE B CG  1 
ATOM   1413 C  CD1 . PHE B 1 86 ? 17.604  -6.795  5.777   1.00 24.78 ? 86  PHE B CD1 1 
ATOM   1414 C  CD2 . PHE B 1 86 ? 17.003  -4.784  4.632   1.00 28.58 ? 86  PHE B CD2 1 
ATOM   1415 C  CE1 . PHE B 1 86 ? 18.008  -7.355  4.590   1.00 25.70 ? 86  PHE B CE1 1 
ATOM   1416 C  CE2 . PHE B 1 86 ? 17.409  -5.360  3.419   1.00 24.78 ? 86  PHE B CE2 1 
ATOM   1417 C  CZ  . PHE B 1 86 ? 17.902  -6.643  3.407   1.00 27.80 ? 86  PHE B CZ  1 
ATOM   1418 N  N   . HIS B 1 87 ? 16.577  -4.841  10.001  1.00 37.73 ? 87  HIS B N   1 
ATOM   1419 C  CA  . HIS B 1 87 ? 16.514  -4.245  11.324  1.00 42.94 ? 87  HIS B CA  1 
ATOM   1420 C  C   . HIS B 1 87 ? 17.576  -3.156  11.422  1.00 45.38 ? 87  HIS B C   1 
ATOM   1421 O  O   . HIS B 1 87 ? 18.707  -3.346  10.954  1.00 47.33 ? 87  HIS B O   1 
ATOM   1422 C  CB  . HIS B 1 87 ? 16.715  -5.326  12.390  1.00 45.33 ? 87  HIS B CB  1 
ATOM   1423 C  CG  . HIS B 1 87 ? 16.595  -4.834  13.797  1.00 46.78 ? 87  HIS B CG  1 
ATOM   1424 N  ND1 . HIS B 1 87 ? 17.037  -5.567  14.879  1.00 48.04 ? 87  HIS B ND1 1 
ATOM   1425 C  CD2 . HIS B 1 87 ? 16.080  -3.689  14.306  1.00 47.41 ? 87  HIS B CD2 1 
ATOM   1426 C  CE1 . HIS B 1 87 ? 16.797  -4.898  15.993  1.00 48.66 ? 87  HIS B CE1 1 
ATOM   1427 N  NE2 . HIS B 1 87 ? 16.215  -3.754  15.673  1.00 48.18 ? 87  HIS B NE2 1 
ATOM   1428 N  N   . TYR B 1 88 ? 17.200  -2.011  11.988  1.00 47.71 ? 88  TYR B N   1 
ATOM   1429 C  CA  . TYR B 1 88 ? 18.146  -0.928  12.261  1.00 48.55 ? 88  TYR B CA  1 
ATOM   1430 C  C   . TYR B 1 88 ? 18.918  -0.496  11.009  1.00 48.51 ? 88  TYR B C   1 
ATOM   1431 O  O   . TYR B 1 88 ? 18.873  0.669   10.610  1.00 48.58 ? 88  TYR B O   1 
ATOM   1432 C  CB  . TYR B 1 88 ? 19.122  -1.346  13.377  1.00 30.00 ? 88  TYR B CB  1 
ATOM   1433 C  CG  . TYR B 1 88 ? 18.769  -0.775  14.737  1.00 30.00 ? 88  TYR B CG  1 
HETATM 1434 O  O1  . TEW C 2 .  ? -0.928  17.174  11.463  0.60 31.95 ? 101 TEW B O1  1 
HETATM 1435 O  O2  . TEW C 2 .  ? -0.011  14.802  11.285  0.60 30.20 ? 101 TEW B O2  1 
HETATM 1436 O  O3  . TEW C 2 .  ? -2.588  15.622  12.063  0.60 27.39 ? 101 TEW B O3  1 
HETATM 1437 O  O4  . TEW C 2 .  ? 0.961   16.129  13.213  0.60 28.38 ? 101 TEW B O4  1 
HETATM 1438 O  O5  . TEW C 2 .  ? -1.145  14.460  13.955  0.60 31.28 ? 101 TEW B O5  1 
HETATM 1439 O  O6  . TEW C 2 .  ? -1.415  17.183  14.092  0.60 29.06 ? 101 TEW B O6  1 
HETATM 1440 O  O7  . TEW C 2 .  ? -1.834  16.027  9.403   0.60 24.99 ? 101 TEW B O7  1 
HETATM 1441 O  O8  . TEW C 2 .  ? -3.163  18.342  12.281  0.60 29.71 ? 101 TEW B O8  1 
HETATM 1442 O  O9  . TEW C 2 .  ? -4.462  16.739  10.453  0.60 21.24 ? 101 TEW B O9  1 
HETATM 1443 O  O10 . TEW C 2 .  ? -2.487  18.487  9.632   0.60 29.86 ? 101 TEW B O10 1 
HETATM 1444 O  O11 . TEW C 2 .  ? 0.802   15.330  8.563   0.60 30.68 ? 101 TEW B O11 1 
HETATM 1445 O  O12 . TEW C 2 .  ? 0.006   17.779  8.769   0.60 30.61 ? 101 TEW B O12 1 
HETATM 1446 O  O13 . TEW C 2 .  ? 1.778   16.619  10.602  0.60 30.45 ? 101 TEW B O13 1 
HETATM 1447 O  O14 . TEW C 2 .  ? 2.638   14.227  10.455  0.60 29.71 ? 101 TEW B O14 1 
HETATM 1448 O  O15 . TEW C 2 .  ? 1.900   13.473  13.033  0.60 32.24 ? 101 TEW B O15 1 
HETATM 1449 O  O16 . TEW C 2 .  ? 3.562   15.636  12.691  0.60 31.52 ? 101 TEW B O16 1 
HETATM 1450 O  O17 . TEW C 2 .  ? -0.992  16.629  6.747   0.60 28.89 ? 101 TEW B O17 1 
HETATM 1451 O  O18 . TEW C 2 .  ? -1.879  19.255  7.068   0.60 31.16 ? 101 TEW B O18 1 
HETATM 1452 O  O19 . TEW C 2 .  ? -3.607  17.135  7.398   0.60 24.28 ? 101 TEW B O19 1 
HETATM 1453 O  O20 . TEW C 2 .  ? 2.583   17.012  7.916   0.60 32.64 ? 101 TEW B O20 1 
HETATM 1454 O  O21 . TEW C 2 .  ? 1.123   18.365  6.114   0.60 30.39 ? 101 TEW B O21 1 
HETATM 1455 O  O22 . TEW C 2 .  ? 1.371   15.649  5.753   0.60 32.98 ? 101 TEW B O22 1 
HETATM 1456 O  O23 . TEW C 2 .  ? 3.464   14.371  7.870   0.60 32.82 ? 101 TEW B O23 1 
HETATM 1457 O  O31 . TEW C 2 .  ? 4.514   16.158  9.695   0.60 29.70 ? 101 TEW B O31 1 
HETATM 1458 TE TE1 . TEW C 2 .  ? -0.027  16.294  10.003  0.60 29.46 ? 101 TEW B TE1 1 
HETATM 1459 W  W1  . TEW C 2 .  ? -0.952  15.912  13.036  0.60 27.17 ? 101 TEW B W1  1 
HETATM 1460 W  W2  . TEW C 2 .  ? -2.891  17.191  10.999  0.60 27.33 ? 101 TEW B W2  1 
HETATM 1461 W  W3  . TEW C 2 .  ? 2.078   14.931  12.140  0.60 30.96 ? 101 TEW B W3  1 
HETATM 1462 W  W4  . TEW C 2 .  ? -2.080  17.770  7.913   0.60 28.63 ? 101 TEW B W4  1 
HETATM 1463 W  W5  . TEW C 2 .  ? 0.927   16.840  6.908   0.60 31.32 ? 101 TEW B W5  1 
HETATM 1464 W  W6  . TEW C 2 .  ? 3.027   15.535  9.090   0.60 32.66 ? 101 TEW B W6  1 
HETATM 1465 O  O   . HOH D 3 .  ? 4.032   -5.733  -17.536 1.00 28.15 ? 101 HOH A O   1 
HETATM 1466 O  O   . HOH D 3 .  ? 4.833   2.845   -18.423 1.00 28.15 ? 102 HOH A O   1 
HETATM 1467 O  O   . HOH D 3 .  ? -3.905  11.130  -5.737  1.00 28.16 ? 103 HOH A O   1 
HETATM 1468 O  O   . HOH D 3 .  ? -14.683 4.094   -8.283  1.00 28.16 ? 104 HOH A O   1 
HETATM 1469 O  O   . HOH D 3 .  ? 5.050   2.231   -4.633  1.00 28.15 ? 105 HOH A O   1 
HETATM 1470 O  O   . HOH D 3 .  ? -3.915  -5.958  6.453   1.00 28.16 ? 106 HOH A O   1 
HETATM 1471 O  O   . HOH D 3 .  ? 5.830   -0.210  -7.786  1.00 24.44 ? 107 HOH A O   1 
HETATM 1472 O  O   . HOH D 3 .  ? 3.537   20.895  -4.336  1.00 34.72 ? 108 HOH A O   1 
HETATM 1473 O  O   . HOH D 3 .  ? -5.544  -4.930  -18.654 1.00 28.15 ? 109 HOH A O   1 
HETATM 1474 O  O   . HOH D 3 .  ? -15.245 -3.592  -3.393  1.00 28.15 ? 110 HOH A O   1 
HETATM 1475 O  O   . HOH D 3 .  ? 5.264   8.335   4.781   1.00 28.15 ? 111 HOH A O   1 
HETATM 1476 O  O   . HOH D 3 .  ? -17.106 -7.140  -12.624 1.00 28.15 ? 112 HOH A O   1 
HETATM 1477 O  O   . HOH D 3 .  ? -11.445 -2.280  -4.535  1.00 20.32 ? 113 HOH A O   1 
HETATM 1478 O  O   . HOH D 3 .  ? -16.266 5.330   -9.450  1.00 28.15 ? 114 HOH A O   1 
HETATM 1479 O  O   . HOH D 3 .  ? -20.805 12.116  -11.830 1.00 28.15 ? 115 HOH A O   1 
HETATM 1480 O  O   . HOH D 3 .  ? -7.092  7.941   -1.464  1.00 28.15 ? 116 HOH A O   1 
HETATM 1481 O  O   . HOH D 3 .  ? -10.625 0.743   -17.389 1.00 31.84 ? 117 HOH A O   1 
HETATM 1482 O  O   . HOH D 3 .  ? -9.781  -18.679 -5.703  1.00 28.15 ? 118 HOH A O   1 
HETATM 1483 O  O   . HOH D 3 .  ? -12.435 0.306   -3.176  1.00 28.27 ? 119 HOH A O   1 
HETATM 1484 O  O   . HOH D 3 .  ? -2.399  -3.402  -21.248 1.00 28.15 ? 120 HOH A O   1 
HETATM 1485 O  O   . HOH D 3 .  ? 6.269   9.921   -16.596 1.00 28.15 ? 121 HOH A O   1 
HETATM 1486 O  O   . HOH D 3 .  ? -8.761  -2.548  4.758   1.00 28.16 ? 122 HOH A O   1 
HETATM 1487 O  O   . HOH D 3 .  ? -11.813 3.599   -1.987  1.00 31.68 ? 123 HOH A O   1 
HETATM 1488 O  O   . HOH D 3 .  ? -15.970 15.638  -15.222 1.00 28.15 ? 124 HOH A O   1 
HETATM 1489 O  O   . HOH D 3 .  ? -11.430 -14.579 -6.429  1.00 20.18 ? 125 HOH A O   1 
HETATM 1490 O  O   . HOH D 3 .  ? -6.159  5.753   -1.638  1.00 28.15 ? 126 HOH A O   1 
HETATM 1491 O  O   . HOH D 3 .  ? -4.285  -17.356 -1.715  1.00 28.15 ? 127 HOH A O   1 
HETATM 1492 O  O   . HOH D 3 .  ? 7.601   2.373   -10.954 1.00 23.84 ? 128 HOH A O   1 
HETATM 1493 O  O   . HOH D 3 .  ? 1.932   9.715   -18.053 1.00 28.15 ? 129 HOH A O   1 
HETATM 1494 O  O   . HOH D 3 .  ? -5.008  15.432  -7.633  1.00 36.44 ? 130 HOH A O   1 
HETATM 1495 O  O   . HOH D 3 .  ? -15.768 -0.379  -15.344 1.00 28.15 ? 131 HOH A O   1 
HETATM 1496 O  O   . HOH D 3 .  ? 0.270   15.602  -10.378 1.00 51.52 ? 132 HOH A O   1 
HETATM 1497 O  O   . HOH D 3 .  ? -14.321 -2.438  -5.223  1.00 28.19 ? 133 HOH A O   1 
HETATM 1498 O  O   . HOH D 3 .  ? 5.416   3.720   -3.042  1.00 28.15 ? 134 HOH A O   1 
HETATM 1499 O  O   . HOH D 3 .  ? -1.173  -15.040 -2.229  1.00 28.16 ? 135 HOH A O   1 
HETATM 1500 O  O   . HOH D 3 .  ? -9.894  4.851   4.002   1.00 37.90 ? 136 HOH A O   1 
HETATM 1501 O  O   . HOH D 3 .  ? -14.392 -10.626 -7.375  1.00 25.84 ? 137 HOH A O   1 
HETATM 1502 O  O   . HOH D 3 .  ? -4.224  10.722  -12.123 1.00 28.15 ? 138 HOH A O   1 
HETATM 1503 O  O   . HOH D 3 .  ? -12.672 3.066   1.656   1.00 28.15 ? 139 HOH A O   1 
HETATM 1504 O  O   . HOH D 3 .  ? 1.886   13.909  -2.288  1.00 28.15 ? 140 HOH A O   1 
HETATM 1505 O  O   . HOH D 3 .  ? 4.108   -9.019  -8.006  1.00 28.15 ? 141 HOH A O   1 
HETATM 1506 O  O   . HOH D 3 .  ? 2.864   -10.324 -6.672  1.00 28.15 ? 142 HOH A O   1 
HETATM 1507 O  O   . HOH D 3 .  ? -18.871 -5.250  -11.091 1.00 28.15 ? 143 HOH A O   1 
HETATM 1508 O  O   . HOH D 3 .  ? -14.487 -2.671  2.264   1.00 28.16 ? 144 HOH A O   1 
HETATM 1509 O  O   . HOH D 3 .  ? 9.586   1.881   -7.109  1.00 28.15 ? 145 HOH A O   1 
HETATM 1510 O  O   . HOH D 3 .  ? -10.458 -16.414 -8.074  1.00 28.16 ? 146 HOH A O   1 
HETATM 1511 O  O   . HOH D 3 .  ? -14.060 2.462   3.262   1.00 28.15 ? 147 HOH A O   1 
HETATM 1512 O  O   . HOH D 3 .  ? 2.118   15.412  -0.546  1.00 28.15 ? 148 HOH A O   1 
HETATM 1513 O  O   . HOH D 3 .  ? 1.585   14.063  -11.982 1.00 28.15 ? 149 HOH A O   1 
HETATM 1514 O  O   . HOH D 3 .  ? -15.043 -0.646  -3.664  1.00 28.15 ? 150 HOH A O   1 
HETATM 1515 O  O   . HOH D 3 .  ? -16.425 -0.457  -5.521  1.00 28.16 ? 151 HOH A O   1 
HETATM 1516 O  O   . HOH D 3 .  ? -5.508  -4.410  -21.110 1.00 28.15 ? 152 HOH A O   1 
HETATM 1517 O  O   . HOH D 3 .  ? -11.911 16.533  -9.203  1.00 28.16 ? 153 HOH A O   1 
HETATM 1518 O  O   . HOH D 3 .  ? 8.551   4.838   -9.889  1.00 28.16 ? 154 HOH A O   1 
HETATM 1519 O  O   . HOH D 3 .  ? -9.654  16.983  -9.163  1.00 28.15 ? 155 HOH A O   1 
HETATM 1520 O  O   . HOH D 3 .  ? -0.213  -12.783 -3.560  1.00 28.15 ? 156 HOH A O   1 
HETATM 1521 O  O   . HOH E 3 .  ? 14.009  -11.681 -5.844  1.00 28.19 ? 201 HOH B O   1 
HETATM 1522 O  O   . HOH E 3 .  ? 3.612   8.082   15.060  1.00 28.19 ? 202 HOH B O   1 
HETATM 1523 O  O   . HOH E 3 .  ? 13.037  -2.039  -6.480  1.00 28.19 ? 203 HOH B O   1 
HETATM 1524 O  O   . HOH E 3 .  ? 10.136  -3.841  16.888  1.00 28.15 ? 204 HOH B O   1 
HETATM 1525 O  O   . HOH E 3 .  ? -0.667  16.132  4.418   1.00 28.16 ? 205 HOH B O   1 
HETATM 1526 O  O   . HOH E 3 .  ? 1.583   18.478  13.521  1.00 28.15 ? 206 HOH B O   1 
HETATM 1527 O  O   . HOH E 3 .  ? 1.402   -19.393 4.778   1.00 28.15 ? 207 HOH B O   1 
HETATM 1528 O  O   . HOH E 3 .  ? 17.724  -7.699  13.844  1.00 28.15 ? 208 HOH B O   1 
HETATM 1529 O  O   . HOH E 3 .  ? -6.569  0.972   4.454   1.00 28.27 ? 209 HOH B O   1 
HETATM 1530 O  O   . HOH E 3 .  ? -5.825  16.146  6.926   1.00 28.15 ? 210 HOH B O   1 
HETATM 1531 O  O   . HOH E 3 .  ? 14.301  -2.264  19.544  1.00 28.19 ? 211 HOH B O   1 
HETATM 1532 O  O   . HOH E 3 .  ? 8.570   7.642   18.506  1.00 28.15 ? 212 HOH B O   1 
HETATM 1533 O  O   . HOH E 3 .  ? -5.119  12.779  7.265   1.00 28.15 ? 213 HOH B O   1 
HETATM 1534 O  O   . HOH E 3 .  ? 13.858  -1.186  1.476   1.00 28.15 ? 214 HOH B O   1 
HETATM 1535 O  O   . HOH E 3 .  ? 4.230   -2.549  -7.595  1.00 18.55 ? 215 HOH B O   1 
HETATM 1536 O  O   . HOH E 3 .  ? 9.379   -17.242 7.152   1.00 28.19 ? 216 HOH B O   1 
HETATM 1537 O  O   . HOH E 3 .  ? -4.662  20.419  12.964  1.00 28.15 ? 217 HOH B O   1 
HETATM 1538 O  O   . HOH E 3 .  ? 5.266   -7.253  -7.063  1.00 28.15 ? 218 HOH B O   1 
HETATM 1539 O  O   . HOH E 3 .  ? 9.221   -1.778  -5.602  1.00 28.25 ? 219 HOH B O   1 
HETATM 1540 O  O   . HOH E 3 .  ? 10.693  4.415   3.791   1.00 27.73 ? 220 HOH B O   1 
HETATM 1541 O  O   . HOH E 3 .  ? -2.865  -12.277 7.489   1.00 28.15 ? 221 HOH B O   1 
HETATM 1542 O  O   . HOH E 3 .  ? 19.733  -5.348  9.489   1.00 28.15 ? 222 HOH B O   1 
HETATM 1543 O  O   . HOH E 3 .  ? -4.166  -8.836  12.664  1.00 35.59 ? 223 HOH B O   1 
HETATM 1544 O  O   . HOH E 3 .  ? 9.185   -4.558  19.402  1.00 28.15 ? 224 HOH B O   1 
HETATM 1545 O  O   . HOH E 3 .  ? 13.168  -4.649  -0.196  1.00 20.07 ? 225 HOH B O   1 
HETATM 1546 O  O   . HOH E 3 .  ? 8.563   7.200   -1.357  1.00 25.50 ? 226 HOH B O   1 
HETATM 1547 O  O   . HOH E 3 .  ? 11.434  5.434   -0.008  1.00 24.26 ? 227 HOH B O   1 
HETATM 1548 O  O   . HOH E 3 .  ? -0.515  11.801  14.544  1.00 28.15 ? 228 HOH B O   1 
HETATM 1549 O  O   . HOH E 3 .  ? 6.850   -9.127  -6.200  1.00 28.15 ? 229 HOH B O   1 
HETATM 1550 O  O   . HOH E 3 .  ? 16.032  -10.000 3.518   1.00 24.94 ? 230 HOH B O   1 
HETATM 1551 O  O   . HOH E 3 .  ? -3.282  2.252   20.171  1.00 33.37 ? 231 HOH B O   1 
HETATM 1552 O  O   . HOH E 3 .  ? 3.395   -0.616  23.580  1.00 28.15 ? 232 HOH B O   1 
HETATM 1553 O  O   . HOH E 3 .  ? 10.637  -5.660  -4.629  1.00 37.07 ? 233 HOH B O   1 
HETATM 1554 O  O   . HOH E 3 .  ? 17.564  -9.712  -1.790  1.00 28.15 ? 234 HOH B O   1 
HETATM 1555 O  O   . HOH E 3 .  ? 2.425   -10.469 12.615  1.00 28.16 ? 235 HOH B O   1 
HETATM 1556 O  O   . HOH E 3 .  ? 12.499  -15.339 3.711   1.00 36.17 ? 236 HOH B O   1 
HETATM 1557 O  O   . HOH E 3 .  ? 12.954  -13.923 1.582   1.00 28.15 ? 237 HOH B O   1 
HETATM 1558 O  O   . HOH E 3 .  ? 8.535   0.746   -4.924  1.00 19.72 ? 238 HOH B O   1 
HETATM 1559 O  O   . HOH E 3 .  ? 14.161  -5.463  -4.349  1.00 28.19 ? 239 HOH B O   1 
HETATM 1560 O  O   . HOH E 3 .  ? -8.309  -3.506  11.175  1.00 28.15 ? 240 HOH B O   1 
HETATM 1561 O  O   . HOH E 3 .  ? -3.049  10.802  15.025  1.00 28.15 ? 241 HOH B O   1 
HETATM 1562 O  O   . HOH E 3 .  ? 14.511  -13.489 10.666  1.00 28.15 ? 242 HOH B O   1 
HETATM 1563 O  O   . HOH E 3 .  ? 16.224  -7.136  -2.792  1.00 24.67 ? 243 HOH B O   1 
HETATM 1564 O  O   . HOH E 3 .  ? 0.708   -11.371 -1.844  1.00 28.15 ? 244 HOH B O   1 
HETATM 1565 O  O   . HOH E 3 .  ? -4.503  -5.420  19.980  1.00 28.15 ? 245 HOH B O   1 
HETATM 1566 O  O   . HOH E 3 .  ? 6.612   14.762  7.875   1.00 28.15 ? 246 HOH B O   1 
HETATM 1567 O  O   . HOH E 3 .  ? -2.942  -12.208 4.460   1.00 28.15 ? 247 HOH B O   1 
HETATM 1568 O  O   . HOH E 3 .  ? 12.660  -1.892  9.240   1.00 28.15 ? 248 HOH B O   1 
HETATM 1569 O  O   . HOH E 3 .  ? 4.236   -10.449 14.194  1.00 28.19 ? 249 HOH B O   1 
HETATM 1570 O  O   . HOH E 3 .  ? 1.026   -13.098 12.742  1.00 28.15 ? 250 HOH B O   1 
HETATM 1571 O  O   . HOH E 3 .  ? -6.095  -7.360  14.742  1.00 28.27 ? 251 HOH B O   1 
HETATM 1572 O  O   . HOH E 3 .  ? 5.920   17.815  7.111   1.00 28.15 ? 252 HOH B O   1 
HETATM 1573 O  O   . HOH E 3 .  ? -2.372  21.260  13.819  1.00 28.15 ? 253 HOH B O   1 
HETATM 1574 O  O   . HOH E 3 .  ? 14.219  4.106   3.523   1.00 28.15 ? 254 HOH B O   1 
HETATM 1575 O  O   . HOH E 3 .  ? 12.520  -13.656 -5.789  1.00 28.19 ? 255 HOH B O   1 
HETATM 1576 O  O   . HOH E 3 .  ? -6.118  -4.155  7.320   1.00 28.16 ? 256 HOH B O   1 
HETATM 1577 O  O   . HOH E 3 .  ? 18.216  -9.064  16.681  1.00 28.15 ? 257 HOH B O   1 
HETATM 1578 O  O   . HOH E 3 .  ? 16.044  -4.049  -5.285  1.00 24.85 ? 258 HOH B O   1 
HETATM 1579 O  O   . HOH E 3 .  ? 11.698  -0.163  -8.076  1.00 28.15 ? 259 HOH B O   1 
HETATM 1580 O  O   . HOH E 3 .  ? 15.550  -12.895 -4.599  1.00 28.15 ? 260 HOH B O   1 
HETATM 1581 O  O   . HOH E 3 .  ? 1.955   -13.529 -0.829  1.00 28.15 ? 261 HOH B O   1 
HETATM 1582 O  O   . HOH E 3 .  ? -1.835  10.713  2.205   1.00 28.15 ? 262 HOH B O   1 
HETATM 1583 O  O   . HOH E 3 .  ? 11.625  7.591   1.759   1.00 28.15 ? 263 HOH B O   1 
HETATM 1584 O  O   . HOH E 3 .  ? 11.422  7.893   -1.519  1.00 28.19 ? 264 HOH B O   1 
HETATM 1585 O  O   . HOH E 3 .  ? 20.772  -7.428  12.635  1.00 28.15 ? 265 HOH B O   1 
# 
loop_
_pdbx_poly_seq_scheme.asym_id 
_pdbx_poly_seq_scheme.entity_id 
_pdbx_poly_seq_scheme.seq_id 
_pdbx_poly_seq_scheme.mon_id 
_pdbx_poly_seq_scheme.ndb_seq_num 
_pdbx_poly_seq_scheme.pdb_seq_num 
_pdbx_poly_seq_scheme.auth_seq_num 
_pdbx_poly_seq_scheme.pdb_mon_id 
_pdbx_poly_seq_scheme.auth_mon_id 
_pdbx_poly_seq_scheme.pdb_strand_id 
_pdbx_poly_seq_scheme.pdb_ins_code 
_pdbx_poly_seq_scheme.hetero 
A 1 1  MET 1  1  1  MET MET A . n 
A 1 2  LYS 2  2  2  LYS LYS A . n 
A 1 3  LEU 3  3  3  LEU LEU A . n 
A 1 4  VAL 4  4  4  VAL VAL A . n 
A 1 5  TRP 5  5  5  TRP TRP A . n 
A 1 6  THR 6  6  6  THR THR A . n 
A 1 7  LEU 7  7  7  LEU LEU A . n 
A 1 8  SER 8  8  8  SER SER A . n 
A 1 9  SER 9  9  9  SER SER A . n 
A 1 10 TRP 10 10 10 TRP TRP A . n 
A 1 11 ASP 11 11 11 ASP ASP A . n 
A 1 12 ASP 12 12 12 ASP ASP A . n 
A 1 13 TYR 13 13 13 TYR TYR A . n 
A 1 14 GLU 14 14 14 GLU GLU A . n 
A 1 15 PHE 15 15 15 PHE PHE A . n 
A 1 16 TRP 16 16 16 TRP TRP A . n 
A 1 17 GLN 17 17 17 GLN GLN A . n 
A 1 18 ARG 18 18 18 ARG ARG A . n 
A 1 19 THR 19 19 19 THR THR A . n 
A 1 20 ASP 20 20 20 ASP ASP A . n 
A 1 21 ALA 21 21 21 ALA ALA A . n 
A 1 22 ARG 22 22 22 ARG ARG A . n 
A 1 23 MET 23 23 23 MET MET A . n 
A 1 24 VAL 24 24 24 VAL VAL A . n 
A 1 25 GLU 25 25 25 GLU GLU A . n 
A 1 26 LYS 26 26 26 LYS LYS A . n 
A 1 27 ILE 27 27 27 ILE ILE A . n 
A 1 28 ASN 28 28 28 ASN ASN A . n 
A 1 29 ASP 29 29 29 ASP ASP A . n 
A 1 30 LEU 30 30 30 LEU LEU A . n 
A 1 31 ILE 31 31 31 ILE ILE A . n 
A 1 32 ARG 32 32 32 ARG ARG A . n 
A 1 33 ASN 33 33 33 ASN ASN A . n 
A 1 34 ALA 34 34 34 ALA ALA A . n 
A 1 35 LYS 35 35 35 LYS LYS A . n 
A 1 36 ARG 36 36 36 ARG ARG A . n 
A 1 37 THR 37 37 37 THR THR A . n 
A 1 38 PRO 38 38 38 PRO PRO A . n 
A 1 39 PHE 39 39 39 PHE PHE A . n 
A 1 40 ALA 40 40 40 ALA ALA A . n 
A 1 41 GLY 41 41 41 GLY GLY A . n 
A 1 42 LEU 42 42 42 LEU LEU A . n 
A 1 43 GLY 43 43 43 GLY GLY A . n 
A 1 44 LYS 44 44 44 LYS LYS A . n 
A 1 45 PRO 45 45 45 PRO PRO A . n 
A 1 46 GLU 46 46 46 GLU GLU A . n 
A 1 47 PRO 47 47 47 PRO PRO A . n 
A 1 48 LEU 48 48 48 LEU LEU A . n 
A 1 49 LYS 49 49 49 LYS LYS A . n 
A 1 50 GLY 50 50 50 GLY GLY A . n 
A 1 51 ASP 51 51 51 ASP ASP A . n 
A 1 52 MET 52 52 52 MET MET A . n 
A 1 53 ALA 53 53 53 ALA ALA A . n 
A 1 54 GLY 54 54 54 GLY GLY A . n 
A 1 55 TYR 55 55 55 TYR TYR A . n 
A 1 56 TRP 56 56 56 TRP TRP A . n 
A 1 57 SER 57 57 57 SER SER A . n 
A 1 58 ARG 58 58 58 ARG ARG A . n 
A 1 59 ARG 59 59 59 ARG ARG A . n 
A 1 60 ILE 60 60 60 ILE ILE A . n 
A 1 61 THR 61 61 61 THR THR A . n 
A 1 62 ALA 62 62 62 ALA ALA A . n 
A 1 63 GLU 63 63 63 GLU GLU A . n 
A 1 64 HIS 64 64 64 HIS HIS A . n 
A 1 65 ARG 65 65 65 ARG ARG A . n 
A 1 66 PHE 66 66 66 PHE PHE A . n 
A 1 67 VAL 67 67 67 VAL VAL A . n 
A 1 68 TYR 68 68 68 TYR TYR A . n 
A 1 69 ARG 69 69 69 ARG ARG A . n 
A 1 70 VAL 70 70 70 VAL VAL A . n 
A 1 71 SER 71 71 71 SER SER A . n 
A 1 72 GLY 72 72 72 GLY GLY A . n 
A 1 73 SER 73 73 73 SER SER A . n 
A 1 74 GLY 74 74 74 GLY GLY A . n 
A 1 75 SER 75 75 75 SER SER A . n 
A 1 76 GLU 76 76 76 GLU GLU A . n 
A 1 77 GLN 77 77 77 GLN GLN A . n 
A 1 78 ARG 78 78 78 ARG ARG A . n 
A 1 79 LEU 79 79 79 LEU LEU A . n 
A 1 80 GLU 80 80 80 GLU GLU A . n 
A 1 81 VAL 81 81 81 VAL VAL A . n 
A 1 82 ILE 82 82 82 ILE ILE A . n 
A 1 83 GLN 83 83 83 GLN GLN A . n 
A 1 84 CYS 84 84 84 CYS CYS A . n 
A 1 85 ARG 85 85 85 ARG ARG A . n 
A 1 86 PHE 86 86 86 PHE PHE A . n 
A 1 87 HIS 87 87 87 HIS HIS A . n 
A 1 88 TYR 88 88 88 TYR TYR A . n 
A 1 89 GLN 89 89 ?  ?   ?   A . n 
A 1 90 LEU 90 90 ?  ?   ?   A . n 
A 1 91 GLU 91 91 ?  ?   ?   A . n 
A 1 92 VAL 92 92 ?  ?   ?   A . n 
A 1 93 LEU 93 93 ?  ?   ?   A . n 
A 1 94 PHE 94 94 ?  ?   ?   A . n 
A 1 95 GLN 95 95 ?  ?   ?   A . n 
B 1 1  MET 1  1  1  MET MET B . n 
B 1 2  LYS 2  2  2  LYS LYS B . n 
B 1 3  LEU 3  3  3  LEU LEU B . n 
B 1 4  VAL 4  4  4  VAL VAL B . n 
B 1 5  TRP 5  5  5  TRP TRP B . n 
B 1 6  THR 6  6  6  THR THR B . n 
B 1 7  LEU 7  7  7  LEU LEU B . n 
B 1 8  SER 8  8  8  SER SER B . n 
B 1 9  SER 9  9  9  SER SER B . n 
B 1 10 TRP 10 10 10 TRP TRP B . n 
B 1 11 ASP 11 11 11 ASP ASP B . n 
B 1 12 ASP 12 12 12 ASP ASP B . n 
B 1 13 TYR 13 13 13 TYR TYR B . n 
B 1 14 GLU 14 14 14 GLU GLU B . n 
B 1 15 PHE 15 15 15 PHE PHE B . n 
B 1 16 TRP 16 16 16 TRP TRP B . n 
B 1 17 GLN 17 17 17 GLN GLN B . n 
B 1 18 ARG 18 18 18 ARG ARG B . n 
B 1 19 THR 19 19 19 THR THR B . n 
B 1 20 ASP 20 20 20 ASP ASP B . n 
B 1 21 ALA 21 21 21 ALA ALA B . n 
B 1 22 ARG 22 22 22 ARG ARG B . n 
B 1 23 MET 23 23 23 MET MET B . n 
B 1 24 VAL 24 24 24 VAL VAL B . n 
B 1 25 GLU 25 25 25 GLU GLU B . n 
B 1 26 LYS 26 26 26 LYS LYS B . n 
B 1 27 ILE 27 27 27 ILE ILE B . n 
B 1 28 ASN 28 28 28 ASN ASN B . n 
B 1 29 ASP 29 29 29 ASP ASP B . n 
B 1 30 LEU 30 30 30 LEU LEU B . n 
B 1 31 ILE 31 31 31 ILE ILE B . n 
B 1 32 ARG 32 32 32 ARG ARG B . n 
B 1 33 ASN 33 33 33 ASN ASN B . n 
B 1 34 ALA 34 34 34 ALA ALA B . n 
B 1 35 LYS 35 35 35 LYS LYS B . n 
B 1 36 ARG 36 36 36 ARG ARG B . n 
B 1 37 THR 37 37 37 THR THR B . n 
B 1 38 PRO 38 38 38 PRO PRO B . n 
B 1 39 PHE 39 39 39 PHE PHE B . n 
B 1 40 ALA 40 40 40 ALA ALA B . n 
B 1 41 GLY 41 41 41 GLY GLY B . n 
B 1 42 LEU 42 42 42 LEU LEU B . n 
B 1 43 GLY 43 43 43 GLY GLY B . n 
B 1 44 LYS 44 44 44 LYS LYS B . n 
B 1 45 PRO 45 45 45 PRO PRO B . n 
B 1 46 GLU 46 46 46 GLU GLU B . n 
B 1 47 PRO 47 47 47 PRO PRO B . n 
B 1 48 LEU 48 48 48 LEU LEU B . n 
B 1 49 LYS 49 49 49 LYS LYS B . n 
B 1 50 GLY 50 50 50 GLY GLY B . n 
B 1 51 ASP 51 51 51 ASP ASP B . n 
B 1 52 MET 52 52 52 MET MET B . n 
B 1 53 ALA 53 53 53 ALA ALA B . n 
B 1 54 GLY 54 54 54 GLY GLY B . n 
B 1 55 TYR 55 55 55 TYR TYR B . n 
B 1 56 TRP 56 56 56 TRP TRP B . n 
B 1 57 SER 57 57 57 SER SER B . n 
B 1 58 ARG 58 58 58 ARG ARG B . n 
B 1 59 ARG 59 59 59 ARG ARG B . n 
B 1 60 ILE 60 60 60 ILE ILE B . n 
B 1 61 THR 61 61 61 THR THR B . n 
B 1 62 ALA 62 62 62 ALA ALA B . n 
B 1 63 GLU 63 63 63 GLU GLU B . n 
B 1 64 HIS 64 64 64 HIS HIS B . n 
B 1 65 ARG 65 65 65 ARG ARG B . n 
B 1 66 PHE 66 66 66 PHE PHE B . n 
B 1 67 VAL 67 67 67 VAL VAL B . n 
B 1 68 TYR 68 68 68 TYR TYR B . n 
B 1 69 ARG 69 69 69 ARG ARG B . n 
B 1 70 VAL 70 70 70 VAL VAL B . n 
B 1 71 SER 71 71 71 SER SER B . n 
B 1 72 GLY 72 72 72 GLY GLY B . n 
B 1 73 SER 73 73 73 SER SER B . n 
B 1 74 GLY 74 74 74 GLY GLY B . n 
B 1 75 SER 75 75 ?  ?   ?   B . n 
B 1 76 GLU 76 76 ?  ?   ?   B . n 
B 1 77 GLN 77 77 77 GLN GLN B . n 
B 1 78 ARG 78 78 78 ARG ARG B . n 
B 1 79 LEU 79 79 79 LEU LEU B . n 
B 1 80 GLU 80 80 80 GLU GLU B . n 
B 1 81 VAL 81 81 81 VAL VAL B . n 
B 1 82 ILE 82 82 82 ILE ILE B . n 
B 1 83 GLN 83 83 83 GLN GLN B . n 
B 1 84 CYS 84 84 84 CYS CYS B . n 
B 1 85 ARG 85 85 85 ARG ARG B . n 
B 1 86 PHE 86 86 86 PHE PHE B . n 
B 1 87 HIS 87 87 87 HIS HIS B . n 
B 1 88 TYR 88 88 88 TYR TYR B . n 
B 1 89 GLN 89 89 ?  ?   ?   B . n 
B 1 90 LEU 90 90 ?  ?   ?   B . n 
B 1 91 GLU 91 91 ?  ?   ?   B . n 
B 1 92 VAL 92 92 ?  ?   ?   B . n 
B 1 93 LEU 93 93 ?  ?   ?   B . n 
B 1 94 PHE 94 94 ?  ?   ?   B . n 
B 1 95 GLN 95 95 ?  ?   ?   B . n 
# 
loop_
_pdbx_nonpoly_scheme.asym_id 
_pdbx_nonpoly_scheme.entity_id 
_pdbx_nonpoly_scheme.mon_id 
_pdbx_nonpoly_scheme.ndb_seq_num 
_pdbx_nonpoly_scheme.pdb_seq_num 
_pdbx_nonpoly_scheme.auth_seq_num 
_pdbx_nonpoly_scheme.pdb_mon_id 
_pdbx_nonpoly_scheme.auth_mon_id 
_pdbx_nonpoly_scheme.pdb_strand_id 
_pdbx_nonpoly_scheme.pdb_ins_code 
C 2 TEW 1  101 89  TEW TEW B . 
D 3 HOH 1  101 74  HOH HOH A . 
D 3 HOH 2  102 104 HOH HOH A . 
D 3 HOH 3  103 47  HOH HOH A . 
D 3 HOH 4  104 40  HOH HOH A . 
D 3 HOH 5  105 91  HOH HOH A . 
D 3 HOH 6  106 48  HOH HOH A . 
D 3 HOH 7  107 4   HOH HOH A . 
D 3 HOH 8  108 21  HOH HOH A . 
D 3 HOH 9  109 121 HOH HOH A . 
D 3 HOH 10 110 54  HOH HOH A . 
D 3 HOH 11 111 103 HOH HOH A . 
D 3 HOH 12 112 55  HOH HOH A . 
D 3 HOH 13 113 2   HOH HOH A . 
D 3 HOH 14 114 79  HOH HOH A . 
D 3 HOH 15 115 72  HOH HOH A . 
D 3 HOH 16 116 118 HOH HOH A . 
D 3 HOH 17 117 19  HOH HOH A . 
D 3 HOH 18 118 95  HOH HOH A . 
D 3 HOH 19 119 16  HOH HOH A . 
D 3 HOH 20 120 96  HOH HOH A . 
D 3 HOH 21 121 85  HOH HOH A . 
D 3 HOH 22 122 39  HOH HOH A . 
D 3 HOH 23 123 15  HOH HOH A . 
D 3 HOH 24 124 70  HOH HOH A . 
D 3 HOH 25 125 3   HOH HOH A . 
D 3 HOH 26 126 90  HOH HOH A . 
D 3 HOH 27 127 56  HOH HOH A . 
D 3 HOH 28 128 12  HOH HOH A . 
D 3 HOH 29 129 88  HOH HOH A . 
D 3 HOH 30 130 18  HOH HOH A . 
D 3 HOH 31 131 106 HOH HOH A . 
D 3 HOH 32 132 23  HOH HOH A . 
D 3 HOH 33 133 37  HOH HOH A . 
D 3 HOH 34 134 52  HOH HOH A . 
D 3 HOH 35 135 49  HOH HOH A . 
D 3 HOH 36 136 24  HOH HOH A . 
D 3 HOH 37 137 9   HOH HOH A . 
D 3 HOH 38 138 105 HOH HOH A . 
D 3 HOH 39 139 65  HOH HOH A . 
D 3 HOH 40 140 60  HOH HOH A . 
D 3 HOH 41 141 89  HOH HOH A . 
D 3 HOH 42 142 93  HOH HOH A . 
D 3 HOH 43 143 66  HOH HOH A . 
D 3 HOH 44 144 51  HOH HOH A . 
D 3 HOH 45 145 123 HOH HOH A . 
D 3 HOH 46 146 42  HOH HOH A . 
D 3 HOH 47 147 120 HOH HOH A . 
D 3 HOH 48 148 84  HOH HOH A . 
D 3 HOH 49 149 83  HOH HOH A . 
D 3 HOH 50 150 77  HOH HOH A . 
D 3 HOH 51 151 46  HOH HOH A . 
D 3 HOH 52 152 109 HOH HOH A . 
D 3 HOH 53 153 50  HOH HOH A . 
D 3 HOH 54 154 43  HOH HOH A . 
D 3 HOH 55 155 78  HOH HOH A . 
D 3 HOH 56 156 81  HOH HOH A . 
E 3 HOH 1  201 31  HOH HOH B . 
E 3 HOH 2  202 35  HOH HOH B . 
E 3 HOH 3  203 34  HOH HOH B . 
E 3 HOH 4  204 71  HOH HOH B . 
E 3 HOH 5  205 45  HOH HOH B . 
E 3 HOH 6  206 101 HOH HOH B . 
E 3 HOH 7  207 122 HOH HOH B . 
E 3 HOH 8  208 107 HOH HOH B . 
E 3 HOH 9  209 27  HOH HOH B . 
E 3 HOH 10 210 61  HOH HOH B . 
E 3 HOH 11 211 32  HOH HOH B . 
E 3 HOH 12 212 86  HOH HOH B . 
E 3 HOH 13 213 82  HOH HOH B . 
E 3 HOH 14 214 53  HOH HOH B . 
E 3 HOH 15 215 7   HOH HOH B . 
E 3 HOH 16 216 29  HOH HOH B . 
E 3 HOH 17 217 114 HOH HOH B . 
E 3 HOH 18 218 98  HOH HOH B . 
E 3 HOH 19 219 8   HOH HOH B . 
E 3 HOH 20 220 13  HOH HOH B . 
E 3 HOH 21 221 80  HOH HOH B . 
E 3 HOH 22 222 68  HOH HOH B . 
E 3 HOH 23 223 20  HOH HOH B . 
E 3 HOH 24 224 94  HOH HOH B . 
E 3 HOH 25 225 1   HOH HOH B . 
E 3 HOH 26 226 11  HOH HOH B . 
E 3 HOH 27 227 5   HOH HOH B . 
E 3 HOH 28 228 58  HOH HOH B . 
E 3 HOH 29 229 87  HOH HOH B . 
E 3 HOH 30 230 6   HOH HOH B . 
E 3 HOH 31 231 25  HOH HOH B . 
E 3 HOH 32 232 69  HOH HOH B . 
E 3 HOH 33 233 22  HOH HOH B . 
E 3 HOH 34 234 113 HOH HOH B . 
E 3 HOH 35 235 41  HOH HOH B . 
E 3 HOH 36 236 17  HOH HOH B . 
E 3 HOH 37 237 57  HOH HOH B . 
E 3 HOH 38 238 10  HOH HOH B . 
E 3 HOH 39 239 36  HOH HOH B . 
E 3 HOH 40 240 116 HOH HOH B . 
E 3 HOH 41 241 62  HOH HOH B . 
E 3 HOH 42 242 115 HOH HOH B . 
E 3 HOH 43 243 14  HOH HOH B . 
E 3 HOH 44 244 112 HOH HOH B . 
E 3 HOH 45 245 73  HOH HOH B . 
E 3 HOH 46 246 117 HOH HOH B . 
E 3 HOH 47 247 59  HOH HOH B . 
E 3 HOH 48 248 75  HOH HOH B . 
E 3 HOH 49 249 33  HOH HOH B . 
E 3 HOH 50 250 64  HOH HOH B . 
E 3 HOH 51 251 28  HOH HOH B . 
E 3 HOH 52 252 110 HOH HOH B . 
E 3 HOH 53 253 108 HOH HOH B . 
E 3 HOH 54 254 76  HOH HOH B . 
E 3 HOH 55 255 38  HOH HOH B . 
E 3 HOH 56 256 44  HOH HOH B . 
E 3 HOH 57 257 92  HOH HOH B . 
E 3 HOH 58 258 26  HOH HOH B . 
E 3 HOH 59 259 63  HOH HOH B . 
E 3 HOH 60 260 119 HOH HOH B . 
E 3 HOH 61 261 111 HOH HOH B . 
E 3 HOH 62 262 97  HOH HOH B . 
E 3 HOH 63 263 100 HOH HOH B . 
E 3 HOH 64 264 30  HOH HOH B . 
E 3 HOH 65 265 102 HOH HOH B . 
# 
_pdbx_struct_assembly.id                   1 
_pdbx_struct_assembly.details              author_defined_assembly 
_pdbx_struct_assembly.method_details       ? 
_pdbx_struct_assembly.oligomeric_details   dimeric 
_pdbx_struct_assembly.oligomeric_count     2 
# 
_pdbx_struct_assembly_gen.assembly_id       1 
_pdbx_struct_assembly_gen.oper_expression   1 
_pdbx_struct_assembly_gen.asym_id_list      A,B,C,D,E 
# 
_pdbx_struct_oper_list.id                   1 
_pdbx_struct_oper_list.type                 'identity operation' 
_pdbx_struct_oper_list.name                 1_555 
_pdbx_struct_oper_list.symmetry_operation   x,y,z 
_pdbx_struct_oper_list.matrix[1][1]         1.0000000000 
_pdbx_struct_oper_list.matrix[1][2]         0.0000000000 
_pdbx_struct_oper_list.matrix[1][3]         0.0000000000 
_pdbx_struct_oper_list.vector[1]            0.0000000000 
_pdbx_struct_oper_list.matrix[2][1]         0.0000000000 
_pdbx_struct_oper_list.matrix[2][2]         1.0000000000 
_pdbx_struct_oper_list.matrix[2][3]         0.0000000000 
_pdbx_struct_oper_list.vector[2]            0.0000000000 
_pdbx_struct_oper_list.matrix[3][1]         0.0000000000 
_pdbx_struct_oper_list.matrix[3][2]         0.0000000000 
_pdbx_struct_oper_list.matrix[3][3]         1.0000000000 
_pdbx_struct_oper_list.vector[3]            0.0000000000 
# 
loop_
_pdbx_struct_conn_angle.id 
_pdbx_struct_conn_angle.ptnr1_label_atom_id 
_pdbx_struct_conn_angle.ptnr1_label_alt_id 
_pdbx_struct_conn_angle.ptnr1_label_asym_id 
_pdbx_struct_conn_angle.ptnr1_label_comp_id 
_pdbx_struct_conn_angle.ptnr1_label_seq_id 
_pdbx_struct_conn_angle.ptnr1_auth_atom_id 
_pdbx_struct_conn_angle.ptnr1_auth_asym_id 
_pdbx_struct_conn_angle.ptnr1_auth_comp_id 
_pdbx_struct_conn_angle.ptnr1_auth_seq_id 
_pdbx_struct_conn_angle.ptnr1_PDB_ins_code 
_pdbx_struct_conn_angle.ptnr1_symmetry 
_pdbx_struct_conn_angle.ptnr2_label_atom_id 
_pdbx_struct_conn_angle.ptnr2_label_alt_id 
_pdbx_struct_conn_angle.ptnr2_label_asym_id 
_pdbx_struct_conn_angle.ptnr2_label_comp_id 
_pdbx_struct_conn_angle.ptnr2_label_seq_id 
_pdbx_struct_conn_angle.ptnr2_auth_atom_id 
_pdbx_struct_conn_angle.ptnr2_auth_asym_id 
_pdbx_struct_conn_angle.ptnr2_auth_comp_id 
_pdbx_struct_conn_angle.ptnr2_auth_seq_id 
_pdbx_struct_conn_angle.ptnr2_PDB_ins_code 
_pdbx_struct_conn_angle.ptnr2_symmetry 
_pdbx_struct_conn_angle.ptnr3_label_atom_id 
_pdbx_struct_conn_angle.ptnr3_label_alt_id 
_pdbx_struct_conn_angle.ptnr3_label_asym_id 
_pdbx_struct_conn_angle.ptnr3_label_comp_id 
_pdbx_struct_conn_angle.ptnr3_label_seq_id 
_pdbx_struct_conn_angle.ptnr3_auth_atom_id 
_pdbx_struct_conn_angle.ptnr3_auth_asym_id 
_pdbx_struct_conn_angle.ptnr3_auth_comp_id 
_pdbx_struct_conn_angle.ptnr3_auth_seq_id 
_pdbx_struct_conn_angle.ptnr3_PDB_ins_code 
_pdbx_struct_conn_angle.ptnr3_symmetry 
_pdbx_struct_conn_angle.value 
_pdbx_struct_conn_angle.value_esd 
1  O   ? E HOH . ? B HOH 205 ? 1_555 W5 ? C TEW . ? B TEW 101 ? 1_555 O11 ? C TEW . ? B TEW 101 ? 1_555 114.7 ? 
2  O   ? E HOH . ? B HOH 205 ? 1_555 W5 ? C TEW . ? B TEW 101 ? 1_555 O12 ? C TEW . ? B TEW 101 ? 1_555 123.6 ? 
3  O11 ? C TEW . ? B TEW 101 ? 1_555 W5 ? C TEW . ? B TEW 101 ? 1_555 O12 ? C TEW . ? B TEW 101 ? 1_555 69.6  ? 
4  O   ? E HOH . ? B HOH 205 ? 1_555 W5 ? C TEW . ? B TEW 101 ? 1_555 O17 ? C TEW . ? B TEW 101 ? 1_555 52.2  ? 
5  O11 ? C TEW . ? B TEW 101 ? 1_555 W5 ? C TEW . ? B TEW 101 ? 1_555 O17 ? C TEW . ? B TEW 101 ? 1_555 86.2  ? 
6  O12 ? C TEW . ? B TEW 101 ? 1_555 W5 ? C TEW . ? B TEW 101 ? 1_555 O17 ? C TEW . ? B TEW 101 ? 1_555 73.3  ? 
7  O   ? E HOH . ? B HOH 205 ? 1_555 W5 ? C TEW . ? B TEW 101 ? 1_555 O20 ? C TEW . ? B TEW 101 ? 1_555 153.0 ? 
8  O11 ? C TEW . ? B TEW 101 ? 1_555 W5 ? C TEW . ? B TEW 101 ? 1_555 O20 ? C TEW . ? B TEW 101 ? 1_555 74.0  ? 
9  O12 ? C TEW . ? B TEW 101 ? 1_555 W5 ? C TEW . ? B TEW 101 ? 1_555 O20 ? C TEW . ? B TEW 101 ? 1_555 83.4  ? 
10 O17 ? C TEW . ? B TEW 101 ? 1_555 W5 ? C TEW . ? B TEW 101 ? 1_555 O20 ? C TEW . ? B TEW 101 ? 1_555 153.6 ? 
11 O   ? E HOH . ? B HOH 205 ? 1_555 W5 ? C TEW . ? B TEW 101 ? 1_555 O21 ? C TEW . ? B TEW 101 ? 1_555 83.6  ? 
12 O11 ? C TEW . ? B TEW 101 ? 1_555 W5 ? C TEW . ? B TEW 101 ? 1_555 O21 ? C TEW . ? B TEW 101 ? 1_555 159.7 ? 
13 O12 ? C TEW . ? B TEW 101 ? 1_555 W5 ? C TEW . ? B TEW 101 ? 1_555 O21 ? C TEW . ? B TEW 101 ? 1_555 93.3  ? 
14 O17 ? C TEW . ? B TEW 101 ? 1_555 W5 ? C TEW . ? B TEW 101 ? 1_555 O21 ? C TEW . ? B TEW 101 ? 1_555 99.8  ? 
15 O20 ? C TEW . ? B TEW 101 ? 1_555 W5 ? C TEW . ? B TEW 101 ? 1_555 O21 ? C TEW . ? B TEW 101 ? 1_555 93.6  ? 
16 O   ? E HOH . ? B HOH 205 ? 1_555 W5 ? C TEW . ? B TEW 101 ? 1_555 O22 ? C TEW . ? B TEW 101 ? 1_555 54.8  ? 
17 O11 ? C TEW . ? B TEW 101 ? 1_555 W5 ? C TEW . ? B TEW 101 ? 1_555 O22 ? C TEW . ? B TEW 101 ? 1_555 92.5  ? 
18 O12 ? C TEW . ? B TEW 101 ? 1_555 W5 ? C TEW . ? B TEW 101 ? 1_555 O22 ? C TEW . ? B TEW 101 ? 1_555 159.9 ? 
19 O17 ? C TEW . ? B TEW 101 ? 1_555 W5 ? C TEW . ? B TEW 101 ? 1_555 O22 ? C TEW . ? B TEW 101 ? 1_555 97.2  ? 
20 O20 ? C TEW . ? B TEW 101 ? 1_555 W5 ? C TEW . ? B TEW 101 ? 1_555 O22 ? C TEW . ? B TEW 101 ? 1_555 100.9 ? 
21 O21 ? C TEW . ? B TEW 101 ? 1_555 W5 ? C TEW . ? B TEW 101 ? 1_555 O22 ? C TEW . ? B TEW 101 ? 1_555 105.9 ? 
# 
loop_
_pdbx_audit_revision_history.ordinal 
_pdbx_audit_revision_history.data_content_type 
_pdbx_audit_revision_history.major_revision 
_pdbx_audit_revision_history.minor_revision 
_pdbx_audit_revision_history.revision_date 
1 'Structure model' 1 0 2019-11-06 
2 'Structure model' 1 1 2020-01-01 
3 'Structure model' 1 2 2020-07-22 
4 'Structure model' 1 3 2023-10-11 
# 
_pdbx_audit_revision_details.ordinal             1 
_pdbx_audit_revision_details.revision_ordinal    1 
_pdbx_audit_revision_details.data_content_type   'Structure model' 
_pdbx_audit_revision_details.provider            repository 
_pdbx_audit_revision_details.type                'Initial release' 
_pdbx_audit_revision_details.description         ? 
_pdbx_audit_revision_details.details             ? 
# 
loop_
_pdbx_audit_revision_group.ordinal 
_pdbx_audit_revision_group.revision_ordinal 
_pdbx_audit_revision_group.data_content_type 
_pdbx_audit_revision_group.group 
1 2 'Structure model' 'Author supporting evidence' 
2 3 'Structure model' 'Database references'        
3 4 'Structure model' 'Data collection'            
4 4 'Structure model' 'Database references'        
5 4 'Structure model' 'Refinement description'     
# 
loop_
_pdbx_audit_revision_category.ordinal 
_pdbx_audit_revision_category.revision_ordinal 
_pdbx_audit_revision_category.data_content_type 
_pdbx_audit_revision_category.category 
1 2 'Structure model' pdbx_audit_support            
2 3 'Structure model' citation                      
3 3 'Structure model' citation_author               
4 4 'Structure model' chem_comp_atom                
5 4 'Structure model' chem_comp_bond                
6 4 'Structure model' citation                      
7 4 'Structure model' database_2                    
8 4 'Structure model' pdbx_initial_refinement_model 
# 
loop_
_pdbx_audit_revision_item.ordinal 
_pdbx_audit_revision_item.revision_ordinal 
_pdbx_audit_revision_item.data_content_type 
_pdbx_audit_revision_item.item 
1 2 'Structure model' '_pdbx_audit_support.funding_organization' 
2 4 'Structure model' '_citation.journal_id_ISSN'                
3 4 'Structure model' '_database_2.pdbx_DOI'                     
4 4 'Structure model' '_database_2.pdbx_database_accession'      
# 
loop_
_software.citation_id 
_software.classification 
_software.compiler_name 
_software.compiler_version 
_software.contact_author 
_software.contact_author_email 
_software.date 
_software.description 
_software.dependencies 
_software.hardware 
_software.language 
_software.location 
_software.mods 
_software.name 
_software.os 
_software.os_version 
_software.type 
_software.version 
_software.pdbx_ordinal 
? refinement        ? ? ? ? ? ? ? ? ? ? ? PHENIX      ? ? ? 1.8.4_1496 1 
? 'data scaling'    ? ? ? ? ? ? ? ? ? ? ? Aimless     ? ? ? .          2 
? 'data extraction' ? ? ? ? ? ? ? ? ? ? ? PDB_EXTRACT ? ? ? 3.24       3 
? 'data reduction'  ? ? ? ? ? ? ? ? ? ? ? XDS         ? ? ? .          4 
? phasing           ? ? ? ? ? ? ? ? ? ? ? PHASER      ? ? ? .          5 
# 
loop_
_pdbx_validate_torsion.id 
_pdbx_validate_torsion.PDB_model_num 
_pdbx_validate_torsion.auth_comp_id 
_pdbx_validate_torsion.auth_asym_id 
_pdbx_validate_torsion.auth_seq_id 
_pdbx_validate_torsion.PDB_ins_code 
_pdbx_validate_torsion.label_alt_id 
_pdbx_validate_torsion.phi 
_pdbx_validate_torsion.psi 
1 1 THR A 19 ? ? -130.12 -31.54  
2 1 CYS A 84 ? ? -142.27 39.51   
3 1 PHE A 86 ? ? 70.73   174.81  
4 1 ASP B 20 ? ? -160.60 101.31  
5 1 SER B 73 ? ? -146.27 -82.78  
6 1 CYS B 84 ? ? -146.78 34.13   
7 1 PHE B 86 ? ? 70.75   -178.69 
# 
loop_
_pdbx_unobs_or_zero_occ_atoms.id 
_pdbx_unobs_or_zero_occ_atoms.PDB_model_num 
_pdbx_unobs_or_zero_occ_atoms.polymer_flag 
_pdbx_unobs_or_zero_occ_atoms.occupancy_flag 
_pdbx_unobs_or_zero_occ_atoms.auth_asym_id 
_pdbx_unobs_or_zero_occ_atoms.auth_comp_id 
_pdbx_unobs_or_zero_occ_atoms.auth_seq_id 
_pdbx_unobs_or_zero_occ_atoms.PDB_ins_code 
_pdbx_unobs_or_zero_occ_atoms.auth_atom_id 
_pdbx_unobs_or_zero_occ_atoms.label_alt_id 
_pdbx_unobs_or_zero_occ_atoms.label_asym_id 
_pdbx_unobs_or_zero_occ_atoms.label_comp_id 
_pdbx_unobs_or_zero_occ_atoms.label_seq_id 
_pdbx_unobs_or_zero_occ_atoms.label_atom_id 
1  1 Y 1 A ARG 22 ? NE  ? A ARG 22 NE  
2  1 Y 1 A ARG 22 ? CZ  ? A ARG 22 CZ  
3  1 Y 1 A ARG 22 ? NH1 ? A ARG 22 NH1 
4  1 Y 1 A ARG 22 ? NH2 ? A ARG 22 NH2 
5  1 Y 1 A GLU 25 ? CD  ? A GLU 25 CD  
6  1 Y 1 A GLU 25 ? OE1 ? A GLU 25 OE1 
7  1 Y 1 A GLU 25 ? OE2 ? A GLU 25 OE2 
8  1 Y 1 A LYS 44 ? CD  ? A LYS 44 CD  
9  1 Y 1 A LYS 44 ? CE  ? A LYS 44 CE  
10 1 Y 1 A LYS 44 ? NZ  ? A LYS 44 NZ  
11 1 Y 1 A LYS 49 ? CD  ? A LYS 49 CD  
12 1 Y 1 A LYS 49 ? CE  ? A LYS 49 CE  
13 1 Y 1 A LYS 49 ? NZ  ? A LYS 49 NZ  
14 1 Y 1 B ARG 36 ? CD  ? B ARG 36 CD  
15 1 Y 1 B ARG 36 ? NE  ? B ARG 36 NE  
16 1 Y 1 B ARG 36 ? CZ  ? B ARG 36 CZ  
17 1 Y 1 B ARG 36 ? NH1 ? B ARG 36 NH1 
18 1 Y 1 B ARG 36 ? NH2 ? B ARG 36 NH2 
19 1 Y 1 B LYS 44 ? CE  ? B LYS 44 CE  
20 1 Y 1 B LYS 44 ? NZ  ? B LYS 44 NZ  
21 1 Y 1 B ARG 69 ? NE  ? B ARG 69 NE  
22 1 Y 1 B ARG 69 ? CZ  ? B ARG 69 CZ  
23 1 Y 1 B ARG 69 ? NH1 ? B ARG 69 NH1 
24 1 Y 1 B ARG 69 ? NH2 ? B ARG 69 NH2 
25 1 Y 1 B GLN 83 ? CD  ? B GLN 83 CD  
26 1 Y 1 B GLN 83 ? OE1 ? B GLN 83 OE1 
27 1 Y 1 B GLN 83 ? NE2 ? B GLN 83 NE2 
28 1 Y 1 B TYR 88 ? CD1 ? B TYR 88 CD1 
29 1 Y 1 B TYR 88 ? CD2 ? B TYR 88 CD2 
30 1 Y 1 B TYR 88 ? CE1 ? B TYR 88 CE1 
31 1 Y 1 B TYR 88 ? CE2 ? B TYR 88 CE2 
32 1 Y 1 B TYR 88 ? CZ  ? B TYR 88 CZ  
33 1 Y 1 B TYR 88 ? OH  ? B TYR 88 OH  
# 
loop_
_pdbx_unobs_or_zero_occ_residues.id 
_pdbx_unobs_or_zero_occ_residues.PDB_model_num 
_pdbx_unobs_or_zero_occ_residues.polymer_flag 
_pdbx_unobs_or_zero_occ_residues.occupancy_flag 
_pdbx_unobs_or_zero_occ_residues.auth_asym_id 
_pdbx_unobs_or_zero_occ_residues.auth_comp_id 
_pdbx_unobs_or_zero_occ_residues.auth_seq_id 
_pdbx_unobs_or_zero_occ_residues.PDB_ins_code 
_pdbx_unobs_or_zero_occ_residues.label_asym_id 
_pdbx_unobs_or_zero_occ_residues.label_comp_id 
_pdbx_unobs_or_zero_occ_residues.label_seq_id 
1  1 Y 1 A GLN 89 ? A GLN 89 
2  1 Y 1 A LEU 90 ? A LEU 90 
3  1 Y 1 A GLU 91 ? A GLU 91 
4  1 Y 1 A VAL 92 ? A VAL 92 
5  1 Y 1 A LEU 93 ? A LEU 93 
6  1 Y 1 A PHE 94 ? A PHE 94 
7  1 Y 1 A GLN 95 ? A GLN 95 
8  1 Y 1 B SER 75 ? B SER 75 
9  1 Y 1 B GLU 76 ? B GLU 76 
10 1 Y 1 B GLN 89 ? B GLN 89 
11 1 Y 1 B LEU 90 ? B LEU 90 
12 1 Y 1 B GLU 91 ? B GLU 91 
13 1 Y 1 B VAL 92 ? B VAL 92 
14 1 Y 1 B LEU 93 ? B LEU 93 
15 1 Y 1 B PHE 94 ? B PHE 94 
16 1 Y 1 B GLN 95 ? B GLN 95 
# 
loop_
_chem_comp_atom.comp_id 
_chem_comp_atom.atom_id 
_chem_comp_atom.type_symbol 
_chem_comp_atom.pdbx_aromatic_flag 
_chem_comp_atom.pdbx_stereo_config 
_chem_comp_atom.pdbx_ordinal 
ALA N    N  N N 1   
ALA CA   C  N S 2   
ALA C    C  N N 3   
ALA O    O  N N 4   
ALA CB   C  N N 5   
ALA OXT  O  N N 6   
ALA H    H  N N 7   
ALA H2   H  N N 8   
ALA HA   H  N N 9   
ALA HB1  H  N N 10  
ALA HB2  H  N N 11  
ALA HB3  H  N N 12  
ALA HXT  H  N N 13  
ARG N    N  N N 14  
ARG CA   C  N S 15  
ARG C    C  N N 16  
ARG O    O  N N 17  
ARG CB   C  N N 18  
ARG CG   C  N N 19  
ARG CD   C  N N 20  
ARG NE   N  N N 21  
ARG CZ   C  N N 22  
ARG NH1  N  N N 23  
ARG NH2  N  N N 24  
ARG OXT  O  N N 25  
ARG H    H  N N 26  
ARG H2   H  N N 27  
ARG HA   H  N N 28  
ARG HB2  H  N N 29  
ARG HB3  H  N N 30  
ARG HG2  H  N N 31  
ARG HG3  H  N N 32  
ARG HD2  H  N N 33  
ARG HD3  H  N N 34  
ARG HE   H  N N 35  
ARG HH11 H  N N 36  
ARG HH12 H  N N 37  
ARG HH21 H  N N 38  
ARG HH22 H  N N 39  
ARG HXT  H  N N 40  
ASN N    N  N N 41  
ASN CA   C  N S 42  
ASN C    C  N N 43  
ASN O    O  N N 44  
ASN CB   C  N N 45  
ASN CG   C  N N 46  
ASN OD1  O  N N 47  
ASN ND2  N  N N 48  
ASN OXT  O  N N 49  
ASN H    H  N N 50  
ASN H2   H  N N 51  
ASN HA   H  N N 52  
ASN HB2  H  N N 53  
ASN HB3  H  N N 54  
ASN HD21 H  N N 55  
ASN HD22 H  N N 56  
ASN HXT  H  N N 57  
ASP N    N  N N 58  
ASP CA   C  N S 59  
ASP C    C  N N 60  
ASP O    O  N N 61  
ASP CB   C  N N 62  
ASP CG   C  N N 63  
ASP OD1  O  N N 64  
ASP OD2  O  N N 65  
ASP OXT  O  N N 66  
ASP H    H  N N 67  
ASP H2   H  N N 68  
ASP HA   H  N N 69  
ASP HB2  H  N N 70  
ASP HB3  H  N N 71  
ASP HD2  H  N N 72  
ASP HXT  H  N N 73  
CYS N    N  N N 74  
CYS CA   C  N R 75  
CYS C    C  N N 76  
CYS O    O  N N 77  
CYS CB   C  N N 78  
CYS SG   S  N N 79  
CYS OXT  O  N N 80  
CYS H    H  N N 81  
CYS H2   H  N N 82  
CYS HA   H  N N 83  
CYS HB2  H  N N 84  
CYS HB3  H  N N 85  
CYS HG   H  N N 86  
CYS HXT  H  N N 87  
GLN N    N  N N 88  
GLN CA   C  N S 89  
GLN C    C  N N 90  
GLN O    O  N N 91  
GLN CB   C  N N 92  
GLN CG   C  N N 93  
GLN CD   C  N N 94  
GLN OE1  O  N N 95  
GLN NE2  N  N N 96  
GLN OXT  O  N N 97  
GLN H    H  N N 98  
GLN H2   H  N N 99  
GLN HA   H  N N 100 
GLN HB2  H  N N 101 
GLN HB3  H  N N 102 
GLN HG2  H  N N 103 
GLN HG3  H  N N 104 
GLN HE21 H  N N 105 
GLN HE22 H  N N 106 
GLN HXT  H  N N 107 
GLU N    N  N N 108 
GLU CA   C  N S 109 
GLU C    C  N N 110 
GLU O    O  N N 111 
GLU CB   C  N N 112 
GLU CG   C  N N 113 
GLU CD   C  N N 114 
GLU OE1  O  N N 115 
GLU OE2  O  N N 116 
GLU OXT  O  N N 117 
GLU H    H  N N 118 
GLU H2   H  N N 119 
GLU HA   H  N N 120 
GLU HB2  H  N N 121 
GLU HB3  H  N N 122 
GLU HG2  H  N N 123 
GLU HG3  H  N N 124 
GLU HE2  H  N N 125 
GLU HXT  H  N N 126 
GLY N    N  N N 127 
GLY CA   C  N N 128 
GLY C    C  N N 129 
GLY O    O  N N 130 
GLY OXT  O  N N 131 
GLY H    H  N N 132 
GLY H2   H  N N 133 
GLY HA2  H  N N 134 
GLY HA3  H  N N 135 
GLY HXT  H  N N 136 
HIS N    N  N N 137 
HIS CA   C  N S 138 
HIS C    C  N N 139 
HIS O    O  N N 140 
HIS CB   C  N N 141 
HIS CG   C  Y N 142 
HIS ND1  N  Y N 143 
HIS CD2  C  Y N 144 
HIS CE1  C  Y N 145 
HIS NE2  N  Y N 146 
HIS OXT  O  N N 147 
HIS H    H  N N 148 
HIS H2   H  N N 149 
HIS HA   H  N N 150 
HIS HB2  H  N N 151 
HIS HB3  H  N N 152 
HIS HD1  H  N N 153 
HIS HD2  H  N N 154 
HIS HE1  H  N N 155 
HIS HE2  H  N N 156 
HIS HXT  H  N N 157 
HOH O    O  N N 158 
HOH H1   H  N N 159 
HOH H2   H  N N 160 
ILE N    N  N N 161 
ILE CA   C  N S 162 
ILE C    C  N N 163 
ILE O    O  N N 164 
ILE CB   C  N S 165 
ILE CG1  C  N N 166 
ILE CG2  C  N N 167 
ILE CD1  C  N N 168 
ILE OXT  O  N N 169 
ILE H    H  N N 170 
ILE H2   H  N N 171 
ILE HA   H  N N 172 
ILE HB   H  N N 173 
ILE HG12 H  N N 174 
ILE HG13 H  N N 175 
ILE HG21 H  N N 176 
ILE HG22 H  N N 177 
ILE HG23 H  N N 178 
ILE HD11 H  N N 179 
ILE HD12 H  N N 180 
ILE HD13 H  N N 181 
ILE HXT  H  N N 182 
LEU N    N  N N 183 
LEU CA   C  N S 184 
LEU C    C  N N 185 
LEU O    O  N N 186 
LEU CB   C  N N 187 
LEU CG   C  N N 188 
LEU CD1  C  N N 189 
LEU CD2  C  N N 190 
LEU OXT  O  N N 191 
LEU H    H  N N 192 
LEU H2   H  N N 193 
LEU HA   H  N N 194 
LEU HB2  H  N N 195 
LEU HB3  H  N N 196 
LEU HG   H  N N 197 
LEU HD11 H  N N 198 
LEU HD12 H  N N 199 
LEU HD13 H  N N 200 
LEU HD21 H  N N 201 
LEU HD22 H  N N 202 
LEU HD23 H  N N 203 
LEU HXT  H  N N 204 
LYS N    N  N N 205 
LYS CA   C  N S 206 
LYS C    C  N N 207 
LYS O    O  N N 208 
LYS CB   C  N N 209 
LYS CG   C  N N 210 
LYS CD   C  N N 211 
LYS CE   C  N N 212 
LYS NZ   N  N N 213 
LYS OXT  O  N N 214 
LYS H    H  N N 215 
LYS H2   H  N N 216 
LYS HA   H  N N 217 
LYS HB2  H  N N 218 
LYS HB3  H  N N 219 
LYS HG2  H  N N 220 
LYS HG3  H  N N 221 
LYS HD2  H  N N 222 
LYS HD3  H  N N 223 
LYS HE2  H  N N 224 
LYS HE3  H  N N 225 
LYS HZ1  H  N N 226 
LYS HZ2  H  N N 227 
LYS HZ3  H  N N 228 
LYS HXT  H  N N 229 
MET N    N  N N 230 
MET CA   C  N S 231 
MET C    C  N N 232 
MET O    O  N N 233 
MET CB   C  N N 234 
MET CG   C  N N 235 
MET SD   S  N N 236 
MET CE   C  N N 237 
MET OXT  O  N N 238 
MET H    H  N N 239 
MET H2   H  N N 240 
MET HA   H  N N 241 
MET HB2  H  N N 242 
MET HB3  H  N N 243 
MET HG2  H  N N 244 
MET HG3  H  N N 245 
MET HE1  H  N N 246 
MET HE2  H  N N 247 
MET HE3  H  N N 248 
MET HXT  H  N N 249 
PHE N    N  N N 250 
PHE CA   C  N S 251 
PHE C    C  N N 252 
PHE O    O  N N 253 
PHE CB   C  N N 254 
PHE CG   C  Y N 255 
PHE CD1  C  Y N 256 
PHE CD2  C  Y N 257 
PHE CE1  C  Y N 258 
PHE CE2  C  Y N 259 
PHE CZ   C  Y N 260 
PHE OXT  O  N N 261 
PHE H    H  N N 262 
PHE H2   H  N N 263 
PHE HA   H  N N 264 
PHE HB2  H  N N 265 
PHE HB3  H  N N 266 
PHE HD1  H  N N 267 
PHE HD2  H  N N 268 
PHE HE1  H  N N 269 
PHE HE2  H  N N 270 
PHE HZ   H  N N 271 
PHE HXT  H  N N 272 
PRO N    N  N N 273 
PRO CA   C  N S 274 
PRO C    C  N N 275 
PRO O    O  N N 276 
PRO CB   C  N N 277 
PRO CG   C  N N 278 
PRO CD   C  N N 279 
PRO OXT  O  N N 280 
PRO H    H  N N 281 
PRO HA   H  N N 282 
PRO HB2  H  N N 283 
PRO HB3  H  N N 284 
PRO HG2  H  N N 285 
PRO HG3  H  N N 286 
PRO HD2  H  N N 287 
PRO HD3  H  N N 288 
PRO HXT  H  N N 289 
SER N    N  N N 290 
SER CA   C  N S 291 
SER C    C  N N 292 
SER O    O  N N 293 
SER CB   C  N N 294 
SER OG   O  N N 295 
SER OXT  O  N N 296 
SER H    H  N N 297 
SER H2   H  N N 298 
SER HA   H  N N 299 
SER HB2  H  N N 300 
SER HB3  H  N N 301 
SER HG   H  N N 302 
SER HXT  H  N N 303 
TEW O1   O  N N 304 
TEW O2   O  N N 305 
TEW O3   O  N N 306 
TEW O4   O  N N 307 
TEW O5   O  N N 308 
TEW O6   O  N N 309 
TEW O7   O  N N 310 
TEW O8   O  N N 311 
TEW O9   O  N N 312 
TEW O10  O  N N 313 
TEW O11  O  N N 314 
TEW O12  O  N N 315 
TEW O13  O  N N 316 
TEW O14  O  N N 317 
TEW O15  O  N N 318 
TEW O16  O  N N 319 
TEW O17  O  N N 320 
TEW O18  O  N N 321 
TEW O19  O  N N 322 
TEW O20  O  N N 323 
TEW O21  O  N N 324 
TEW O22  O  N N 325 
TEW O23  O  N N 326 
TEW O31  O  N N 327 
TEW TE1  TE N N 328 
TEW W1   W  N N 329 
TEW W2   W  N N 330 
TEW W3   W  N N 331 
TEW W4   W  N N 332 
TEW W5   W  N N 333 
TEW W6   W  N N 334 
THR N    N  N N 335 
THR CA   C  N S 336 
THR C    C  N N 337 
THR O    O  N N 338 
THR CB   C  N R 339 
THR OG1  O  N N 340 
THR CG2  C  N N 341 
THR OXT  O  N N 342 
THR H    H  N N 343 
THR H2   H  N N 344 
THR HA   H  N N 345 
THR HB   H  N N 346 
THR HG1  H  N N 347 
THR HG21 H  N N 348 
THR HG22 H  N N 349 
THR HG23 H  N N 350 
THR HXT  H  N N 351 
TRP N    N  N N 352 
TRP CA   C  N S 353 
TRP C    C  N N 354 
TRP O    O  N N 355 
TRP CB   C  N N 356 
TRP CG   C  Y N 357 
TRP CD1  C  Y N 358 
TRP CD2  C  Y N 359 
TRP NE1  N  Y N 360 
TRP CE2  C  Y N 361 
TRP CE3  C  Y N 362 
TRP CZ2  C  Y N 363 
TRP CZ3  C  Y N 364 
TRP CH2  C  Y N 365 
TRP OXT  O  N N 366 
TRP H    H  N N 367 
TRP H2   H  N N 368 
TRP HA   H  N N 369 
TRP HB2  H  N N 370 
TRP HB3  H  N N 371 
TRP HD1  H  N N 372 
TRP HE1  H  N N 373 
TRP HE3  H  N N 374 
TRP HZ2  H  N N 375 
TRP HZ3  H  N N 376 
TRP HH2  H  N N 377 
TRP HXT  H  N N 378 
TYR N    N  N N 379 
TYR CA   C  N S 380 
TYR C    C  N N 381 
TYR O    O  N N 382 
TYR CB   C  N N 383 
TYR CG   C  Y N 384 
TYR CD1  C  Y N 385 
TYR CD2  C  Y N 386 
TYR CE1  C  Y N 387 
TYR CE2  C  Y N 388 
TYR CZ   C  Y N 389 
TYR OH   O  N N 390 
TYR OXT  O  N N 391 
TYR H    H  N N 392 
TYR H2   H  N N 393 
TYR HA   H  N N 394 
TYR HB2  H  N N 395 
TYR HB3  H  N N 396 
TYR HD1  H  N N 397 
TYR HD2  H  N N 398 
TYR HE1  H  N N 399 
TYR HE2  H  N N 400 
TYR HH   H  N N 401 
TYR HXT  H  N N 402 
VAL N    N  N N 403 
VAL CA   C  N S 404 
VAL C    C  N N 405 
VAL O    O  N N 406 
VAL CB   C  N N 407 
VAL CG1  C  N N 408 
VAL CG2  C  N N 409 
VAL OXT  O  N N 410 
VAL H    H  N N 411 
VAL H2   H  N N 412 
VAL HA   H  N N 413 
VAL HB   H  N N 414 
VAL HG11 H  N N 415 
VAL HG12 H  N N 416 
VAL HG13 H  N N 417 
VAL HG21 H  N N 418 
VAL HG22 H  N N 419 
VAL HG23 H  N N 420 
VAL HXT  H  N N 421 
# 
loop_
_chem_comp_bond.comp_id 
_chem_comp_bond.atom_id_1 
_chem_comp_bond.atom_id_2 
_chem_comp_bond.value_order 
_chem_comp_bond.pdbx_aromatic_flag 
_chem_comp_bond.pdbx_stereo_config 
_chem_comp_bond.pdbx_ordinal 
ALA N   CA   sing N N 1   
ALA N   H    sing N N 2   
ALA N   H2   sing N N 3   
ALA CA  C    sing N N 4   
ALA CA  CB   sing N N 5   
ALA CA  HA   sing N N 6   
ALA C   O    doub N N 7   
ALA C   OXT  sing N N 8   
ALA CB  HB1  sing N N 9   
ALA CB  HB2  sing N N 10  
ALA CB  HB3  sing N N 11  
ALA OXT HXT  sing N N 12  
ARG N   CA   sing N N 13  
ARG N   H    sing N N 14  
ARG N   H2   sing N N 15  
ARG CA  C    sing N N 16  
ARG CA  CB   sing N N 17  
ARG CA  HA   sing N N 18  
ARG C   O    doub N N 19  
ARG C   OXT  sing N N 20  
ARG CB  CG   sing N N 21  
ARG CB  HB2  sing N N 22  
ARG CB  HB3  sing N N 23  
ARG CG  CD   sing N N 24  
ARG CG  HG2  sing N N 25  
ARG CG  HG3  sing N N 26  
ARG CD  NE   sing N N 27  
ARG CD  HD2  sing N N 28  
ARG CD  HD3  sing N N 29  
ARG NE  CZ   sing N N 30  
ARG NE  HE   sing N N 31  
ARG CZ  NH1  sing N N 32  
ARG CZ  NH2  doub N N 33  
ARG NH1 HH11 sing N N 34  
ARG NH1 HH12 sing N N 35  
ARG NH2 HH21 sing N N 36  
ARG NH2 HH22 sing N N 37  
ARG OXT HXT  sing N N 38  
ASN N   CA   sing N N 39  
ASN N   H    sing N N 40  
ASN N   H2   sing N N 41  
ASN CA  C    sing N N 42  
ASN CA  CB   sing N N 43  
ASN CA  HA   sing N N 44  
ASN C   O    doub N N 45  
ASN C   OXT  sing N N 46  
ASN CB  CG   sing N N 47  
ASN CB  HB2  sing N N 48  
ASN CB  HB3  sing N N 49  
ASN CG  OD1  doub N N 50  
ASN CG  ND2  sing N N 51  
ASN ND2 HD21 sing N N 52  
ASN ND2 HD22 sing N N 53  
ASN OXT HXT  sing N N 54  
ASP N   CA   sing N N 55  
ASP N   H    sing N N 56  
ASP N   H2   sing N N 57  
ASP CA  C    sing N N 58  
ASP CA  CB   sing N N 59  
ASP CA  HA   sing N N 60  
ASP C   O    doub N N 61  
ASP C   OXT  sing N N 62  
ASP CB  CG   sing N N 63  
ASP CB  HB2  sing N N 64  
ASP CB  HB3  sing N N 65  
ASP CG  OD1  doub N N 66  
ASP CG  OD2  sing N N 67  
ASP OD2 HD2  sing N N 68  
ASP OXT HXT  sing N N 69  
CYS N   CA   sing N N 70  
CYS N   H    sing N N 71  
CYS N   H2   sing N N 72  
CYS CA  C    sing N N 73  
CYS CA  CB   sing N N 74  
CYS CA  HA   sing N N 75  
CYS C   O    doub N N 76  
CYS C   OXT  sing N N 77  
CYS CB  SG   sing N N 78  
CYS CB  HB2  sing N N 79  
CYS CB  HB3  sing N N 80  
CYS SG  HG   sing N N 81  
CYS OXT HXT  sing N N 82  
GLN N   CA   sing N N 83  
GLN N   H    sing N N 84  
GLN N   H2   sing N N 85  
GLN CA  C    sing N N 86  
GLN CA  CB   sing N N 87  
GLN CA  HA   sing N N 88  
GLN C   O    doub N N 89  
GLN C   OXT  sing N N 90  
GLN CB  CG   sing N N 91  
GLN CB  HB2  sing N N 92  
GLN CB  HB3  sing N N 93  
GLN CG  CD   sing N N 94  
GLN CG  HG2  sing N N 95  
GLN CG  HG3  sing N N 96  
GLN CD  OE1  doub N N 97  
GLN CD  NE2  sing N N 98  
GLN NE2 HE21 sing N N 99  
GLN NE2 HE22 sing N N 100 
GLN OXT HXT  sing N N 101 
GLU N   CA   sing N N 102 
GLU N   H    sing N N 103 
GLU N   H2   sing N N 104 
GLU CA  C    sing N N 105 
GLU CA  CB   sing N N 106 
GLU CA  HA   sing N N 107 
GLU C   O    doub N N 108 
GLU C   OXT  sing N N 109 
GLU CB  CG   sing N N 110 
GLU CB  HB2  sing N N 111 
GLU CB  HB3  sing N N 112 
GLU CG  CD   sing N N 113 
GLU CG  HG2  sing N N 114 
GLU CG  HG3  sing N N 115 
GLU CD  OE1  doub N N 116 
GLU CD  OE2  sing N N 117 
GLU OE2 HE2  sing N N 118 
GLU OXT HXT  sing N N 119 
GLY N   CA   sing N N 120 
GLY N   H    sing N N 121 
GLY N   H2   sing N N 122 
GLY CA  C    sing N N 123 
GLY CA  HA2  sing N N 124 
GLY CA  HA3  sing N N 125 
GLY C   O    doub N N 126 
GLY C   OXT  sing N N 127 
GLY OXT HXT  sing N N 128 
HIS N   CA   sing N N 129 
HIS N   H    sing N N 130 
HIS N   H2   sing N N 131 
HIS CA  C    sing N N 132 
HIS CA  CB   sing N N 133 
HIS CA  HA   sing N N 134 
HIS C   O    doub N N 135 
HIS C   OXT  sing N N 136 
HIS CB  CG   sing N N 137 
HIS CB  HB2  sing N N 138 
HIS CB  HB3  sing N N 139 
HIS CG  ND1  sing Y N 140 
HIS CG  CD2  doub Y N 141 
HIS ND1 CE1  doub Y N 142 
HIS ND1 HD1  sing N N 143 
HIS CD2 NE2  sing Y N 144 
HIS CD2 HD2  sing N N 145 
HIS CE1 NE2  sing Y N 146 
HIS CE1 HE1  sing N N 147 
HIS NE2 HE2  sing N N 148 
HIS OXT HXT  sing N N 149 
HOH O   H1   sing N N 150 
HOH O   H2   sing N N 151 
ILE N   CA   sing N N 152 
ILE N   H    sing N N 153 
ILE N   H2   sing N N 154 
ILE CA  C    sing N N 155 
ILE CA  CB   sing N N 156 
ILE CA  HA   sing N N 157 
ILE C   O    doub N N 158 
ILE C   OXT  sing N N 159 
ILE CB  CG1  sing N N 160 
ILE CB  CG2  sing N N 161 
ILE CB  HB   sing N N 162 
ILE CG1 CD1  sing N N 163 
ILE CG1 HG12 sing N N 164 
ILE CG1 HG13 sing N N 165 
ILE CG2 HG21 sing N N 166 
ILE CG2 HG22 sing N N 167 
ILE CG2 HG23 sing N N 168 
ILE CD1 HD11 sing N N 169 
ILE CD1 HD12 sing N N 170 
ILE CD1 HD13 sing N N 171 
ILE OXT HXT  sing N N 172 
LEU N   CA   sing N N 173 
LEU N   H    sing N N 174 
LEU N   H2   sing N N 175 
LEU CA  C    sing N N 176 
LEU CA  CB   sing N N 177 
LEU CA  HA   sing N N 178 
LEU C   O    doub N N 179 
LEU C   OXT  sing N N 180 
LEU CB  CG   sing N N 181 
LEU CB  HB2  sing N N 182 
LEU CB  HB3  sing N N 183 
LEU CG  CD1  sing N N 184 
LEU CG  CD2  sing N N 185 
LEU CG  HG   sing N N 186 
LEU CD1 HD11 sing N N 187 
LEU CD1 HD12 sing N N 188 
LEU CD1 HD13 sing N N 189 
LEU CD2 HD21 sing N N 190 
LEU CD2 HD22 sing N N 191 
LEU CD2 HD23 sing N N 192 
LEU OXT HXT  sing N N 193 
LYS N   CA   sing N N 194 
LYS N   H    sing N N 195 
LYS N   H2   sing N N 196 
LYS CA  C    sing N N 197 
LYS CA  CB   sing N N 198 
LYS CA  HA   sing N N 199 
LYS C   O    doub N N 200 
LYS C   OXT  sing N N 201 
LYS CB  CG   sing N N 202 
LYS CB  HB2  sing N N 203 
LYS CB  HB3  sing N N 204 
LYS CG  CD   sing N N 205 
LYS CG  HG2  sing N N 206 
LYS CG  HG3  sing N N 207 
LYS CD  CE   sing N N 208 
LYS CD  HD2  sing N N 209 
LYS CD  HD3  sing N N 210 
LYS CE  NZ   sing N N 211 
LYS CE  HE2  sing N N 212 
LYS CE  HE3  sing N N 213 
LYS NZ  HZ1  sing N N 214 
LYS NZ  HZ2  sing N N 215 
LYS NZ  HZ3  sing N N 216 
LYS OXT HXT  sing N N 217 
MET N   CA   sing N N 218 
MET N   H    sing N N 219 
MET N   H2   sing N N 220 
MET CA  C    sing N N 221 
MET CA  CB   sing N N 222 
MET CA  HA   sing N N 223 
MET C   O    doub N N 224 
MET C   OXT  sing N N 225 
MET CB  CG   sing N N 226 
MET CB  HB2  sing N N 227 
MET CB  HB3  sing N N 228 
MET CG  SD   sing N N 229 
MET CG  HG2  sing N N 230 
MET CG  HG3  sing N N 231 
MET SD  CE   sing N N 232 
MET CE  HE1  sing N N 233 
MET CE  HE2  sing N N 234 
MET CE  HE3  sing N N 235 
MET OXT HXT  sing N N 236 
PHE N   CA   sing N N 237 
PHE N   H    sing N N 238 
PHE N   H2   sing N N 239 
PHE CA  C    sing N N 240 
PHE CA  CB   sing N N 241 
PHE CA  HA   sing N N 242 
PHE C   O    doub N N 243 
PHE C   OXT  sing N N 244 
PHE CB  CG   sing N N 245 
PHE CB  HB2  sing N N 246 
PHE CB  HB3  sing N N 247 
PHE CG  CD1  doub Y N 248 
PHE CG  CD2  sing Y N 249 
PHE CD1 CE1  sing Y N 250 
PHE CD1 HD1  sing N N 251 
PHE CD2 CE2  doub Y N 252 
PHE CD2 HD2  sing N N 253 
PHE CE1 CZ   doub Y N 254 
PHE CE1 HE1  sing N N 255 
PHE CE2 CZ   sing Y N 256 
PHE CE2 HE2  sing N N 257 
PHE CZ  HZ   sing N N 258 
PHE OXT HXT  sing N N 259 
PRO N   CA   sing N N 260 
PRO N   CD   sing N N 261 
PRO N   H    sing N N 262 
PRO CA  C    sing N N 263 
PRO CA  CB   sing N N 264 
PRO CA  HA   sing N N 265 
PRO C   O    doub N N 266 
PRO C   OXT  sing N N 267 
PRO CB  CG   sing N N 268 
PRO CB  HB2  sing N N 269 
PRO CB  HB3  sing N N 270 
PRO CG  CD   sing N N 271 
PRO CG  HG2  sing N N 272 
PRO CG  HG3  sing N N 273 
PRO CD  HD2  sing N N 274 
PRO CD  HD3  sing N N 275 
PRO OXT HXT  sing N N 276 
SER N   CA   sing N N 277 
SER N   H    sing N N 278 
SER N   H2   sing N N 279 
SER CA  C    sing N N 280 
SER CA  CB   sing N N 281 
SER CA  HA   sing N N 282 
SER C   O    doub N N 283 
SER C   OXT  sing N N 284 
SER CB  OG   sing N N 285 
SER CB  HB2  sing N N 286 
SER CB  HB3  sing N N 287 
SER OG  HG   sing N N 288 
SER OXT HXT  sing N N 289 
TEW O1  TE1  sing N N 290 
TEW O1  W1   sing N N 291 
TEW O1  W2   sing N N 292 
TEW O2  TE1  sing N N 293 
TEW O2  W1   sing N N 294 
TEW O2  W3   sing N N 295 
TEW O3  W1   sing N N 296 
TEW O3  W2   sing N N 297 
TEW O4  W1   sing N N 298 
TEW O4  W3   sing N N 299 
TEW O5  W1   sing N N 300 
TEW O6  W1   doub N N 301 
TEW O7  TE1  sing N N 302 
TEW O7  W2   sing N N 303 
TEW O7  W4   sing N N 304 
TEW O8  W2   doub N N 305 
TEW O9  W2   sing N N 306 
TEW O10 W2   sing N N 307 
TEW O10 W4   sing N N 308 
TEW O11 TE1  sing N N 309 
TEW O11 W5   sing N N 310 
TEW O11 W6   sing N N 311 
TEW O12 TE1  sing N N 312 
TEW O12 W4   sing N N 313 
TEW O12 W5   sing N N 314 
TEW O13 TE1  sing N N 315 
TEW O13 W3   sing N N 316 
TEW O13 W6   sing N N 317 
TEW O14 W3   sing N N 318 
TEW O14 W6   sing N N 319 
TEW O15 W3   doub N N 320 
TEW O16 W3   sing N N 321 
TEW O17 W4   sing N N 322 
TEW O17 W5   sing N N 323 
TEW O18 W4   doub N N 324 
TEW O19 W4   sing N N 325 
TEW O20 W5   sing N N 326 
TEW O20 W6   sing N N 327 
TEW O21 W5   doub N N 328 
TEW O22 W5   sing N N 329 
TEW O23 W6   doub N N 330 
TEW O31 W6   sing N N 331 
THR N   CA   sing N N 332 
THR N   H    sing N N 333 
THR N   H2   sing N N 334 
THR CA  C    sing N N 335 
THR CA  CB   sing N N 336 
THR CA  HA   sing N N 337 
THR C   O    doub N N 338 
THR C   OXT  sing N N 339 
THR CB  OG1  sing N N 340 
THR CB  CG2  sing N N 341 
THR CB  HB   sing N N 342 
THR OG1 HG1  sing N N 343 
THR CG2 HG21 sing N N 344 
THR CG2 HG22 sing N N 345 
THR CG2 HG23 sing N N 346 
THR OXT HXT  sing N N 347 
TRP N   CA   sing N N 348 
TRP N   H    sing N N 349 
TRP N   H2   sing N N 350 
TRP CA  C    sing N N 351 
TRP CA  CB   sing N N 352 
TRP CA  HA   sing N N 353 
TRP C   O    doub N N 354 
TRP C   OXT  sing N N 355 
TRP CB  CG   sing N N 356 
TRP CB  HB2  sing N N 357 
TRP CB  HB3  sing N N 358 
TRP CG  CD1  doub Y N 359 
TRP CG  CD2  sing Y N 360 
TRP CD1 NE1  sing Y N 361 
TRP CD1 HD1  sing N N 362 
TRP CD2 CE2  doub Y N 363 
TRP CD2 CE3  sing Y N 364 
TRP NE1 CE2  sing Y N 365 
TRP NE1 HE1  sing N N 366 
TRP CE2 CZ2  sing Y N 367 
TRP CE3 CZ3  doub Y N 368 
TRP CE3 HE3  sing N N 369 
TRP CZ2 CH2  doub Y N 370 
TRP CZ2 HZ2  sing N N 371 
TRP CZ3 CH2  sing Y N 372 
TRP CZ3 HZ3  sing N N 373 
TRP CH2 HH2  sing N N 374 
TRP OXT HXT  sing N N 375 
TYR N   CA   sing N N 376 
TYR N   H    sing N N 377 
TYR N   H2   sing N N 378 
TYR CA  C    sing N N 379 
TYR CA  CB   sing N N 380 
TYR CA  HA   sing N N 381 
TYR C   O    doub N N 382 
TYR C   OXT  sing N N 383 
TYR CB  CG   sing N N 384 
TYR CB  HB2  sing N N 385 
TYR CB  HB3  sing N N 386 
TYR CG  CD1  doub Y N 387 
TYR CG  CD2  sing Y N 388 
TYR CD1 CE1  sing Y N 389 
TYR CD1 HD1  sing N N 390 
TYR CD2 CE2  doub Y N 391 
TYR CD2 HD2  sing N N 392 
TYR CE1 CZ   doub Y N 393 
TYR CE1 HE1  sing N N 394 
TYR CE2 CZ   sing Y N 395 
TYR CE2 HE2  sing N N 396 
TYR CZ  OH   sing N N 397 
TYR OH  HH   sing N N 398 
TYR OXT HXT  sing N N 399 
VAL N   CA   sing N N 400 
VAL N   H    sing N N 401 
VAL N   H2   sing N N 402 
VAL CA  C    sing N N 403 
VAL CA  CB   sing N N 404 
VAL CA  HA   sing N N 405 
VAL C   O    doub N N 406 
VAL C   OXT  sing N N 407 
VAL CB  CG1  sing N N 408 
VAL CB  CG2  sing N N 409 
VAL CB  HB   sing N N 410 
VAL CG1 HG11 sing N N 411 
VAL CG1 HG12 sing N N 412 
VAL CG1 HG13 sing N N 413 
VAL CG2 HG21 sing N N 414 
VAL CG2 HG22 sing N N 415 
VAL CG2 HG23 sing N N 416 
VAL OXT HXT  sing N N 417 
# 
_pdbx_audit_support.funding_organization   
'National Institutes of Health/National Institute of General Medical Sciences (NIH/NIGMS)' 
_pdbx_audit_support.country                'United States' 
_pdbx_audit_support.grant_number           P20GM103640 
_pdbx_audit_support.ordinal                1 
# 
loop_
_pdbx_entity_nonpoly.entity_id 
_pdbx_entity_nonpoly.name 
_pdbx_entity_nonpoly.comp_id 
2 '6-tungstotellurate(VI)' TEW 
3 water                    HOH 
# 
_pdbx_initial_refinement_model.id               1 
_pdbx_initial_refinement_model.entity_id_list   ? 
_pdbx_initial_refinement_model.type             'experimental model' 
_pdbx_initial_refinement_model.source_name      PDB 
_pdbx_initial_refinement_model.accession_code   2A6Q 
_pdbx_initial_refinement_model.details          ? 
# 
_pdbx_struct_assembly_auth_evidence.id                     1 
_pdbx_struct_assembly_auth_evidence.assembly_id            1 
_pdbx_struct_assembly_auth_evidence.experimental_support   'gel filtration' 
_pdbx_struct_assembly_auth_evidence.details                'Verified by MALS' 
# 
